data_5YLN
#
_entry.id   5YLN
#
_cell.length_a   88.177
_cell.length_b   123.245
_cell.length_c   130.356
_cell.angle_alpha   90.00
_cell.angle_beta   90.00
_cell.angle_gamma   90.00
#
_symmetry.space_group_name_H-M   'P 21 21 21'
#
loop_
_entity.id
_entity.type
_entity.pdbx_description
1 polymer 'Alcohol dehydrogenase, zinc-containing'
2 non-polymer 'ZINC ION'
3 non-polymer 2-AMINO-2-HYDROXYMETHYL-PROPANE-1,3-DIOL
4 water water
#
_entity_poly.entity_id   1
_entity_poly.type   'polypeptide(L)'
_entity_poly.pdbx_seq_one_letter_code
;AMGSMKAYTYVKPGLASFVDVDKPVIRKPTDAIVRIVKTTICGTDLHIIKGDVPTCQSGTILGHEGIGIVEEVGEGVSNF
KKGDKVLISCVCACGKCYYCKKGIYAHCEDEGGWIFGHLIDGMQAEYLRVPHADNTLYHTPEDLSDEALVMLSDILPTGY
EIGVLKGKVEPGCSVAIIGSGPVGLAALLTAQFYSPAKLIMVDLDDNRLETALSFGATHKVNSSDPEKAIKEIYDLTDGR
GVDVAIEAVGIPATFDFCQKIIGVDGTVANCGVHGKPVEFDLDKLWIRNINVTTGLVSTNTTPQLLKALESHKIEPEKLV
THYFKLSEIEKAYEVFSKAADHHAIKVIIENDISEA
;
_entity_poly.pdbx_strand_id   A,B,C,D
#
# COMPACT_ATOMS: atom_id res chain seq x y z
N ALA A 1 4.86 40.90 -38.39
CA ALA A 1 3.50 40.98 -38.92
C ALA A 1 2.50 41.18 -37.80
N MET A 2 1.22 40.98 -38.12
CA MET A 2 0.13 41.21 -37.18
C MET A 2 -0.57 39.89 -36.86
N GLY A 3 -0.84 39.68 -35.58
CA GLY A 3 -1.31 38.38 -35.15
C GLY A 3 -0.24 37.31 -35.16
N SER A 4 1.02 37.70 -35.30
CA SER A 4 2.12 36.74 -35.29
C SER A 4 2.89 36.81 -33.98
N MET A 5 3.67 35.75 -33.73
CA MET A 5 4.57 35.67 -32.59
C MET A 5 5.86 34.99 -33.02
N LYS A 6 6.88 35.10 -32.18
CA LYS A 6 8.12 34.35 -32.35
C LYS A 6 8.00 33.00 -31.67
N ALA A 7 8.68 32.01 -32.24
CA ALA A 7 8.66 30.62 -31.77
C ALA A 7 9.89 29.87 -32.28
N TYR A 8 10.30 28.85 -31.53
CA TYR A 8 11.39 27.95 -31.92
C TYR A 8 10.79 26.65 -32.43
N THR A 9 10.93 26.42 -33.73
CA THR A 9 10.27 25.34 -34.44
C THR A 9 11.27 24.27 -34.86
N TYR A 10 10.88 23.01 -34.71
CA TYR A 10 11.57 21.90 -35.36
C TYR A 10 11.28 21.93 -36.86
N VAL A 11 12.32 21.75 -37.68
CA VAL A 11 12.19 21.75 -39.14
C VAL A 11 12.41 20.35 -39.74
N LYS A 12 13.58 19.79 -39.51
CA LYS A 12 13.99 18.51 -40.09
C LYS A 12 15.21 18.04 -39.30
N PRO A 13 15.64 16.79 -39.49
CA PRO A 13 16.72 16.28 -38.61
C PRO A 13 17.95 17.17 -38.71
N GLY A 14 18.30 17.79 -37.60
CA GLY A 14 19.45 18.67 -37.53
C GLY A 14 19.18 20.15 -37.66
N LEU A 15 17.91 20.58 -37.73
CA LEU A 15 17.58 21.98 -37.96
C LEU A 15 16.37 22.39 -37.15
N ALA A 16 16.54 23.37 -36.28
CA ALA A 16 15.45 24.11 -35.68
C ALA A 16 15.69 25.59 -35.92
N SER A 17 14.61 26.38 -35.92
CA SER A 17 14.69 27.76 -36.38
C SER A 17 13.76 28.65 -35.58
N PHE A 18 14.30 29.79 -35.12
CA PHE A 18 13.53 30.85 -34.47
C PHE A 18 12.82 31.69 -35.55
N VAL A 19 11.49 31.57 -35.64
CA VAL A 19 10.74 32.09 -36.78
C VAL A 19 9.45 32.74 -36.31
N ASP A 20 8.79 33.46 -37.23
CA ASP A 20 7.44 33.99 -37.02
C ASP A 20 6.40 32.93 -37.36
N VAL A 21 5.44 32.73 -36.44
CA VAL A 21 4.29 31.87 -36.65
C VAL A 21 3.02 32.63 -36.21
N ASP A 22 1.87 32.06 -36.53
CA ASP A 22 0.60 32.58 -36.03
C ASP A 22 0.54 32.50 -34.51
N LYS A 23 -0.06 33.49 -33.91
CA LYS A 23 -0.39 33.43 -32.48
C LYS A 23 -1.53 32.43 -32.30
N PRO A 24 -1.46 31.53 -31.31
CA PRO A 24 -2.54 30.55 -31.16
C PRO A 24 -3.83 31.22 -30.70
N VAL A 25 -4.95 30.56 -30.99
CA VAL A 25 -6.25 31.02 -30.55
C VAL A 25 -7.00 29.87 -29.89
N ILE A 26 -8.10 30.23 -29.22
CA ILE A 26 -8.94 29.25 -28.56
C ILE A 26 -9.59 28.36 -29.61
N ARG A 27 -9.35 27.06 -29.51
CA ARG A 27 -9.95 26.11 -30.44
C ARG A 27 -11.08 25.32 -29.83
N LYS A 28 -11.11 25.16 -28.50
CA LYS A 28 -12.10 24.38 -27.79
C LYS A 28 -12.50 25.13 -26.51
N PRO A 29 -13.73 24.90 -26.01
CA PRO A 29 -14.19 25.64 -24.82
C PRO A 29 -13.38 25.35 -23.56
N THR A 30 -12.69 24.22 -23.50
CA THR A 30 -11.82 23.89 -22.38
C THR A 30 -10.41 24.47 -22.57
N ALA A 32 -7.52 27.22 -22.73
CA ALA A 32 -6.90 28.56 -22.58
C ALA A 32 -5.67 28.95 -23.49
N ILE A 33 -5.42 30.26 -23.59
CA ILE A 33 -4.20 30.80 -24.20
C ILE A 33 -3.36 31.43 -23.09
N VAL A 34 -2.10 31.01 -23.01
CA VAL A 34 -1.17 31.46 -21.97
C VAL A 34 -0.04 32.23 -22.62
N ARG A 35 0.33 33.36 -22.02
CA ARG A 35 1.53 34.10 -22.40
C ARG A 35 2.71 33.55 -21.63
N ILE A 36 3.70 32.99 -22.34
CA ILE A 36 4.85 32.41 -21.66
C ILE A 36 5.67 33.52 -21.02
N VAL A 37 5.99 33.36 -19.74
CA VAL A 37 6.91 34.25 -19.02
C VAL A 37 8.32 33.69 -19.01
N LYS A 38 8.48 32.40 -18.65
CA LYS A 38 9.78 31.77 -18.59
C LYS A 38 9.66 30.31 -18.98
N THR A 39 10.70 29.79 -19.63
CA THR A 39 10.70 28.41 -20.10
C THR A 39 12.11 27.85 -19.94
N THR A 40 12.29 26.61 -20.39
CA THR A 40 13.59 25.95 -20.36
C THR A 40 13.67 24.94 -21.53
N ILE A 41 14.79 24.21 -21.60
CA ILE A 41 15.02 23.15 -22.57
C ILE A 41 15.17 21.84 -21.83
N CYS A 42 14.61 20.78 -22.40
CA CYS A 42 14.73 19.42 -21.91
C CYS A 42 15.64 18.63 -22.84
N GLY A 43 16.30 17.60 -22.29
CA GLY A 43 17.09 16.74 -23.15
C GLY A 43 16.31 16.19 -24.33
N THR A 44 15.02 15.88 -24.12
CA THR A 44 14.17 15.38 -25.20
C THR A 44 14.09 16.36 -26.37
N ASP A 45 14.16 17.67 -26.09
CA ASP A 45 14.16 18.65 -27.18
C ASP A 45 15.39 18.49 -28.06
N LEU A 46 16.56 18.26 -27.45
CA LEU A 46 17.77 17.97 -28.22
C LEU A 46 17.57 16.75 -29.11
N HIS A 47 16.97 15.70 -28.54
CA HIS A 47 16.68 14.48 -29.31
C HIS A 47 15.75 14.77 -30.48
N ILE A 48 14.71 15.59 -30.27
CA ILE A 48 13.80 15.92 -31.36
C ILE A 48 14.56 16.57 -32.51
N ILE A 49 15.40 17.54 -32.20
CA ILE A 49 16.13 18.29 -33.23
C ILE A 49 17.06 17.36 -34.00
N LYS A 50 17.68 16.40 -33.29
CA LYS A 50 18.54 15.41 -33.93
C LYS A 50 17.78 14.49 -34.88
N GLY A 51 16.47 14.33 -34.68
CA GLY A 51 15.68 13.41 -35.48
C GLY A 51 15.36 12.10 -34.80
N ASP A 52 15.58 11.98 -33.50
CA ASP A 52 15.31 10.73 -32.79
C ASP A 52 13.90 10.68 -32.19
N VAL A 53 13.09 11.72 -32.39
CA VAL A 53 11.67 11.66 -32.05
C VAL A 53 10.89 11.96 -33.32
N PRO A 54 10.80 11.00 -34.25
CA PRO A 54 10.23 11.33 -35.57
C PRO A 54 8.72 11.45 -35.58
N THR A 55 8.04 11.18 -34.47
CA THR A 55 6.64 11.56 -34.39
C THR A 55 6.45 13.06 -34.23
N CYS A 56 7.50 13.85 -34.13
CA CYS A 56 7.36 15.30 -34.05
C CYS A 56 7.30 15.86 -35.46
N GLN A 57 6.14 16.36 -35.85
CA GLN A 57 5.95 16.87 -37.20
C GLN A 57 6.80 18.12 -37.45
N SER A 58 7.29 18.26 -38.68
CA SER A 58 7.99 19.47 -39.11
C SER A 58 7.15 20.73 -38.89
N GLY A 59 7.79 21.77 -38.39
CA GLY A 59 7.11 23.01 -38.07
C GLY A 59 6.57 23.11 -36.65
N THR A 60 6.67 22.04 -35.86
CA THR A 60 6.12 22.07 -34.51
C THR A 60 6.92 23.00 -33.62
N ILE A 61 6.22 23.74 -32.77
CA ILE A 61 6.94 24.54 -31.79
C ILE A 61 7.44 23.64 -30.68
N LEU A 62 8.71 23.82 -30.31
CA LEU A 62 9.40 22.94 -29.37
C LEU A 62 9.12 23.34 -27.92
N GLY A 63 9.45 22.43 -27.02
CA GLY A 63 9.41 22.75 -25.60
C GLY A 63 8.14 22.32 -24.90
N HIS A 64 8.29 21.81 -23.69
CA HIS A 64 7.13 21.43 -22.91
C HIS A 64 7.31 21.78 -21.43
N GLU A 65 8.00 22.87 -21.11
CA GLU A 65 8.19 23.33 -19.74
C GLU A 65 7.98 24.83 -19.69
N GLY A 66 7.28 25.31 -18.65
CA GLY A 66 7.15 26.76 -18.51
C GLY A 66 6.15 27.26 -17.48
N ILE A 67 6.27 28.56 -17.14
CA ILE A 67 5.28 29.33 -16.40
C ILE A 67 4.85 30.49 -17.29
N GLY A 68 3.66 31.01 -17.01
CA GLY A 68 3.17 32.15 -17.75
C GLY A 68 1.96 32.80 -17.10
N ILE A 69 1.28 33.60 -17.90
CA ILE A 69 0.13 34.39 -17.45
C ILE A 69 -1.03 34.15 -18.41
N VAL A 70 -2.18 33.74 -17.86
CA VAL A 70 -3.37 33.49 -18.67
C VAL A 70 -3.77 34.76 -19.40
N GLU A 71 -3.94 34.65 -20.72
CA GLU A 71 -4.41 35.74 -21.57
C GLU A 71 -5.89 35.61 -21.92
N GLU A 72 -6.38 34.39 -22.06
CA GLU A 72 -7.74 34.13 -22.51
C GLU A 72 -8.09 32.70 -22.12
N VAL A 73 -9.36 32.48 -21.82
CA VAL A 73 -9.88 31.16 -21.51
C VAL A 73 -11.13 30.94 -22.35
N GLY A 74 -11.47 29.67 -22.57
CA GLY A 74 -12.69 29.32 -23.23
C GLY A 74 -13.88 29.33 -22.29
N GLU A 75 -15.08 29.20 -22.88
CA GLU A 75 -16.32 29.22 -22.11
C GLU A 75 -16.39 28.14 -21.06
N GLY A 76 -15.68 27.02 -21.26
CA GLY A 76 -15.72 25.90 -20.34
C GLY A 76 -14.63 25.89 -19.29
N VAL A 77 -13.87 26.98 -19.13
CA VAL A 77 -12.80 27.04 -18.14
C VAL A 77 -13.32 27.78 -16.92
N SER A 78 -13.21 27.16 -15.75
CA SER A 78 -13.89 27.73 -14.59
C SER A 78 -12.96 28.19 -13.50
N ASN A 79 -11.78 27.57 -13.36
CA ASN A 79 -10.91 27.85 -12.23
C ASN A 79 -9.72 28.73 -12.60
N PHE A 80 -9.68 29.24 -13.84
CA PHE A 80 -8.63 30.18 -14.24
C PHE A 80 -9.25 31.30 -15.05
N LYS A 81 -8.64 32.48 -14.99
CA LYS A 81 -9.11 33.64 -15.73
C LYS A 81 -7.91 34.44 -16.21
N LYS A 82 -8.20 35.48 -17.00
CA LYS A 82 -7.17 36.36 -17.53
C LYS A 82 -6.41 37.05 -16.41
N GLY A 83 -5.09 36.93 -16.44
CA GLY A 83 -4.23 37.56 -15.46
C GLY A 83 -3.66 36.62 -14.45
N ASP A 84 -4.22 35.42 -14.35
CA ASP A 84 -3.71 34.41 -13.43
C ASP A 84 -2.28 34.02 -13.79
N LYS A 85 -1.37 34.15 -12.82
CA LYS A 85 -0.01 33.64 -12.95
C LYS A 85 -0.03 32.15 -12.65
N VAL A 86 0.39 31.32 -13.61
CA VAL A 86 0.20 29.88 -13.46
C VAL A 86 1.37 29.08 -14.01
N LEU A 87 1.54 27.88 -13.46
CA LEU A 87 2.45 26.87 -13.97
C LEU A 87 1.73 25.96 -14.97
N ILE A 88 2.45 25.58 -16.03
CA ILE A 88 1.92 24.69 -17.04
C ILE A 88 2.67 23.38 -16.96
N SER A 89 1.94 22.30 -16.70
CA SER A 89 2.51 20.97 -16.69
C SER A 89 2.88 20.52 -18.10
N CYS A 90 3.90 19.67 -18.21
CA CYS A 90 4.27 19.14 -19.52
C CYS A 90 3.23 18.18 -20.07
N VAL A 91 2.28 17.74 -19.25
CA VAL A 91 1.29 16.73 -19.62
C VAL A 91 -0.10 17.35 -19.57
N CYS A 92 -0.89 17.15 -20.63
CA CYS A 92 -2.28 17.58 -20.66
C CYS A 92 -3.20 16.46 -20.19
N ALA A 93 -4.21 16.82 -19.41
CA ALA A 93 -5.14 15.84 -18.81
C ALA A 93 -6.57 16.32 -19.01
N CYS A 94 -7.40 15.50 -19.66
CA CYS A 94 -8.80 15.87 -19.84
C CYS A 94 -9.60 15.71 -18.55
N GLY A 95 -9.14 14.86 -17.62
CA GLY A 95 -9.75 14.65 -16.32
C GLY A 95 -10.94 13.70 -16.31
N LYS A 96 -11.32 13.13 -17.45
CA LYS A 96 -12.54 12.36 -17.58
C LYS A 96 -12.38 10.99 -18.21
N CYS A 97 -11.25 10.69 -18.86
CA CYS A 97 -11.16 9.45 -19.62
C CYS A 97 -10.72 8.29 -18.73
N TYR A 98 -10.57 7.11 -19.35
CA TYR A 98 -10.21 5.90 -18.62
C TYR A 98 -8.93 6.11 -17.79
N TYR A 99 -7.92 6.76 -18.38
CA TYR A 99 -6.64 6.87 -17.69
C TYR A 99 -6.60 8.07 -16.76
N CYS A 100 -7.26 9.18 -17.12
CA CYS A 100 -7.33 10.32 -16.21
C CYS A 100 -8.06 9.96 -14.91
N LYS A 101 -9.08 9.10 -15.01
CA LYS A 101 -9.75 8.65 -13.80
C LYS A 101 -8.81 7.88 -12.87
N LYS A 102 -7.74 7.30 -13.41
CA LYS A 102 -6.74 6.63 -12.59
C LYS A 102 -5.62 7.55 -12.14
N GLY A 103 -5.62 8.83 -12.53
CA GLY A 103 -4.49 9.69 -12.26
C GLY A 103 -3.29 9.47 -13.17
N ILE A 104 -3.43 8.68 -14.22
CA ILE A 104 -2.34 8.40 -15.17
C ILE A 104 -2.45 9.38 -16.32
N TYR A 105 -2.18 10.67 -16.03
CA TYR A 105 -2.39 11.70 -17.04
C TYR A 105 -1.45 11.52 -18.23
N ALA A 106 -0.33 10.82 -18.04
CA ALA A 106 0.58 10.47 -19.11
C ALA A 106 -0.11 9.72 -20.25
N HIS A 107 -1.27 9.10 -19.99
CA HIS A 107 -1.92 8.33 -21.05
C HIS A 107 -3.36 8.75 -21.25
N CYS A 108 -3.66 10.03 -20.99
CA CYS A 108 -4.99 10.56 -21.30
C CYS A 108 -5.34 10.32 -22.76
N GLU A 109 -6.57 9.88 -23.01
CA GLU A 109 -7.01 9.46 -24.35
C GLU A 109 -7.73 10.54 -25.14
N ASP A 110 -7.82 11.77 -24.63
CA ASP A 110 -8.56 12.85 -25.28
C ASP A 110 -7.66 14.08 -25.30
N GLU A 111 -6.88 14.25 -26.37
CA GLU A 111 -5.86 15.29 -26.51
C GLU A 111 -5.07 15.46 -25.22
N GLY A 112 -4.46 14.36 -24.79
CA GLY A 112 -3.80 14.32 -23.50
C GLY A 112 -2.48 13.57 -23.57
N GLY A 113 -1.81 13.52 -22.42
CA GLY A 113 -0.49 12.96 -22.35
C GLY A 113 0.57 14.01 -22.59
N TRP A 114 1.76 13.54 -22.96
CA TRP A 114 2.84 14.45 -23.33
C TRP A 114 2.66 14.82 -24.79
N ILE A 115 2.14 16.02 -25.04
CA ILE A 115 1.91 16.42 -26.42
C ILE A 115 2.58 17.76 -26.73
N PHE A 116 2.83 18.57 -25.69
CA PHE A 116 3.49 19.87 -25.90
C PHE A 116 4.86 19.65 -26.56
N ILE A 120 1.39 18.56 -30.47
CA ILE A 120 1.06 19.98 -30.60
C ILE A 120 2.19 20.97 -30.24
N ASP A 121 2.00 22.23 -30.69
CA ASP A 121 2.93 23.33 -30.41
C ASP A 121 3.28 23.42 -28.93
N GLY A 122 4.54 23.61 -28.65
CA GLY A 122 5.02 23.67 -27.28
C GLY A 122 5.32 25.08 -26.78
N MET A 123 6.20 25.17 -25.79
CA MET A 123 6.27 26.34 -24.92
C MET A 123 7.40 27.28 -25.24
N GLN A 124 8.27 26.96 -26.20
CA GLN A 124 9.36 27.85 -26.61
C GLN A 124 8.84 28.83 -27.66
N ALA A 125 7.98 29.74 -27.17
CA ALA A 125 7.28 30.72 -27.98
C ALA A 125 6.69 31.76 -27.02
N GLU A 126 6.08 32.80 -27.61
CA GLU A 126 5.51 33.87 -26.80
C GLU A 126 4.21 33.46 -26.14
N TYR A 127 3.33 32.78 -26.88
CA TYR A 127 2.03 32.36 -26.40
C TYR A 127 1.85 30.88 -26.67
N LEU A 128 0.99 30.26 -25.86
CA LEU A 128 0.77 28.82 -25.88
C LEU A 128 -0.72 28.53 -25.79
N ARG A 129 -1.23 27.72 -26.71
CA ARG A 129 -2.56 27.14 -26.50
C ARG A 129 -2.44 25.98 -25.54
N VAL A 130 -3.23 26.01 -24.47
CA VAL A 130 -3.19 24.97 -23.44
C VAL A 130 -4.52 24.21 -23.49
N PRO A 131 -4.54 22.97 -23.98
CA PRO A 131 -5.78 22.17 -23.88
C PRO A 131 -6.06 21.80 -22.43
N HIS A 132 -7.35 21.63 -22.11
CA HIS A 132 -7.81 21.21 -20.78
C HIS A 132 -7.18 22.04 -19.68
N ALA A 133 -7.36 23.36 -19.78
CA ALA A 133 -6.64 24.29 -18.91
C ALA A 133 -6.93 24.02 -17.44
N ASP A 134 -8.19 23.67 -17.10
CA ASP A 134 -8.53 23.44 -15.71
C ASP A 134 -7.71 22.30 -15.10
N ASN A 135 -7.27 21.35 -15.93
CA ASN A 135 -6.50 20.21 -15.42
C ASN A 135 -5.04 20.25 -15.81
N THR A 136 -4.60 21.25 -16.56
CA THR A 136 -3.21 21.34 -17.00
C THR A 136 -2.47 22.49 -16.35
N LEU A 137 -3.16 23.50 -15.84
CA LEU A 137 -2.56 24.66 -15.21
C LEU A 137 -2.64 24.55 -13.69
N TYR A 138 -1.67 25.17 -13.02
CA TYR A 138 -1.65 25.28 -11.56
C TYR A 138 -1.40 26.72 -11.15
N HIS A 139 -2.18 27.20 -10.20
CA HIS A 139 -1.94 28.54 -9.66
C HIS A 139 -0.60 28.57 -8.94
N THR A 140 0.19 29.63 -9.18
CA THR A 140 1.50 29.47 -8.54
C THR A 140 1.53 30.14 -7.17
N PRO A 141 2.15 29.49 -6.17
CA PRO A 141 2.35 30.14 -4.88
C PRO A 141 3.33 31.31 -5.02
N GLU A 142 3.05 32.40 -4.31
CA GLU A 142 3.92 33.58 -4.37
C GLU A 142 5.24 33.37 -3.64
N ASP A 143 5.40 32.28 -2.88
CA ASP A 143 6.60 32.05 -2.10
C ASP A 143 7.74 31.46 -2.93
N LEU A 144 7.45 30.91 -4.10
CA LEU A 144 8.45 30.19 -4.87
C LEU A 144 9.02 31.06 -5.98
N SER A 145 10.29 30.88 -6.26
CA SER A 145 10.97 31.55 -7.36
C SER A 145 10.53 30.96 -8.71
N ASP A 146 10.57 31.81 -9.74
CA ASP A 146 10.26 31.38 -11.10
C ASP A 146 11.11 30.19 -11.54
N GLU A 147 12.39 30.20 -11.18
CA GLU A 147 13.28 29.13 -11.60
C GLU A 147 12.86 27.81 -10.98
N ALA A 148 12.41 27.83 -9.72
CA ALA A 148 11.94 26.61 -9.10
C ALA A 148 10.62 26.16 -9.71
N LEU A 149 9.74 27.10 -10.05
CA LEU A 149 8.45 26.71 -10.61
C LEU A 149 8.60 26.07 -11.98
N VAL A 150 9.51 26.59 -12.83
CA VAL A 150 9.68 26.00 -14.16
C VAL A 150 10.14 24.54 -14.04
N MET A 151 10.93 24.23 -13.01
CA MET A 151 11.37 22.86 -12.77
C MET A 151 10.21 21.92 -12.43
N LEU A 152 9.08 22.46 -12.00
CA LEU A 152 7.94 21.62 -11.68
C LEU A 152 7.12 21.22 -12.91
N LEU A 156 11.31 17.67 -12.26
CA LEU A 156 11.03 17.47 -10.83
C LEU A 156 9.96 16.38 -10.66
N PRO A 157 8.76 16.55 -11.24
CA PRO A 157 7.81 15.44 -11.18
C PRO A 157 8.31 14.20 -11.90
N THR A 158 9.18 14.35 -12.91
CA THR A 158 9.74 13.18 -13.58
C THR A 158 10.62 12.39 -12.62
N GLY A 159 11.62 13.05 -12.04
CA GLY A 159 12.46 12.40 -11.03
C GLY A 159 11.66 11.81 -9.86
N TYR A 160 10.62 12.54 -9.40
CA TYR A 160 9.88 12.09 -8.21
C TYR A 160 8.98 10.91 -8.53
N GLU A 161 8.08 11.07 -9.51
CA GLU A 161 7.11 10.01 -9.82
C GLU A 161 7.80 8.79 -10.44
N ILE A 162 8.70 9.03 -11.39
CA ILE A 162 9.25 7.92 -12.18
C ILE A 162 10.55 7.36 -11.59
N GLY A 163 11.34 8.16 -10.90
CA GLY A 163 12.54 7.65 -10.25
C GLY A 163 12.40 7.29 -8.77
N VAL A 164 11.63 8.08 -8.01
CA VAL A 164 11.62 7.98 -6.56
C VAL A 164 10.44 7.13 -6.07
N LEU A 165 9.23 7.45 -6.55
CA LEU A 165 8.03 6.71 -6.15
C LEU A 165 7.97 5.30 -6.76
N LYS A 166 8.24 5.18 -8.06
CA LYS A 166 8.25 3.83 -8.63
C LYS A 166 9.40 3.00 -8.09
N GLY A 167 10.47 3.65 -7.69
CA GLY A 167 11.59 2.95 -7.09
C GLY A 167 11.36 2.52 -5.66
N LYS A 168 10.33 3.07 -5.01
CA LYS A 168 9.99 2.75 -3.64
C LYS A 168 11.14 3.11 -2.69
N VAL A 169 11.66 4.33 -2.85
CA VAL A 169 12.59 4.89 -1.87
C VAL A 169 11.89 5.06 -0.51
N GLU A 170 12.58 4.67 0.55
CA GLU A 170 12.07 4.69 1.91
C GLU A 170 13.21 5.01 2.87
N PRO A 171 12.90 5.49 4.08
CA PRO A 171 13.98 5.87 5.00
C PRO A 171 14.91 4.71 5.30
N GLY A 172 16.20 5.02 5.33
CA GLY A 172 17.20 4.01 5.61
C GLY A 172 17.53 3.07 4.47
N CYS A 173 16.91 3.19 3.29
CA CYS A 173 17.33 2.31 2.20
C CYS A 173 18.57 2.84 1.49
N SER A 174 19.02 2.09 0.48
CA SER A 174 20.21 2.41 -0.29
C SER A 174 19.79 2.68 -1.72
N VAL A 175 20.10 3.87 -2.20
CA VAL A 175 19.75 4.29 -3.55
C VAL A 175 21.03 4.54 -4.31
N ALA A 176 21.06 4.12 -5.56
CA ALA A 176 22.05 4.57 -6.52
C ALA A 176 21.33 5.26 -7.67
N ILE A 177 21.88 6.37 -8.12
CA ILE A 177 21.36 7.08 -9.28
C ILE A 177 22.42 7.01 -10.38
N ILE A 178 22.01 6.50 -11.54
CA ILE A 178 22.91 6.30 -12.67
C ILE A 178 22.66 7.43 -13.65
N GLY A 179 23.57 8.38 -13.66
CA GLY A 179 23.46 9.49 -14.58
C GLY A 179 23.24 10.75 -13.80
N SER A 180 24.24 11.62 -13.81
CA SER A 180 24.25 12.82 -12.99
C SER A 180 23.93 14.07 -13.80
N GLY A 181 23.25 13.92 -14.96
CA GLY A 181 22.72 15.05 -15.69
C GLY A 181 21.50 15.61 -14.99
N PRO A 182 20.72 16.44 -15.71
CA PRO A 182 19.57 17.12 -15.05
C PRO A 182 18.54 16.19 -14.41
N VAL A 183 18.11 15.12 -15.09
CA VAL A 183 17.07 14.26 -14.52
C VAL A 183 17.62 13.47 -13.33
N GLY A 184 18.89 13.08 -13.39
CA GLY A 184 19.50 12.41 -12.26
C GLY A 184 19.57 13.30 -11.03
N LEU A 185 19.96 14.56 -11.22
CA LEU A 185 20.01 15.50 -10.10
C LEU A 185 18.61 15.77 -9.55
N ALA A 186 17.61 15.87 -10.43
CA ALA A 186 16.24 16.09 -9.99
C ALA A 186 15.76 14.93 -9.12
N ALA A 187 16.08 13.70 -9.53
CA ALA A 187 15.76 12.53 -8.71
C ALA A 187 16.52 12.56 -7.38
N LEU A 188 17.77 13.01 -7.41
CA LEU A 188 18.56 13.14 -6.21
C LEU A 188 17.91 14.07 -5.20
N LEU A 189 17.39 15.22 -5.66
CA LEU A 189 16.76 16.17 -4.76
C LEU A 189 15.50 15.59 -4.12
N THR A 190 14.64 14.98 -4.94
CA THR A 190 13.38 14.49 -4.39
C THR A 190 13.53 13.17 -3.64
N ALA A 191 14.58 12.39 -3.91
CA ALA A 191 14.81 11.19 -3.11
C ALA A 191 15.08 11.53 -1.67
N GLN A 192 15.61 12.73 -1.41
CA GLN A 192 15.90 13.12 -0.04
C GLN A 192 14.65 13.42 0.77
N PHE A 193 13.49 13.58 0.14
CA PHE A 193 12.23 13.63 0.89
C PHE A 193 12.04 12.39 1.74
N TYR A 194 12.64 11.25 1.36
CA TYR A 194 12.46 9.99 2.05
C TYR A 194 13.67 9.53 2.85
N SER A 195 14.65 10.39 3.05
CA SER A 195 15.80 10.12 3.91
C SER A 195 16.44 8.73 3.72
N PRO A 196 16.80 8.35 2.49
CA PRO A 196 17.53 7.11 2.34
C PRO A 196 18.87 7.18 3.05
N ALA A 197 19.34 6.02 3.54
CA ALA A 197 20.65 5.97 4.20
C ALA A 197 21.78 6.34 3.26
N LYS A 198 21.72 5.88 2.01
CA LYS A 198 22.78 6.05 1.03
C LYS A 198 22.18 6.53 -0.28
N LEU A 199 22.75 7.60 -0.80
CA LEU A 199 22.42 8.17 -2.10
C LEU A 199 23.72 8.19 -2.88
N ILE A 200 23.91 7.19 -3.71
CA ILE A 200 25.16 6.98 -4.42
C ILE A 200 24.97 7.50 -5.85
N MET A 201 25.69 8.56 -6.20
CA MET A 201 25.63 9.06 -7.58
C MET A 201 26.72 8.36 -8.38
N VAL A 202 26.34 7.82 -9.53
CA VAL A 202 27.24 7.11 -10.44
C VAL A 202 27.24 7.85 -11.77
N ASP A 203 28.44 8.19 -12.26
CA ASP A 203 28.62 8.91 -13.53
C ASP A 203 30.09 8.76 -13.95
N LEU A 204 30.36 9.16 -15.20
CA LEU A 204 31.73 9.21 -15.73
C LEU A 204 32.42 10.54 -15.42
N ASP A 205 31.66 11.63 -15.44
CA ASP A 205 32.18 12.99 -15.30
C ASP A 205 32.32 13.35 -13.82
N ASP A 206 33.54 13.69 -13.41
CA ASP A 206 33.76 14.04 -12.01
C ASP A 206 33.14 15.39 -11.65
N ASN A 207 33.03 16.31 -12.61
CA ASN A 207 32.38 17.59 -12.34
C ASN A 207 30.92 17.39 -11.95
N ARG A 208 30.22 16.55 -12.70
CA ARG A 208 28.82 16.27 -12.37
C ARG A 208 28.70 15.53 -11.03
N LEU A 209 29.62 14.59 -10.75
CA LEU A 209 29.60 13.91 -9.46
C LEU A 209 29.84 14.89 -8.30
N GLU A 210 30.77 15.84 -8.47
CA GLU A 210 31.00 16.85 -7.45
C GLU A 210 29.75 17.69 -7.22
N THR A 211 29.05 18.07 -8.29
CA THR A 211 27.79 18.78 -8.11
C THR A 211 26.77 17.91 -7.37
N ALA A 212 26.78 16.59 -7.63
CA ALA A 212 25.83 15.71 -6.97
C ALA A 212 26.03 15.70 -5.46
N LEU A 213 27.30 15.62 -5.02
CA LEU A 213 27.60 15.75 -3.60
C LEU A 213 27.10 17.09 -3.05
N SER A 214 27.25 18.16 -3.84
CA SER A 214 26.70 19.45 -3.44
C SER A 214 25.20 19.37 -3.23
N PHE A 215 24.51 18.59 -4.04
CA PHE A 215 23.06 18.51 -3.96
C PHE A 215 22.58 17.53 -2.88
N GLY A 216 23.48 16.88 -2.15
CA GLY A 216 23.09 15.98 -1.10
C GLY A 216 23.27 14.50 -1.36
N ALA A 217 24.02 14.13 -2.40
CA ALA A 217 24.44 12.74 -2.49
C ALA A 217 25.39 12.43 -1.35
N THR A 218 25.32 11.20 -0.85
CA THR A 218 26.20 10.79 0.25
C THR A 218 27.51 10.22 -0.25
N HIS A 219 27.52 9.58 -1.43
CA HIS A 219 28.74 9.06 -2.05
C HIS A 219 28.71 9.27 -3.56
N LYS A 220 29.89 9.33 -4.14
CA LYS A 220 30.04 9.32 -5.58
C LYS A 220 30.82 8.09 -6.00
N VAL A 221 30.48 7.56 -7.17
CA VAL A 221 31.21 6.45 -7.75
C VAL A 221 31.41 6.76 -9.21
N ASN A 222 32.66 6.76 -9.66
CA ASN A 222 32.96 7.02 -11.07
C ASN A 222 32.86 5.70 -11.83
N SER A 223 32.06 5.68 -12.88
CA SER A 223 31.79 4.45 -13.60
C SER A 223 32.78 4.19 -14.73
N SER A 224 33.93 4.87 -14.72
CA SER A 224 34.89 4.72 -15.82
C SER A 224 35.42 3.30 -15.91
N ASP A 225 35.75 2.70 -14.76
CA ASP A 225 35.99 1.27 -14.67
C ASP A 225 34.70 0.63 -14.15
N PRO A 226 33.83 0.11 -15.03
CA PRO A 226 32.54 -0.42 -14.56
C PRO A 226 32.67 -1.48 -13.48
N GLU A 227 33.62 -2.40 -13.64
CA GLU A 227 33.81 -3.48 -12.66
C GLU A 227 34.19 -2.92 -11.30
N LYS A 228 35.12 -1.97 -11.27
CA LYS A 228 35.53 -1.37 -10.01
C LYS A 228 34.39 -0.61 -9.36
N ALA A 229 33.52 0.01 -10.17
CA ALA A 229 32.36 0.71 -9.65
C ALA A 229 31.36 -0.25 -9.02
N ILE A 230 31.08 -1.37 -9.73
CA ILE A 230 30.18 -2.39 -9.22
C ILE A 230 30.69 -2.94 -7.90
N LYS A 231 31.98 -3.29 -7.84
CA LYS A 231 32.59 -3.70 -6.57
C LYS A 231 32.35 -2.65 -5.49
N GLU A 232 32.66 -1.39 -5.80
CA GLU A 232 32.55 -0.34 -4.82
C GLU A 232 31.12 -0.19 -4.31
N ILE A 233 30.14 -0.35 -5.20
CA ILE A 233 28.76 -0.21 -4.76
C ILE A 233 28.36 -1.39 -3.88
N TYR A 234 28.85 -2.60 -4.19
CA TYR A 234 28.58 -3.74 -3.32
C TYR A 234 29.30 -3.60 -1.99
N ASP A 235 30.45 -2.93 -1.98
CA ASP A 235 31.14 -2.68 -0.72
C ASP A 235 30.37 -1.70 0.16
N LEU A 236 29.67 -0.73 -0.44
CA LEU A 236 28.89 0.24 0.35
C LEU A 236 27.62 -0.37 0.91
N THR A 237 27.15 -1.47 0.34
CA THR A 237 25.89 -2.08 0.71
C THR A 237 26.09 -3.43 1.38
N ASP A 238 27.27 -3.66 1.95
CA ASP A 238 27.56 -4.88 2.72
C ASP A 238 27.35 -6.13 1.89
N GLY A 239 27.72 -6.08 0.61
CA GLY A 239 27.56 -7.23 -0.23
C GLY A 239 26.15 -7.49 -0.73
N ARG A 240 25.17 -6.64 -0.39
CA ARG A 240 23.80 -6.92 -0.79
C ARG A 240 23.36 -6.16 -2.04
N GLY A 241 24.05 -5.08 -2.42
CA GLY A 241 23.57 -4.27 -3.52
C GLY A 241 22.54 -3.25 -3.04
N VAL A 242 22.07 -2.41 -3.96
CA VAL A 242 21.19 -1.31 -3.59
C VAL A 242 19.74 -1.75 -3.61
N ASP A 243 18.91 -1.06 -2.80
CA ASP A 243 17.47 -1.28 -2.84
C ASP A 243 16.82 -0.58 -4.02
N VAL A 244 17.41 0.49 -4.53
CA VAL A 244 16.86 1.23 -5.66
C VAL A 244 18.00 1.65 -6.58
N ALA A 245 17.81 1.40 -7.88
CA ALA A 245 18.73 1.91 -8.90
C ALA A 245 17.89 2.74 -9.87
N ILE A 246 18.14 4.04 -9.88
CA ILE A 246 17.42 4.97 -10.73
C ILE A 246 18.26 5.18 -11.98
N GLU A 247 17.77 4.66 -13.13
CA GLU A 247 18.44 4.77 -14.43
C GLU A 247 18.01 6.09 -15.07
N ALA A 248 18.87 7.09 -15.06
CA ALA A 248 18.54 8.42 -15.58
C ALA A 248 19.40 8.78 -16.77
N VAL A 249 19.68 7.82 -17.66
CA VAL A 249 20.45 8.13 -18.86
C VAL A 249 19.75 7.58 -20.09
N GLY A 250 19.30 6.33 -20.03
CA GLY A 250 18.54 5.79 -21.14
C GLY A 250 19.37 5.12 -22.23
N ILE A 251 20.48 4.49 -21.89
CA ILE A 251 21.22 3.71 -22.89
C ILE A 251 21.40 2.30 -22.35
N PRO A 252 21.69 1.35 -23.24
CA PRO A 252 21.88 -0.05 -22.79
C PRO A 252 22.93 -0.20 -21.72
N ALA A 253 24.01 0.59 -21.73
CA ALA A 253 25.06 0.41 -20.75
C ALA A 253 24.57 0.76 -19.35
N THR A 254 23.83 1.87 -19.22
CA THR A 254 23.35 2.25 -17.91
C THR A 254 22.28 1.28 -17.41
N PHE A 255 21.39 0.84 -18.30
CA PHE A 255 20.45 -0.19 -17.87
C PHE A 255 21.19 -1.42 -17.41
N ASP A 256 22.26 -1.78 -18.12
CA ASP A 256 23.02 -2.97 -17.76
C ASP A 256 23.69 -2.80 -16.40
N PHE A 257 24.27 -1.62 -16.14
CA PHE A 257 24.87 -1.33 -14.85
C PHE A 257 23.84 -1.50 -13.72
N CYS A 258 22.66 -0.91 -13.90
CA CYS A 258 21.60 -0.99 -12.89
C CYS A 258 21.28 -2.43 -12.53
N GLN A 259 21.22 -3.31 -13.53
CA GLN A 259 20.79 -4.67 -13.23
C GLN A 259 21.90 -5.46 -12.56
N LYS A 260 23.13 -4.98 -12.62
CA LYS A 260 24.24 -5.62 -11.93
C LYS A 260 24.37 -5.22 -10.45
N ILE A 261 23.77 -4.12 -10.02
CA ILE A 261 23.98 -3.62 -8.67
C ILE A 261 22.74 -3.73 -7.80
N ILE A 262 21.60 -4.08 -8.38
CA ILE A 262 20.36 -4.13 -7.64
C ILE A 262 20.37 -5.36 -6.72
N GLY A 263 19.92 -5.18 -5.48
CA GLY A 263 19.90 -6.26 -4.53
C GLY A 263 18.57 -6.99 -4.51
N VAL A 264 18.53 -8.08 -3.72
CA VAL A 264 17.29 -8.78 -3.47
C VAL A 264 16.22 -7.79 -3.04
N ASP A 265 15.03 -7.90 -3.65
CA ASP A 265 13.81 -7.15 -3.37
C ASP A 265 13.87 -5.74 -3.96
N GLY A 266 14.94 -5.40 -4.69
CA GLY A 266 15.15 -4.04 -5.15
C GLY A 266 14.41 -3.71 -6.43
N THR A 267 14.40 -2.41 -6.76
CA THR A 267 13.73 -1.93 -7.96
C THR A 267 14.71 -1.14 -8.83
N VAL A 268 14.79 -1.51 -10.10
CA VAL A 268 15.42 -0.67 -11.12
C VAL A 268 14.30 0.21 -11.68
N ALA A 269 14.38 1.52 -11.41
CA ALA A 269 13.40 2.49 -11.90
C ALA A 269 14.01 3.20 -13.10
N ASN A 270 13.52 2.86 -14.29
CA ASN A 270 13.94 3.54 -15.51
C ASN A 270 13.22 4.87 -15.64
N CYS A 271 13.97 5.95 -15.88
CA CYS A 271 13.37 7.25 -16.18
C CYS A 271 13.49 7.65 -17.63
N GLY A 272 14.64 7.38 -18.26
CA GLY A 272 14.93 7.97 -19.54
C GLY A 272 14.23 7.27 -20.69
N VAL A 273 14.14 8.01 -21.79
CA VAL A 273 13.84 7.42 -23.09
C VAL A 273 14.96 6.50 -23.51
N HIS A 274 14.61 5.32 -24.02
CA HIS A 274 15.56 4.42 -24.63
C HIS A 274 15.27 4.35 -26.12
N GLY A 275 16.32 4.40 -26.93
CA GLY A 275 16.15 4.34 -28.37
C GLY A 275 16.40 2.95 -28.92
N LYS A 276 16.93 2.08 -28.07
CA LYS A 276 17.16 0.69 -28.41
C LYS A 276 16.57 -0.20 -27.33
N PRO A 277 16.19 -1.43 -27.67
CA PRO A 277 15.85 -2.41 -26.63
C PRO A 277 17.11 -2.80 -25.88
N VAL A 278 16.91 -3.40 -24.72
CA VAL A 278 18.04 -3.74 -23.87
C VAL A 278 18.01 -5.23 -23.57
N GLU A 279 19.16 -5.77 -23.19
CA GLU A 279 19.26 -7.16 -22.78
C GLU A 279 19.01 -7.28 -21.28
N PHE A 280 17.90 -7.92 -20.93
CA PHE A 280 17.47 -8.13 -19.56
C PHE A 280 17.94 -9.53 -19.12
N ASP A 281 18.79 -9.59 -18.09
CA ASP A 281 19.46 -10.82 -17.67
C ASP A 281 18.56 -11.71 -16.79
N LEU A 282 17.40 -12.05 -17.35
CA LEU A 282 16.43 -12.87 -16.61
C LEU A 282 17.03 -14.21 -16.15
N ASP A 283 18.04 -14.73 -16.85
CA ASP A 283 18.69 -15.96 -16.39
C ASP A 283 19.29 -15.79 -15.00
N LYS A 284 19.77 -14.58 -14.68
CA LYS A 284 20.36 -14.33 -13.37
C LYS A 284 19.35 -13.74 -12.40
N LEU A 285 18.38 -12.98 -12.88
CA LEU A 285 17.56 -12.15 -12.02
C LEU A 285 16.20 -12.75 -11.71
N TRP A 286 15.79 -13.83 -12.39
CA TRP A 286 14.53 -14.45 -12.04
C TRP A 286 14.50 -14.85 -10.56
N ILE A 287 15.65 -15.23 -10.01
CA ILE A 287 15.70 -15.70 -8.62
C ILE A 287 15.93 -14.57 -7.62
N ARG A 288 16.28 -13.36 -8.10
CA ARG A 288 16.72 -12.29 -7.22
C ARG A 288 15.58 -11.46 -6.64
N ASN A 289 14.34 -11.70 -7.05
CA ASN A 289 13.19 -10.95 -6.55
C ASN A 289 13.29 -9.45 -6.84
N ILE A 290 13.51 -9.10 -8.10
CA ILE A 290 13.69 -7.70 -8.46
C ILE A 290 12.52 -7.21 -9.28
N ASN A 291 12.43 -5.90 -9.40
CA ASN A 291 11.41 -5.23 -10.17
C ASN A 291 12.10 -4.28 -11.13
N VAL A 292 11.47 -4.04 -12.27
CA VAL A 292 11.92 -3.03 -13.21
C VAL A 292 10.71 -2.21 -13.54
N THR A 293 10.78 -0.91 -13.33
CA THR A 293 9.66 -0.05 -13.63
C THR A 293 10.03 0.94 -14.73
N THR A 294 9.03 1.32 -15.51
CA THR A 294 9.15 2.38 -16.48
C THR A 294 8.00 3.35 -16.27
N GLY A 295 8.11 4.47 -16.95
CA GLY A 295 6.99 5.37 -17.00
C GLY A 295 7.29 6.67 -17.69
N LEU A 296 6.25 7.28 -18.22
CA LEU A 296 6.19 8.69 -18.59
C LEU A 296 5.55 9.44 -17.43
N VAL A 297 6.16 10.56 -17.05
CA VAL A 297 5.63 11.35 -15.94
C VAL A 297 4.15 11.66 -16.19
N SER A 298 3.35 11.70 -15.12
CA SER A 298 1.97 12.15 -15.22
C SER A 298 1.75 13.57 -14.71
N THR A 299 2.52 13.97 -13.70
CA THR A 299 2.42 15.21 -12.93
C THR A 299 1.21 15.23 -12.00
N ASN A 300 0.64 14.07 -11.66
CA ASN A 300 -0.39 14.03 -10.62
C ASN A 300 0.16 14.48 -9.26
N THR A 301 1.48 14.39 -9.03
CA THR A 301 2.05 14.79 -7.75
C THR A 301 2.36 16.28 -7.65
N THR A 302 2.25 17.04 -8.76
CA THR A 302 2.52 18.48 -8.74
C THR A 302 1.95 19.23 -7.54
N PRO A 303 0.69 19.01 -7.10
CA PRO A 303 0.24 19.68 -5.86
C PRO A 303 1.04 19.30 -4.63
N GLN A 304 1.41 18.02 -4.49
CA GLN A 304 2.19 17.61 -3.33
C GLN A 304 3.60 18.19 -3.37
N LEU A 305 4.18 18.27 -4.57
CA LEU A 305 5.52 18.86 -4.69
C LEU A 305 5.48 20.36 -4.40
N LEU A 306 4.43 21.04 -4.85
CA LEU A 306 4.27 22.45 -4.50
C LEU A 306 4.23 22.63 -2.99
N LYS A 307 3.46 21.79 -2.29
CA LYS A 307 3.42 21.84 -0.83
C LYS A 307 4.80 21.58 -0.24
N ALA A 308 5.47 20.51 -0.70
CA ALA A 308 6.78 20.16 -0.19
C ALA A 308 7.89 21.15 -0.61
N LEU A 309 7.59 22.20 -1.39
CA LEU A 309 8.57 23.21 -1.76
C LEU A 309 8.35 24.55 -1.06
N GLU A 310 7.09 24.95 -0.84
CA GLU A 310 6.81 26.18 -0.09
C GLU A 310 7.38 26.09 1.31
N SER A 311 7.53 24.87 1.83
CA SER A 311 8.18 24.61 3.11
C SER A 311 9.70 24.63 3.02
N HIS A 312 10.26 24.72 1.81
CA HIS A 312 11.70 24.83 1.59
C HIS A 312 12.46 23.62 2.13
N LYS A 313 11.89 22.43 1.93
CA LYS A 313 12.63 21.19 2.20
C LYS A 313 13.86 21.10 1.30
N ILE A 314 13.65 21.05 -0.03
CA ILE A 314 14.72 21.19 -1.00
C ILE A 314 14.46 22.42 -1.84
N GLU A 315 15.52 22.90 -2.48
CA GLU A 315 15.49 24.11 -3.31
C GLU A 315 15.81 23.74 -4.75
N PRO A 316 14.79 23.41 -5.56
CA PRO A 316 15.04 23.00 -6.95
C PRO A 316 15.63 24.09 -7.83
N GLU A 317 15.59 25.36 -7.41
CA GLU A 317 16.14 26.39 -8.25
C GLU A 317 17.64 26.20 -8.50
N LYS A 318 18.32 25.34 -7.73
CA LYS A 318 19.73 25.12 -8.02
C LYS A 318 19.95 24.23 -9.24
N LEU A 319 18.90 23.67 -9.85
CA LEU A 319 19.00 23.05 -11.16
C LEU A 319 19.25 24.06 -12.27
N VAL A 320 19.07 25.36 -12.02
CA VAL A 320 19.16 26.37 -13.07
C VAL A 320 20.51 27.07 -12.96
N THR A 321 21.27 27.07 -14.06
CA THR A 321 22.64 27.56 -14.07
C THR A 321 22.89 28.68 -15.06
N HIS A 322 22.07 28.83 -16.11
CA HIS A 322 22.27 29.85 -17.11
C HIS A 322 20.94 30.48 -17.51
N TYR A 323 20.99 31.77 -17.82
CA TYR A 323 19.80 32.57 -18.08
C TYR A 323 19.91 33.14 -19.50
N PHE A 324 18.82 33.07 -20.26
CA PHE A 324 18.78 33.63 -21.61
C PHE A 324 17.45 34.30 -21.86
N LYS A 325 17.46 35.19 -22.84
CA LYS A 325 16.27 35.82 -23.39
C LYS A 325 15.70 34.91 -24.46
N LEU A 326 14.37 34.95 -24.61
CA LEU A 326 13.72 34.15 -25.65
C LEU A 326 14.30 34.44 -27.03
N SER A 327 14.56 35.72 -27.34
CA SER A 327 15.12 36.05 -28.64
C SER A 327 16.52 35.49 -28.81
N GLU A 328 17.16 35.06 -27.73
CA GLU A 328 18.47 34.42 -27.81
C GLU A 328 18.36 32.91 -27.56
N ILE A 329 17.20 32.32 -27.89
CA ILE A 329 17.00 30.90 -27.62
C ILE A 329 18.02 30.03 -28.37
N GLU A 330 18.45 30.44 -29.57
CA GLU A 330 19.52 29.72 -30.27
C GLU A 330 20.76 29.59 -29.40
N LYS A 331 21.19 30.67 -28.75
CA LYS A 331 22.32 30.57 -27.84
C LYS A 331 22.03 29.63 -26.69
N ALA A 332 20.78 29.64 -26.19
CA ALA A 332 20.42 28.78 -25.06
C ALA A 332 20.60 27.31 -25.42
N TYR A 333 20.14 26.92 -26.60
CA TYR A 333 20.36 25.56 -27.09
C TYR A 333 21.83 25.23 -27.24
N GLU A 334 22.64 26.18 -27.72
CA GLU A 334 24.07 25.93 -27.86
C GLU A 334 24.71 25.58 -26.52
N VAL A 335 24.31 26.29 -25.46
CA VAL A 335 24.90 26.06 -24.13
C VAL A 335 24.43 24.73 -23.55
N PHE A 336 23.12 24.46 -23.67
CA PHE A 336 22.55 23.23 -23.13
C PHE A 336 23.10 21.99 -23.82
N SER A 337 23.17 22.00 -25.15
CA SER A 337 23.69 20.84 -25.89
C SER A 337 25.17 20.59 -25.64
N LYS A 338 25.90 21.56 -25.09
CA LYS A 338 27.30 21.42 -24.71
C LYS A 338 27.47 21.67 -23.21
N ALA A 339 26.52 21.16 -22.43
CA ALA A 339 26.40 21.48 -21.01
C ALA A 339 27.71 21.27 -20.27
N ALA A 340 28.44 20.18 -20.59
CA ALA A 340 29.70 19.90 -19.90
C ALA A 340 30.72 21.04 -20.07
N ASP A 341 30.80 21.62 -21.27
CA ASP A 341 31.73 22.74 -21.47
C ASP A 341 31.42 23.94 -20.57
N HIS A 342 30.14 24.13 -20.22
CA HIS A 342 29.70 25.30 -19.46
C HIS A 342 29.29 24.98 -18.02
N HIS A 343 29.46 23.73 -17.57
CA HIS A 343 28.98 23.33 -16.26
C HIS A 343 27.50 23.67 -16.08
N ALA A 344 26.73 23.48 -17.16
CA ALA A 344 25.32 23.82 -17.16
C ALA A 344 24.48 22.72 -16.49
N LYS A 346 20.50 22.93 -16.18
CA LYS A 346 19.28 23.50 -16.78
C LYS A 346 19.40 25.00 -17.05
N VAL A 347 18.83 25.46 -18.17
CA VAL A 347 18.82 26.87 -18.50
C VAL A 347 17.42 27.41 -18.28
N ILE A 348 17.33 28.71 -18.02
CA ILE A 348 16.03 29.37 -17.96
C ILE A 348 15.99 30.42 -19.08
N ILE A 349 14.86 30.48 -19.77
CA ILE A 349 14.67 31.35 -20.92
C ILE A 349 13.49 32.26 -20.61
N GLU A 350 13.71 33.58 -20.64
CA GLU A 350 12.71 34.57 -20.24
C GLU A 350 12.17 35.30 -21.46
N ASN A 351 10.86 35.45 -21.51
CA ASN A 351 10.17 36.09 -22.64
C ASN A 351 10.42 37.60 -22.59
N ASP A 352 11.41 38.06 -23.35
CA ASP A 352 11.74 39.47 -23.45
C ASP A 352 11.02 40.14 -24.62
N ILE A 353 10.09 39.45 -25.28
CA ILE A 353 9.47 39.95 -26.50
C ILE A 353 8.05 40.44 -26.24
N SER A 354 7.27 39.69 -25.48
CA SER A 354 5.85 39.96 -25.38
C SER A 354 5.56 41.16 -24.46
N GLU A 355 4.51 41.91 -24.81
CA GLU A 355 3.92 42.91 -23.93
C GLU A 355 2.63 42.36 -23.34
N ALA A 356 2.28 42.86 -22.15
CA ALA A 356 1.08 42.42 -21.43
C ALA A 356 -0.20 42.64 -22.23
N GLY B 3 18.72 -49.57 9.31
CA GLY B 3 18.68 -48.12 9.43
C GLY B 3 18.70 -47.39 8.09
N SER B 4 18.24 -48.10 7.06
CA SER B 4 18.22 -47.57 5.71
C SER B 4 16.82 -47.15 5.32
N MET B 5 16.74 -46.43 4.21
CA MET B 5 15.47 -46.09 3.57
C MET B 5 15.69 -46.08 2.07
N LYS B 6 14.58 -46.13 1.33
CA LYS B 6 14.56 -45.96 -0.12
C LYS B 6 14.42 -44.48 -0.47
N ALA B 7 15.07 -44.07 -1.58
CA ALA B 7 15.02 -42.69 -2.03
C ALA B 7 15.32 -42.61 -3.52
N TYR B 8 14.76 -41.59 -4.17
CA TYR B 8 15.02 -41.29 -5.57
C TYR B 8 16.08 -40.20 -5.64
N THR B 9 17.23 -40.53 -6.21
CA THR B 9 18.40 -39.68 -6.20
C THR B 9 18.78 -39.26 -7.62
N TYR B 10 19.33 -38.06 -7.72
CA TYR B 10 19.98 -37.61 -8.93
C TYR B 10 21.36 -38.26 -9.01
N VAL B 11 21.63 -38.94 -10.11
CA VAL B 11 22.92 -39.65 -10.28
C VAL B 11 23.87 -38.77 -11.08
N LYS B 12 23.59 -38.63 -12.37
CA LYS B 12 24.42 -37.83 -13.28
C LYS B 12 23.49 -37.28 -14.34
N PRO B 13 23.97 -36.36 -15.19
CA PRO B 13 23.07 -35.78 -16.21
C PRO B 13 22.40 -36.86 -17.05
N GLY B 14 21.07 -36.83 -17.05
CA GLY B 14 20.27 -37.82 -17.74
C GLY B 14 20.01 -39.10 -16.98
N LEU B 15 20.23 -39.12 -15.65
CA LEU B 15 20.12 -40.36 -14.90
C LEU B 15 19.65 -40.10 -13.46
N ALA B 16 18.61 -40.81 -13.04
CA ALA B 16 18.15 -40.84 -11.66
C ALA B 16 17.68 -42.26 -11.34
N SER B 17 17.73 -42.64 -10.06
CA SER B 17 17.45 -44.04 -9.75
C SER B 17 17.00 -44.22 -8.31
N PHE B 18 16.18 -45.27 -8.11
CA PHE B 18 15.57 -45.60 -6.83
C PHE B 18 16.53 -46.51 -6.06
N VAL B 19 17.17 -45.96 -5.04
CA VAL B 19 18.28 -46.63 -4.36
C VAL B 19 18.02 -46.65 -2.86
N ASP B 20 18.86 -47.43 -2.16
CA ASP B 20 18.90 -47.46 -0.71
C ASP B 20 19.94 -46.46 -0.19
N VAL B 21 19.56 -45.70 0.83
CA VAL B 21 20.41 -44.65 1.37
C VAL B 21 20.21 -44.60 2.89
N ASP B 22 21.12 -43.88 3.55
CA ASP B 22 21.01 -43.67 4.99
C ASP B 22 19.69 -42.99 5.36
N LYS B 23 19.14 -43.37 6.49
CA LYS B 23 18.02 -42.62 7.03
C LYS B 23 18.53 -41.34 7.67
N PRO B 24 17.96 -40.18 7.36
CA PRO B 24 18.48 -38.94 7.95
C PRO B 24 18.25 -38.92 9.45
N VAL B 25 19.14 -38.23 10.16
CA VAL B 25 19.05 -38.06 11.60
C VAL B 25 19.10 -36.57 11.92
N ILE B 26 18.66 -36.24 13.12
CA ILE B 26 18.80 -34.88 13.63
C ILE B 26 20.27 -34.49 13.58
N ARG B 27 20.56 -33.33 12.98
CA ARG B 27 21.91 -32.78 12.97
C ARG B 27 22.02 -31.45 13.70
N LYS B 28 20.93 -30.70 13.84
CA LYS B 28 20.88 -29.43 14.54
C LYS B 28 19.67 -29.44 15.46
N PRO B 29 19.74 -28.75 16.60
CA PRO B 29 18.61 -28.76 17.53
C PRO B 29 17.31 -28.24 16.92
N THR B 30 17.42 -27.48 15.82
CA THR B 30 16.26 -26.92 15.14
C THR B 30 15.75 -27.86 14.04
N ALA B 32 13.89 -31.13 12.61
CA ALA B 32 12.97 -32.28 12.65
C ALA B 32 13.23 -33.39 11.61
N ILE B 33 12.91 -34.65 11.97
CA ILE B 33 12.76 -35.74 10.99
C ILE B 33 11.27 -35.94 10.73
N VAL B 34 10.91 -36.13 9.46
CA VAL B 34 9.52 -36.33 9.05
C VAL B 34 9.44 -37.56 8.16
N ARG B 35 8.39 -38.37 8.35
CA ARG B 35 8.12 -39.48 7.45
C ARG B 35 7.21 -38.98 6.34
N ILE B 36 7.65 -39.13 5.10
CA ILE B 36 6.86 -38.65 3.98
C ILE B 36 5.61 -39.52 3.83
N VAL B 37 4.45 -38.88 3.73
CA VAL B 37 3.20 -39.59 3.42
C VAL B 37 2.95 -39.51 1.92
N LYS B 38 2.86 -38.31 1.36
CA LYS B 38 2.64 -38.13 -0.06
C LYS B 38 3.54 -37.02 -0.58
N THR B 39 4.03 -37.19 -1.81
CA THR B 39 4.86 -36.17 -2.45
C THR B 39 4.39 -36.02 -3.90
N THR B 40 5.20 -35.33 -4.70
CA THR B 40 4.89 -35.05 -6.09
C THR B 40 6.19 -34.65 -6.79
N ILE B 41 6.08 -34.36 -8.08
CA ILE B 41 7.21 -34.03 -8.93
C ILE B 41 7.06 -32.61 -9.44
N CYS B 42 8.14 -31.86 -9.40
CA CYS B 42 8.18 -30.51 -9.95
C CYS B 42 8.88 -30.52 -11.31
N GLY B 43 8.52 -29.54 -12.15
CA GLY B 43 9.25 -29.36 -13.40
C GLY B 43 10.72 -29.09 -13.17
N THR B 44 11.08 -28.50 -12.02
CA THR B 44 12.47 -28.29 -11.68
C THR B 44 13.20 -29.60 -11.43
N ASP B 45 12.48 -30.65 -11.02
CA ASP B 45 13.15 -31.94 -10.83
C ASP B 45 13.56 -32.55 -12.17
N LEU B 46 12.80 -32.30 -13.24
CA LEU B 46 13.21 -32.75 -14.56
C LEU B 46 14.41 -31.97 -15.08
N HIS B 47 14.45 -30.65 -14.84
CA HIS B 47 15.64 -29.87 -15.20
C HIS B 47 16.86 -30.34 -14.43
N ILE B 48 16.68 -30.81 -13.19
CA ILE B 48 17.82 -31.28 -12.41
C ILE B 48 18.40 -32.54 -13.01
N ILE B 49 17.55 -33.50 -13.34
CA ILE B 49 18.00 -34.76 -13.93
C ILE B 49 18.67 -34.51 -15.29
N LYS B 50 18.20 -33.51 -16.04
CA LYS B 50 18.82 -33.22 -17.33
C LYS B 50 20.22 -32.63 -17.19
N GLY B 51 20.58 -32.07 -16.04
CA GLY B 51 21.84 -31.40 -15.87
C GLY B 51 21.78 -29.88 -15.95
N ASP B 52 20.59 -29.31 -16.03
CA ASP B 52 20.47 -27.85 -16.10
C ASP B 52 20.78 -27.21 -14.75
N VAL B 53 20.45 -27.88 -13.65
CA VAL B 53 20.70 -27.33 -12.32
C VAL B 53 22.03 -27.85 -11.80
N PRO B 54 23.10 -27.07 -11.90
CA PRO B 54 24.45 -27.64 -11.74
C PRO B 54 24.90 -27.68 -10.28
N THR B 55 24.37 -26.78 -9.45
CA THR B 55 24.76 -26.79 -8.05
C THR B 55 24.31 -28.05 -7.32
N CYS B 56 23.44 -28.85 -7.92
CA CYS B 56 22.87 -30.02 -7.26
C CYS B 56 23.87 -31.19 -7.32
N GLN B 57 24.45 -31.52 -6.15
CA GLN B 57 25.45 -32.56 -6.04
C GLN B 57 24.91 -33.91 -6.53
N SER B 58 25.84 -34.81 -6.86
CA SER B 58 25.46 -36.16 -7.23
C SER B 58 25.11 -36.97 -5.99
N GLY B 59 24.05 -37.77 -6.10
CA GLY B 59 23.53 -38.53 -4.97
C GLY B 59 22.47 -37.83 -4.14
N THR B 60 22.19 -36.56 -4.45
CA THR B 60 21.18 -35.79 -3.72
C THR B 60 19.78 -36.32 -4.01
N ILE B 61 18.99 -36.49 -2.95
CA ILE B 61 17.60 -36.94 -3.10
C ILE B 61 16.77 -35.84 -3.71
N LEU B 62 15.90 -36.21 -4.65
CA LEU B 62 15.15 -35.23 -5.42
C LEU B 62 13.86 -34.83 -4.70
N GLY B 63 13.27 -33.73 -5.17
CA GLY B 63 11.94 -33.35 -4.75
C GLY B 63 11.89 -32.33 -3.64
N HIS B 64 10.94 -31.41 -3.71
CA HIS B 64 10.80 -30.42 -2.66
C HIS B 64 9.33 -30.16 -2.36
N GLU B 65 8.48 -31.17 -2.48
CA GLU B 65 7.05 -31.02 -2.21
C GLU B 65 6.55 -32.22 -1.42
N GLY B 66 5.70 -31.99 -0.45
CA GLY B 66 5.05 -33.11 0.20
C GLY B 66 4.42 -32.77 1.53
N ILE B 67 3.72 -33.77 2.06
CA ILE B 67 3.18 -33.74 3.41
C ILE B 67 3.73 -34.97 4.12
N GLY B 68 3.69 -34.93 5.45
CA GLY B 68 4.16 -36.09 6.18
C GLY B 68 3.74 -36.04 7.63
N ILE B 69 4.32 -36.96 8.40
CA ILE B 69 4.08 -37.12 9.84
C ILE B 69 5.40 -36.90 10.55
N VAL B 70 5.40 -36.01 11.55
CA VAL B 70 6.62 -35.75 12.32
C VAL B 70 7.07 -37.03 13.02
N GLU B 71 8.35 -37.36 12.89
CA GLU B 71 8.94 -38.55 13.51
C GLU B 71 9.79 -38.21 14.72
N GLU B 72 10.44 -37.05 14.72
CA GLU B 72 11.39 -36.66 15.75
C GLU B 72 11.65 -35.18 15.59
N VAL B 73 11.75 -34.46 16.72
CA VAL B 73 12.12 -33.06 16.71
C VAL B 73 13.36 -32.88 17.57
N GLY B 74 14.22 -31.95 17.15
CA GLY B 74 15.37 -31.60 17.96
C GLY B 74 14.94 -30.78 19.15
N GLU B 75 15.87 -30.60 20.09
CA GLU B 75 15.54 -29.99 21.37
C GLU B 75 15.30 -28.48 21.27
N GLY B 76 15.55 -27.85 20.13
CA GLY B 76 15.18 -26.48 19.87
C GLY B 76 13.88 -26.28 19.10
N VAL B 77 13.14 -27.35 18.84
CA VAL B 77 11.85 -27.29 18.14
C VAL B 77 10.74 -27.21 19.18
N SER B 78 9.87 -26.22 19.06
CA SER B 78 8.92 -25.97 20.13
C SER B 78 7.46 -26.08 19.71
N ASN B 79 7.13 -25.87 18.44
CA ASN B 79 5.74 -25.87 18.01
C ASN B 79 5.33 -27.14 17.26
N PHE B 80 6.23 -28.09 17.07
CA PHE B 80 5.89 -29.32 16.40
C PHE B 80 6.42 -30.49 17.22
N LYS B 81 5.71 -31.61 17.18
CA LYS B 81 6.04 -32.74 18.04
C LYS B 81 5.74 -34.03 17.31
N LYS B 82 6.36 -35.11 17.76
CA LYS B 82 6.21 -36.41 17.12
C LYS B 82 4.74 -36.73 16.91
N GLY B 83 4.41 -37.23 15.71
CA GLY B 83 3.04 -37.58 15.38
C GLY B 83 2.22 -36.48 14.76
N ASP B 84 2.68 -35.24 14.72
CA ASP B 84 1.92 -34.19 14.03
C ASP B 84 1.90 -34.46 12.52
N LYS B 85 0.73 -34.30 11.91
CA LYS B 85 0.60 -34.35 10.46
C LYS B 85 0.84 -32.94 9.92
N VAL B 86 1.84 -32.78 9.06
CA VAL B 86 2.26 -31.44 8.70
C VAL B 86 2.61 -31.35 7.22
N LEU B 87 2.34 -30.17 6.65
CA LEU B 87 2.81 -29.81 5.33
C LEU B 87 4.25 -29.31 5.43
N ILE B 88 5.09 -29.76 4.51
CA ILE B 88 6.47 -29.29 4.43
C ILE B 88 6.58 -28.31 3.27
N SER B 89 6.97 -27.08 3.58
CA SER B 89 7.21 -26.07 2.56
C SER B 89 8.48 -26.39 1.75
N CYS B 90 8.52 -25.89 0.50
CA CYS B 90 9.72 -26.14 -0.31
C CYS B 90 10.88 -25.23 0.09
N VAL B 91 10.61 -24.17 0.83
CA VAL B 91 11.63 -23.20 1.25
C VAL B 91 11.86 -23.33 2.75
N CYS B 92 13.12 -23.42 3.16
CA CYS B 92 13.47 -23.44 4.57
C CYS B 92 13.79 -22.04 5.04
N ALA B 93 13.39 -21.72 6.28
CA ALA B 93 13.45 -20.34 6.76
C ALA B 93 13.99 -20.33 8.19
N CYS B 94 15.11 -19.62 8.40
CA CYS B 94 15.72 -19.58 9.73
C CYS B 94 14.98 -18.66 10.69
N GLY B 95 14.22 -17.68 10.17
CA GLY B 95 13.40 -16.81 11.00
C GLY B 95 14.14 -15.68 11.68
N LYS B 96 15.48 -15.63 11.62
CA LYS B 96 16.25 -14.64 12.38
C LYS B 96 17.10 -13.69 11.53
N CYS B 97 17.35 -13.98 10.25
CA CYS B 97 18.33 -13.25 9.47
C CYS B 97 17.74 -12.01 8.78
N TYR B 98 18.61 -11.30 8.05
CA TYR B 98 18.22 -10.05 7.38
C TYR B 98 16.98 -10.26 6.52
N TYR B 99 16.95 -11.34 5.74
CA TYR B 99 15.83 -11.54 4.83
C TYR B 99 14.63 -12.23 5.48
N CYS B 100 14.86 -13.11 6.45
CA CYS B 100 13.73 -13.70 7.15
C CYS B 100 12.95 -12.62 7.89
N LYS B 101 13.65 -11.64 8.49
CA LYS B 101 12.98 -10.53 9.17
C LYS B 101 12.09 -9.74 8.22
N LYS B 102 12.31 -9.83 6.92
CA LYS B 102 11.50 -9.16 5.91
C LYS B 102 10.41 -10.06 5.36
N GLY B 103 10.35 -11.32 5.79
CA GLY B 103 9.49 -12.30 5.17
C GLY B 103 9.96 -12.85 3.84
N ILE B 104 11.19 -12.52 3.42
CA ILE B 104 11.70 -13.03 2.15
C ILE B 104 12.50 -14.31 2.37
N TYR B 105 11.79 -15.39 2.72
CA TYR B 105 12.42 -16.65 3.05
C TYR B 105 13.21 -17.25 1.88
N ALA B 106 12.89 -16.89 0.64
CA ALA B 106 13.63 -17.44 -0.50
C ALA B 106 15.11 -17.09 -0.45
N HIS B 107 15.49 -16.05 0.29
CA HIS B 107 16.87 -15.61 0.40
C HIS B 107 17.38 -15.65 1.84
N CYS B 108 16.82 -16.54 2.66
CA CYS B 108 17.36 -16.75 4.01
C CYS B 108 18.86 -17.05 3.94
N GLU B 109 19.62 -16.48 4.88
CA GLU B 109 21.08 -16.57 4.87
C GLU B 109 21.64 -17.67 5.79
N ASP B 110 20.79 -18.53 6.35
CA ASP B 110 21.21 -19.49 7.39
C ASP B 110 20.57 -20.85 7.10
N GLU B 111 21.24 -21.67 6.28
CA GLU B 111 20.70 -22.92 5.75
C GLU B 111 19.23 -22.78 5.38
N GLY B 112 18.97 -21.89 4.41
CA GLY B 112 17.62 -21.55 4.04
C GLY B 112 17.42 -21.23 2.57
N GLY B 113 16.28 -20.61 2.23
CA GLY B 113 15.87 -20.53 0.84
C GLY B 113 15.44 -21.89 0.34
N TRP B 114 15.50 -22.06 -0.99
CA TRP B 114 15.15 -23.33 -1.60
C TRP B 114 16.37 -24.25 -1.60
N ILE B 115 16.34 -25.27 -0.73
CA ILE B 115 17.45 -26.21 -0.66
C ILE B 115 17.02 -27.67 -0.70
N PHE B 116 15.77 -28.01 -0.40
CA PHE B 116 15.32 -29.41 -0.49
C PHE B 116 15.61 -30.02 -1.87
N ILE B 120 20.04 -29.72 -0.11
CA ILE B 120 19.99 -30.88 0.77
C ILE B 120 19.10 -31.96 0.16
N ASP B 121 19.01 -33.09 0.86
CA ASP B 121 18.16 -34.19 0.40
C ASP B 121 16.70 -33.77 0.30
N GLY B 122 16.02 -34.27 -0.72
CA GLY B 122 14.66 -33.89 -0.99
C GLY B 122 13.63 -34.86 -0.43
N MET B 123 12.38 -34.66 -0.85
CA MET B 123 11.24 -35.32 -0.21
C MET B 123 10.83 -36.62 -0.88
N GLN B 124 11.40 -36.96 -2.02
CA GLN B 124 11.08 -38.21 -2.69
C GLN B 124 11.83 -39.38 -2.07
N ALA B 125 11.55 -39.56 -0.77
CA ALA B 125 12.11 -40.62 0.06
C ALA B 125 11.11 -40.94 1.16
N GLU B 126 11.39 -42.01 1.90
CA GLU B 126 10.56 -42.36 3.05
C GLU B 126 10.62 -41.29 4.15
N TYR B 127 11.83 -40.82 4.48
CA TYR B 127 12.02 -39.86 5.56
C TYR B 127 12.82 -38.66 5.04
N LEU B 128 12.67 -37.53 5.74
CA LEU B 128 13.25 -36.25 5.34
C LEU B 128 13.72 -35.49 6.56
N ARG B 129 15.00 -35.10 6.57
CA ARG B 129 15.47 -34.10 7.52
C ARG B 129 14.97 -32.73 7.09
N VAL B 130 14.32 -32.03 8.01
CA VAL B 130 13.80 -30.68 7.78
C VAL B 130 14.55 -29.68 8.66
N PRO B 131 15.39 -28.81 8.09
CA PRO B 131 15.96 -27.71 8.88
C PRO B 131 14.89 -26.71 9.29
N HIS B 132 15.15 -25.99 10.38
CA HIS B 132 14.28 -24.91 10.84
C HIS B 132 12.82 -25.35 10.85
N ALA B 133 12.57 -26.49 11.51
CA ALA B 133 11.25 -27.12 11.45
C ALA B 133 10.14 -26.16 11.87
N ASP B 134 10.39 -25.30 12.86
CA ASP B 134 9.35 -24.41 13.36
C ASP B 134 8.87 -23.42 12.31
N ASN B 135 9.71 -23.10 11.32
CA ASN B 135 9.36 -22.14 10.27
C ASN B 135 9.06 -22.79 8.94
N THR B 136 9.33 -24.08 8.81
CA THR B 136 9.25 -24.80 7.55
C THR B 136 8.07 -25.75 7.47
N LEU B 137 7.64 -26.30 8.61
CA LEU B 137 6.45 -27.15 8.68
C LEU B 137 5.23 -26.31 9.03
N TYR B 138 4.07 -26.76 8.56
CA TYR B 138 2.77 -26.19 8.92
C TYR B 138 1.81 -27.29 9.33
N HIS B 139 1.07 -27.10 10.43
CA HIS B 139 0.05 -28.08 10.77
C HIS B 139 -1.01 -28.10 9.67
N THR B 140 -1.53 -29.29 9.37
CA THR B 140 -2.52 -29.46 8.31
C THR B 140 -3.92 -29.24 8.86
N PRO B 141 -4.72 -28.36 8.26
CA PRO B 141 -6.10 -28.17 8.71
C PRO B 141 -6.94 -29.41 8.44
N GLU B 142 -8.21 -29.45 8.86
CA GLU B 142 -8.97 -30.69 8.78
C GLU B 142 -9.78 -30.83 7.49
N ASP B 143 -10.18 -29.73 6.87
CA ASP B 143 -11.04 -29.77 5.69
C ASP B 143 -10.28 -29.52 4.38
N LEU B 144 -9.12 -30.13 4.22
CA LEU B 144 -8.40 -30.11 2.95
C LEU B 144 -7.83 -31.49 2.69
N SER B 145 -8.03 -32.00 1.47
CA SER B 145 -7.51 -33.30 1.11
C SER B 145 -5.98 -33.28 1.10
N ASP B 146 -5.39 -34.48 1.09
CA ASP B 146 -3.95 -34.59 0.92
C ASP B 146 -3.50 -34.02 -0.42
N GLU B 147 -4.32 -34.16 -1.46
CA GLU B 147 -3.92 -33.68 -2.79
C GLU B 147 -3.81 -32.18 -2.79
N ALA B 148 -4.77 -31.49 -2.15
CA ALA B 148 -4.69 -30.04 -2.02
C ALA B 148 -3.47 -29.62 -1.20
N LEU B 149 -3.15 -30.36 -0.13
CA LEU B 149 -2.05 -29.96 0.75
C LEU B 149 -0.70 -30.05 0.03
N VAL B 150 -0.46 -31.14 -0.70
CA VAL B 150 0.82 -31.27 -1.40
C VAL B 150 1.04 -30.11 -2.38
N MET B 151 -0.04 -29.56 -2.94
CA MET B 151 0.08 -28.44 -3.87
C MET B 151 0.52 -27.16 -3.18
N LEU B 152 0.50 -27.13 -1.85
CA LEU B 152 0.89 -25.97 -1.07
C LEU B 152 2.37 -26.01 -0.72
N LEU B 156 1.14 -23.76 -5.45
CA LEU B 156 0.14 -22.74 -5.10
C LEU B 156 0.84 -21.47 -4.60
N PRO B 157 1.76 -21.56 -3.63
CA PRO B 157 2.43 -20.31 -3.20
C PRO B 157 3.30 -19.72 -4.30
N THR B 158 3.82 -20.52 -5.22
CA THR B 158 4.59 -19.95 -6.33
C THR B 158 3.70 -19.13 -7.25
N GLY B 159 2.59 -19.70 -7.69
CA GLY B 159 1.65 -18.95 -8.51
C GLY B 159 1.08 -17.73 -7.81
N TYR B 160 0.86 -17.83 -6.50
CA TYR B 160 0.19 -16.76 -5.78
C TYR B 160 1.16 -15.64 -5.46
N GLU B 161 2.28 -15.95 -4.80
CA GLU B 161 3.22 -14.91 -4.45
C GLU B 161 3.85 -14.31 -5.69
N ILE B 162 4.37 -15.15 -6.57
CA ILE B 162 5.19 -14.63 -7.66
C ILE B 162 4.35 -14.19 -8.87
N GLY B 163 3.19 -14.79 -9.10
CA GLY B 163 2.34 -14.35 -10.17
C GLY B 163 1.27 -13.36 -9.74
N VAL B 164 0.34 -13.84 -8.90
CA VAL B 164 -0.85 -13.07 -8.54
C VAL B 164 -0.49 -11.83 -7.72
N LEU B 165 0.30 -12.00 -6.64
CA LEU B 165 0.53 -10.85 -5.75
C LEU B 165 1.53 -9.88 -6.36
N LYS B 166 2.65 -10.38 -6.91
CA LYS B 166 3.57 -9.48 -7.60
C LYS B 166 2.92 -8.89 -8.85
N GLY B 167 1.99 -9.61 -9.47
CA GLY B 167 1.31 -9.03 -10.62
C GLY B 167 0.28 -7.98 -10.27
N LYS B 168 -0.06 -7.85 -8.98
CA LYS B 168 -1.08 -6.92 -8.48
C LYS B 168 -2.45 -7.17 -9.12
N VAL B 169 -2.88 -8.43 -9.10
CA VAL B 169 -4.24 -8.76 -9.53
C VAL B 169 -5.25 -8.15 -8.56
N GLU B 170 -6.28 -7.52 -9.09
CA GLU B 170 -7.29 -6.83 -8.29
C GLU B 170 -8.64 -7.04 -8.95
N PRO B 171 -9.74 -6.89 -8.20
CA PRO B 171 -11.07 -7.13 -8.78
C PRO B 171 -11.33 -6.28 -10.02
N GLY B 172 -11.98 -6.89 -11.00
CA GLY B 172 -12.29 -6.20 -12.23
C GLY B 172 -11.17 -6.11 -13.26
N CYS B 173 -9.94 -6.48 -12.92
CA CYS B 173 -8.84 -6.26 -13.85
C CYS B 173 -8.81 -7.38 -14.91
N SER B 174 -7.99 -7.19 -15.95
CA SER B 174 -7.80 -8.20 -16.99
C SER B 174 -6.46 -8.90 -16.78
N VAL B 175 -6.46 -10.23 -16.79
CA VAL B 175 -5.25 -11.01 -16.57
C VAL B 175 -5.06 -11.98 -17.72
N ALA B 176 -3.82 -12.12 -18.19
CA ALA B 176 -3.43 -13.18 -19.12
C ALA B 176 -2.38 -14.05 -18.45
N ILE B 177 -2.51 -15.36 -18.57
CA ILE B 177 -1.51 -16.27 -18.03
C ILE B 177 -0.87 -17.01 -19.18
N ILE B 178 0.43 -16.81 -19.37
CA ILE B 178 1.13 -17.41 -20.50
C ILE B 178 1.72 -18.73 -20.02
N GLY B 179 1.15 -19.84 -20.47
CA GLY B 179 1.60 -21.14 -20.01
C GLY B 179 0.56 -21.85 -19.16
N SER B 180 -0.02 -22.89 -19.74
CA SER B 180 -1.06 -23.66 -19.09
C SER B 180 -0.51 -24.96 -18.51
N GLY B 181 0.78 -24.98 -18.18
CA GLY B 181 1.33 -26.04 -17.39
C GLY B 181 0.95 -25.90 -15.93
N PRO B 182 1.47 -26.79 -15.09
CA PRO B 182 1.08 -26.77 -13.68
C PRO B 182 1.18 -25.40 -13.01
N VAL B 183 2.32 -24.69 -13.12
CA VAL B 183 2.44 -23.40 -12.44
C VAL B 183 1.40 -22.41 -12.96
N GLY B 184 1.20 -22.37 -14.28
CA GLY B 184 0.20 -21.47 -14.82
C GLY B 184 -1.19 -21.75 -14.28
N LEU B 185 -1.51 -23.03 -14.10
CA LEU B 185 -2.82 -23.41 -13.56
C LEU B 185 -2.96 -23.00 -12.11
N ALA B 186 -1.89 -23.18 -11.32
CA ALA B 186 -1.87 -22.72 -9.94
C ALA B 186 -2.11 -21.21 -9.86
N ALA B 187 -1.45 -20.43 -10.72
CA ALA B 187 -1.69 -18.99 -10.74
C ALA B 187 -3.13 -18.68 -11.16
N LEU B 188 -3.71 -19.51 -12.01
CA LEU B 188 -5.08 -19.30 -12.48
C LEU B 188 -6.10 -19.55 -11.37
N LEU B 189 -5.87 -20.59 -10.55
CA LEU B 189 -6.75 -20.83 -9.42
C LEU B 189 -6.67 -19.68 -8.42
N THR B 190 -5.46 -19.36 -7.97
CA THR B 190 -5.36 -18.40 -6.87
C THR B 190 -5.63 -16.97 -7.31
N ALA B 191 -5.45 -16.64 -8.59
CA ALA B 191 -5.87 -15.34 -9.10
C ALA B 191 -7.36 -15.11 -8.86
N GLN B 192 -8.15 -16.18 -8.78
CA GLN B 192 -9.58 -16.03 -8.58
C GLN B 192 -9.92 -15.54 -7.17
N PHE B 193 -8.97 -15.59 -6.24
CA PHE B 193 -9.21 -14.98 -4.93
C PHE B 193 -9.43 -13.47 -5.05
N TYR B 194 -8.97 -12.86 -6.13
CA TYR B 194 -9.05 -11.42 -6.29
C TYR B 194 -10.03 -11.02 -7.37
N SER B 195 -10.82 -11.97 -7.88
CA SER B 195 -11.97 -11.68 -8.73
C SER B 195 -11.68 -10.83 -9.97
N PRO B 196 -10.66 -11.14 -10.77
CA PRO B 196 -10.45 -10.41 -12.00
C PRO B 196 -11.59 -10.64 -12.98
N ALA B 197 -11.84 -9.64 -13.84
CA ALA B 197 -12.93 -9.77 -14.80
C ALA B 197 -12.54 -10.68 -15.97
N LYS B 198 -11.26 -10.76 -16.31
CA LYS B 198 -10.86 -11.64 -17.39
C LYS B 198 -9.59 -12.39 -16.98
N LEU B 199 -9.61 -13.69 -17.26
CA LEU B 199 -8.53 -14.61 -16.99
C LEU B 199 -8.29 -15.31 -18.32
N ILE B 200 -7.29 -14.85 -19.05
CA ILE B 200 -7.06 -15.29 -20.41
C ILE B 200 -5.90 -16.27 -20.38
N MET B 201 -6.16 -17.55 -20.66
CA MET B 201 -5.08 -18.52 -20.73
C MET B 201 -4.49 -18.59 -22.14
N VAL B 202 -3.17 -18.60 -22.22
CA VAL B 202 -2.43 -18.61 -23.48
C VAL B 202 -1.48 -19.79 -23.47
N ASP B 203 -1.52 -20.60 -24.52
CA ASP B 203 -0.69 -21.80 -24.64
C ASP B 203 -0.73 -22.32 -26.07
N LEU B 204 0.11 -23.31 -26.36
CA LEU B 204 0.13 -23.95 -27.66
C LEU B 204 -0.79 -25.16 -27.76
N ASP B 205 -1.22 -25.72 -26.62
CA ASP B 205 -1.97 -26.98 -26.55
C ASP B 205 -3.43 -26.72 -26.22
N ASP B 206 -4.32 -27.08 -27.14
CA ASP B 206 -5.74 -26.87 -26.88
C ASP B 206 -6.26 -27.69 -25.70
N ASN B 207 -5.71 -28.88 -25.47
CA ASN B 207 -6.16 -29.69 -24.34
C ASN B 207 -5.89 -29.01 -23.01
N ARG B 208 -4.71 -28.39 -22.88
CA ARG B 208 -4.41 -27.63 -21.67
C ARG B 208 -5.25 -26.36 -21.59
N LEU B 209 -5.68 -25.84 -22.72
CA LEU B 209 -6.56 -24.68 -22.68
C LEU B 209 -7.98 -25.08 -22.32
N GLU B 210 -8.40 -26.30 -22.66
CA GLU B 210 -9.71 -26.76 -22.19
C GLU B 210 -9.68 -26.97 -20.68
N THR B 211 -8.58 -27.49 -20.14
CA THR B 211 -8.50 -27.64 -18.69
C THR B 211 -8.52 -26.28 -18.00
N ALA B 212 -7.81 -25.29 -18.56
CA ALA B 212 -7.82 -23.96 -17.98
C ALA B 212 -9.23 -23.40 -17.92
N LEU B 213 -10.00 -23.61 -19.00
CA LEU B 213 -11.40 -23.19 -19.01
C LEU B 213 -12.17 -23.86 -17.87
N SER B 214 -11.96 -25.16 -17.67
CA SER B 214 -12.65 -25.88 -16.60
C SER B 214 -12.14 -25.48 -15.22
N PHE B 215 -10.97 -24.85 -15.14
CA PHE B 215 -10.47 -24.34 -13.87
C PHE B 215 -10.92 -22.92 -13.58
N GLY B 216 -11.75 -22.34 -14.44
CA GLY B 216 -12.24 -21.00 -14.23
C GLY B 216 -11.59 -19.91 -15.05
N ALA B 217 -10.78 -20.24 -16.06
CA ALA B 217 -10.34 -19.21 -16.98
C ALA B 217 -11.52 -18.75 -17.82
N THR B 218 -11.55 -17.47 -18.14
CA THR B 218 -12.68 -16.93 -18.90
C THR B 218 -12.48 -17.03 -20.41
N HIS B 219 -11.24 -16.95 -20.91
CA HIS B 219 -10.99 -17.12 -22.33
C HIS B 219 -9.76 -17.99 -22.51
N LYS B 220 -9.69 -18.66 -23.66
CA LYS B 220 -8.50 -19.35 -24.10
C LYS B 220 -8.01 -18.68 -25.37
N VAL B 221 -6.68 -18.56 -25.51
CA VAL B 221 -6.05 -17.99 -26.69
C VAL B 221 -4.88 -18.90 -27.07
N ASN B 222 -4.92 -19.46 -28.29
CA ASN B 222 -3.86 -20.34 -28.78
C ASN B 222 -2.77 -19.48 -29.41
N SER B 223 -1.54 -19.62 -28.93
CA SER B 223 -0.44 -18.78 -29.36
C SER B 223 0.38 -19.37 -30.52
N SER B 224 -0.15 -20.38 -31.22
CA SER B 224 0.60 -21.00 -32.32
C SER B 224 0.87 -20.01 -33.45
N ASP B 225 -0.01 -19.02 -33.64
CA ASP B 225 0.32 -17.85 -34.45
C ASP B 225 0.41 -16.66 -33.49
N PRO B 226 1.61 -16.27 -33.05
CA PRO B 226 1.70 -15.24 -31.99
C PRO B 226 1.01 -13.95 -32.35
N GLU B 227 1.13 -13.48 -33.61
CA GLU B 227 0.58 -12.17 -33.93
C GLU B 227 -0.94 -12.16 -33.85
N LYS B 228 -1.60 -13.22 -34.34
CA LYS B 228 -3.04 -13.32 -34.20
C LYS B 228 -3.44 -13.36 -32.72
N ALA B 229 -2.72 -14.18 -31.94
CA ALA B 229 -2.91 -14.23 -30.50
C ALA B 229 -2.80 -12.84 -29.87
N ILE B 230 -1.77 -12.07 -30.23
CA ILE B 230 -1.60 -10.73 -29.68
C ILE B 230 -2.80 -9.86 -30.03
N LYS B 231 -3.17 -9.84 -31.32
CA LYS B 231 -4.28 -9.01 -31.75
C LYS B 231 -5.58 -9.45 -31.08
N GLU B 232 -5.76 -10.77 -30.95
CA GLU B 232 -6.93 -11.30 -30.25
C GLU B 232 -7.03 -10.74 -28.84
N ILE B 233 -5.90 -10.66 -28.13
CA ILE B 233 -5.95 -10.22 -26.73
C ILE B 233 -6.20 -8.71 -26.65
N TYR B 234 -5.72 -7.93 -27.63
CA TYR B 234 -6.08 -6.52 -27.66
C TYR B 234 -7.56 -6.33 -27.92
N ASP B 235 -8.17 -7.20 -28.73
CA ASP B 235 -9.60 -7.08 -28.99
C ASP B 235 -10.42 -7.39 -27.75
N LEU B 236 -9.94 -8.34 -26.93
CA LEU B 236 -10.64 -8.64 -25.67
C LEU B 236 -10.54 -7.52 -24.63
N THR B 237 -9.55 -6.64 -24.75
CA THR B 237 -9.28 -5.63 -23.72
C THR B 237 -9.42 -4.21 -24.25
N ASP B 238 -10.40 -4.00 -25.14
CA ASP B 238 -10.72 -2.66 -25.65
C ASP B 238 -9.55 -2.01 -26.36
N GLY B 239 -8.64 -2.81 -26.91
CA GLY B 239 -7.43 -2.25 -27.48
C GLY B 239 -6.43 -1.73 -26.46
N ARG B 240 -6.60 -2.07 -25.19
CA ARG B 240 -5.72 -1.53 -24.17
C ARG B 240 -4.70 -2.53 -23.65
N GLY B 241 -4.89 -3.82 -23.88
CA GLY B 241 -3.98 -4.81 -23.34
C GLY B 241 -4.33 -5.15 -21.90
N VAL B 242 -3.57 -6.08 -21.33
CA VAL B 242 -3.95 -6.64 -20.05
C VAL B 242 -3.27 -5.89 -18.92
N ASP B 243 -3.96 -5.86 -17.77
CA ASP B 243 -3.38 -5.28 -16.57
C ASP B 243 -2.27 -6.15 -15.98
N VAL B 244 -2.34 -7.46 -16.18
CA VAL B 244 -1.43 -8.42 -15.58
C VAL B 244 -1.11 -9.48 -16.63
N ALA B 245 0.16 -9.75 -16.86
CA ALA B 245 0.57 -10.84 -17.75
C ALA B 245 1.51 -11.73 -16.94
N ILE B 246 1.07 -12.94 -16.63
CA ILE B 246 1.82 -13.84 -15.78
C ILE B 246 2.58 -14.82 -16.68
N GLU B 247 3.91 -14.76 -16.62
CA GLU B 247 4.78 -15.57 -17.47
C GLU B 247 5.11 -16.85 -16.72
N ALA B 248 4.57 -17.98 -17.16
CA ALA B 248 4.71 -19.24 -16.44
C ALA B 248 5.31 -20.34 -17.30
N VAL B 249 6.23 -19.99 -18.22
CA VAL B 249 6.91 -20.96 -19.07
C VAL B 249 8.41 -20.84 -18.90
N GLY B 250 8.95 -19.65 -19.10
CA GLY B 250 10.35 -19.39 -18.82
C GLY B 250 11.28 -19.47 -20.02
N ILE B 251 10.81 -19.04 -21.20
CA ILE B 251 11.65 -18.96 -22.39
C ILE B 251 11.50 -17.56 -22.98
N PRO B 252 12.43 -17.15 -23.86
CA PRO B 252 12.37 -15.78 -24.39
C PRO B 252 11.08 -15.48 -25.13
N ALA B 253 10.55 -16.43 -25.87
CA ALA B 253 9.34 -16.13 -26.65
C ALA B 253 8.13 -15.90 -25.75
N THR B 254 8.07 -16.52 -24.59
CA THR B 254 6.92 -16.22 -23.74
C THR B 254 7.09 -14.88 -23.04
N PHE B 255 8.31 -14.53 -22.61
CA PHE B 255 8.55 -13.19 -22.09
C PHE B 255 8.21 -12.13 -23.14
N ASP B 256 8.56 -12.39 -24.40
CA ASP B 256 8.27 -11.42 -25.45
C ASP B 256 6.78 -11.26 -25.66
N PHE B 257 6.04 -12.38 -25.68
CA PHE B 257 4.59 -12.32 -25.80
C PHE B 257 3.98 -11.47 -24.69
N CYS B 258 4.41 -11.70 -23.44
CA CYS B 258 3.92 -10.90 -22.32
C CYS B 258 4.16 -9.42 -22.56
N GLN B 259 5.40 -9.05 -22.89
CA GLN B 259 5.72 -7.63 -23.03
C GLN B 259 5.02 -6.98 -24.20
N LYS B 260 4.44 -7.77 -25.11
CA LYS B 260 3.71 -7.19 -26.23
C LYS B 260 2.22 -7.05 -25.95
N ILE B 261 1.69 -7.79 -24.96
CA ILE B 261 0.27 -7.66 -24.65
C ILE B 261 0.02 -6.79 -23.44
N ILE B 262 1.05 -6.40 -22.70
CA ILE B 262 0.83 -5.71 -21.44
C ILE B 262 0.34 -4.29 -21.72
N GLY B 263 -0.64 -3.84 -20.92
CA GLY B 263 -1.21 -2.53 -21.09
C GLY B 263 -0.56 -1.46 -20.21
N VAL B 264 -0.99 -0.22 -20.43
CA VAL B 264 -0.56 0.91 -19.60
C VAL B 264 -0.85 0.59 -18.13
N ASP B 265 0.17 0.76 -17.29
CA ASP B 265 0.14 0.58 -15.82
C ASP B 265 0.19 -0.89 -15.41
N GLY B 266 0.32 -1.81 -16.35
CA GLY B 266 0.24 -3.22 -16.02
C GLY B 266 1.59 -3.80 -15.59
N THR B 267 1.51 -5.03 -15.10
CA THR B 267 2.69 -5.72 -14.59
C THR B 267 2.87 -7.02 -15.35
N VAL B 268 4.08 -7.25 -15.83
CA VAL B 268 4.51 -8.55 -16.34
C VAL B 268 5.13 -9.28 -15.17
N ALA B 269 4.46 -10.33 -14.69
CA ALA B 269 4.90 -11.10 -13.53
C ALA B 269 5.58 -12.38 -14.02
N ASN B 270 6.88 -12.47 -13.80
CA ASN B 270 7.62 -13.63 -14.24
C ASN B 270 7.81 -14.59 -13.06
N CYS B 271 7.25 -15.80 -13.19
CA CYS B 271 7.51 -16.83 -12.18
C CYS B 271 8.41 -17.95 -12.69
N GLY B 272 8.48 -18.14 -14.01
CA GLY B 272 9.26 -19.23 -14.56
C GLY B 272 10.76 -18.99 -14.43
N VAL B 273 11.47 -20.08 -14.11
CA VAL B 273 12.92 -20.14 -14.27
C VAL B 273 13.28 -19.90 -15.73
N HIS B 274 14.18 -18.95 -15.99
CA HIS B 274 14.72 -18.71 -17.33
C HIS B 274 16.17 -19.17 -17.39
N GLY B 275 16.57 -19.68 -18.56
CA GLY B 275 17.92 -20.13 -18.79
C GLY B 275 18.70 -19.20 -19.68
N LYS B 276 18.03 -18.26 -20.32
CA LYS B 276 18.64 -17.33 -21.27
C LYS B 276 18.21 -15.90 -20.97
N PRO B 277 19.04 -14.92 -21.25
CA PRO B 277 18.58 -13.52 -21.21
C PRO B 277 17.52 -13.28 -22.26
N VAL B 278 16.76 -12.21 -22.10
CA VAL B 278 15.68 -11.91 -23.04
C VAL B 278 15.84 -10.48 -23.53
N GLU B 279 15.28 -10.22 -24.70
CA GLU B 279 15.24 -8.86 -25.23
C GLU B 279 14.04 -8.16 -24.62
N PHE B 280 14.31 -7.03 -23.96
CA PHE B 280 13.31 -6.25 -23.25
C PHE B 280 13.14 -4.95 -24.03
N ASP B 281 11.92 -4.71 -24.53
CA ASP B 281 11.67 -3.62 -25.48
C ASP B 281 11.47 -2.27 -24.80
N LEU B 282 12.50 -1.85 -24.05
CA LEU B 282 12.43 -0.55 -23.36
C LEU B 282 12.23 0.61 -24.32
N ASP B 283 12.60 0.45 -25.60
CA ASP B 283 12.41 1.52 -26.56
C ASP B 283 10.94 1.80 -26.78
N LYS B 284 10.11 0.76 -26.68
CA LYS B 284 8.66 0.90 -26.76
C LYS B 284 8.01 1.11 -25.39
N LEU B 285 8.59 0.53 -24.32
CA LEU B 285 7.88 0.38 -23.05
C LEU B 285 8.29 1.41 -21.99
N TRP B 286 9.34 2.20 -22.23
CA TRP B 286 9.69 3.25 -21.29
C TRP B 286 8.53 4.20 -21.09
N ILE B 287 7.71 4.38 -22.12
CA ILE B 287 6.61 5.34 -22.07
C ILE B 287 5.30 4.73 -21.62
N ARG B 288 5.21 3.41 -21.53
CA ARG B 288 3.94 2.73 -21.27
C ARG B 288 3.64 2.52 -19.80
N ASN B 289 4.53 2.93 -18.89
CA ASN B 289 4.30 2.83 -17.46
C ASN B 289 4.04 1.37 -17.05
N ILE B 290 5.00 0.50 -17.35
CA ILE B 290 4.83 -0.90 -17.03
C ILE B 290 5.86 -1.31 -15.97
N ASN B 291 5.62 -2.48 -15.38
CA ASN B 291 6.49 -3.07 -14.38
C ASN B 291 6.76 -4.51 -14.78
N VAL B 292 7.98 -4.97 -14.54
CA VAL B 292 8.39 -6.36 -14.74
C VAL B 292 8.88 -6.85 -13.40
N THR B 293 8.28 -7.92 -12.88
CA THR B 293 8.69 -8.49 -11.61
C THR B 293 9.23 -9.90 -11.80
N THR B 294 10.15 -10.28 -10.92
CA THR B 294 10.71 -11.63 -10.86
C THR B 294 10.65 -12.09 -9.40
N GLY B 295 11.08 -13.33 -9.18
CA GLY B 295 11.16 -13.82 -7.82
C GLY B 295 11.16 -15.32 -7.64
N LEU B 296 11.83 -15.76 -6.59
CA LEU B 296 11.75 -17.12 -6.08
C LEU B 296 10.72 -17.17 -4.95
N VAL B 297 9.85 -18.19 -4.99
CA VAL B 297 8.78 -18.30 -4.01
C VAL B 297 9.36 -18.28 -2.59
N SER B 298 8.67 -17.59 -1.68
CA SER B 298 9.10 -17.53 -0.29
C SER B 298 8.28 -18.41 0.62
N THR B 299 7.02 -18.64 0.25
CA THR B 299 5.99 -19.37 1.02
C THR B 299 5.64 -18.65 2.32
N ASN B 300 5.85 -17.33 2.37
CA ASN B 300 5.29 -16.58 3.49
C ASN B 300 3.79 -16.42 3.40
N THR B 301 3.17 -16.76 2.27
CA THR B 301 1.72 -16.70 2.18
C THR B 301 1.04 -18.03 2.47
N THR B 302 1.79 -19.11 2.65
CA THR B 302 1.15 -20.40 2.92
C THR B 302 0.10 -20.33 4.04
N PRO B 303 0.36 -19.72 5.21
CA PRO B 303 -0.74 -19.60 6.19
C PRO B 303 -1.97 -18.90 5.64
N GLN B 304 -1.78 -17.81 4.89
CA GLN B 304 -2.94 -17.10 4.36
C GLN B 304 -3.63 -17.92 3.28
N LEU B 305 -2.85 -18.67 2.48
CA LEU B 305 -3.43 -19.57 1.49
C LEU B 305 -4.25 -20.67 2.16
N LEU B 306 -3.78 -21.22 3.27
CA LEU B 306 -4.57 -22.21 3.99
C LEU B 306 -5.92 -21.61 4.39
N LYS B 307 -5.92 -20.36 4.85
CA LYS B 307 -7.17 -19.73 5.28
C LYS B 307 -8.06 -19.38 4.08
N ALA B 308 -7.47 -18.95 2.97
CA ALA B 308 -8.27 -18.60 1.80
C ALA B 308 -8.86 -19.82 1.10
N LEU B 309 -8.33 -21.02 1.39
CA LEU B 309 -8.92 -22.26 0.92
C LEU B 309 -10.16 -22.67 1.71
N GLU B 310 -10.38 -22.06 2.88
CA GLU B 310 -11.62 -22.27 3.62
C GLU B 310 -12.82 -21.80 2.82
N SER B 311 -12.73 -20.59 2.26
CA SER B 311 -13.79 -20.04 1.42
C SER B 311 -14.16 -20.99 0.30
N HIS B 312 -13.31 -21.97 0.01
CA HIS B 312 -13.56 -23.05 -0.94
C HIS B 312 -13.98 -22.53 -2.31
N LYS B 313 -13.60 -21.29 -2.61
CA LYS B 313 -13.83 -20.72 -3.94
C LYS B 313 -13.19 -21.55 -5.03
N ILE B 314 -12.06 -22.18 -4.74
CA ILE B 314 -11.29 -22.95 -5.71
C ILE B 314 -10.94 -24.29 -5.07
N GLU B 315 -10.61 -25.25 -5.93
CA GLU B 315 -10.28 -26.60 -5.49
C GLU B 315 -8.94 -26.98 -6.10
N PRO B 316 -7.83 -26.76 -5.38
CA PRO B 316 -6.51 -27.06 -5.94
C PRO B 316 -6.25 -28.54 -6.18
N GLU B 317 -6.98 -29.43 -5.53
CA GLU B 317 -6.72 -30.86 -5.68
C GLU B 317 -6.94 -31.34 -7.10
N LYS B 318 -7.70 -30.59 -7.91
CA LYS B 318 -7.86 -30.96 -9.32
C LYS B 318 -6.61 -30.70 -10.15
N LEU B 319 -5.55 -30.11 -9.57
CA LEU B 319 -4.23 -30.12 -10.19
C LEU B 319 -3.62 -31.52 -10.26
N VAL B 320 -4.13 -32.47 -9.49
CA VAL B 320 -3.59 -33.83 -9.46
C VAL B 320 -4.41 -34.69 -10.40
N THR B 321 -3.73 -35.34 -11.35
CA THR B 321 -4.39 -36.14 -12.37
C THR B 321 -4.07 -37.63 -12.28
N HIS B 322 -2.94 -38.01 -11.69
CA HIS B 322 -2.47 -39.39 -11.70
C HIS B 322 -1.89 -39.73 -10.33
N TYR B 323 -2.01 -40.99 -9.96
CA TYR B 323 -1.58 -41.48 -8.67
C TYR B 323 -0.59 -42.62 -8.83
N PHE B 324 0.50 -42.57 -8.05
CA PHE B 324 1.53 -43.61 -8.05
C PHE B 324 1.95 -43.91 -6.62
N LYS B 325 2.53 -45.09 -6.44
CA LYS B 325 3.17 -45.46 -5.18
C LYS B 325 4.65 -45.10 -5.23
N LEU B 326 5.24 -44.87 -4.04
CA LEU B 326 6.65 -44.49 -3.98
C LEU B 326 7.54 -45.53 -4.64
N SER B 327 7.21 -46.82 -4.48
CA SER B 327 8.04 -47.88 -5.04
C SER B 327 8.13 -47.79 -6.57
N GLU B 328 7.05 -47.36 -7.22
CA GLU B 328 7.02 -47.18 -8.68
C GLU B 328 7.23 -45.72 -9.08
N ILE B 329 8.17 -45.02 -8.45
CA ILE B 329 8.31 -43.60 -8.71
C ILE B 329 8.90 -43.35 -10.11
N GLU B 330 9.70 -44.29 -10.64
CA GLU B 330 10.15 -44.13 -12.01
C GLU B 330 8.98 -44.08 -12.98
N LYS B 331 7.91 -44.83 -12.69
CA LYS B 331 6.66 -44.73 -13.45
C LYS B 331 6.04 -43.33 -13.32
N ALA B 332 6.07 -42.75 -12.11
CA ALA B 332 5.55 -41.40 -11.94
C ALA B 332 6.33 -40.41 -12.79
N TYR B 333 7.66 -40.48 -12.73
CA TYR B 333 8.51 -39.65 -13.58
C TYR B 333 8.23 -39.90 -15.06
N GLU B 334 7.99 -41.15 -15.43
CA GLU B 334 7.66 -41.49 -16.81
C GLU B 334 6.46 -40.68 -17.29
N VAL B 335 5.38 -40.69 -16.51
CA VAL B 335 4.15 -40.01 -16.90
C VAL B 335 4.33 -38.50 -16.90
N PHE B 336 5.04 -37.95 -15.90
CA PHE B 336 5.13 -36.49 -15.76
C PHE B 336 6.02 -35.85 -16.82
N SER B 337 7.09 -36.51 -17.25
CA SER B 337 7.94 -35.93 -18.27
C SER B 337 7.32 -35.98 -19.65
N LYS B 338 6.28 -36.81 -19.85
CA LYS B 338 5.50 -36.79 -21.08
C LYS B 338 4.07 -36.42 -20.76
N ALA B 339 3.89 -35.32 -20.03
CA ALA B 339 2.60 -34.98 -19.43
C ALA B 339 1.53 -34.80 -20.49
N ALA B 340 1.89 -34.23 -21.65
CA ALA B 340 0.94 -34.02 -22.73
C ALA B 340 0.38 -35.34 -23.26
N ASP B 341 1.24 -36.36 -23.39
CA ASP B 341 0.78 -37.66 -23.88
C ASP B 341 -0.19 -38.33 -22.93
N HIS B 342 -0.18 -37.96 -21.65
CA HIS B 342 -1.00 -38.62 -20.64
C HIS B 342 -2.08 -37.71 -20.09
N HIS B 343 -2.27 -36.53 -20.68
CA HIS B 343 -3.17 -35.50 -20.15
C HIS B 343 -2.92 -35.29 -18.65
N ALA B 344 -1.64 -35.14 -18.30
CA ALA B 344 -1.22 -35.12 -16.89
C ALA B 344 -1.09 -33.71 -16.33
N LYS B 346 -0.25 -32.60 -12.54
CA LYS B 346 0.53 -33.07 -11.39
C LYS B 346 0.20 -34.51 -10.91
N VAL B 347 1.25 -35.23 -10.49
CA VAL B 347 1.12 -36.60 -9.98
C VAL B 347 1.26 -36.56 -8.47
N ILE B 348 0.54 -37.46 -7.80
CA ILE B 348 0.67 -37.65 -6.36
C ILE B 348 1.35 -38.97 -6.12
N ILE B 349 2.43 -38.95 -5.37
CA ILE B 349 3.22 -40.14 -5.05
C ILE B 349 3.00 -40.44 -3.58
N GLU B 350 2.52 -41.66 -3.27
CA GLU B 350 2.19 -42.04 -1.90
C GLU B 350 3.19 -43.06 -1.37
N ASN B 351 3.59 -42.88 -0.11
CA ASN B 351 4.61 -43.72 0.48
C ASN B 351 3.99 -45.07 0.86
N ASP B 352 4.14 -46.07 -0.01
CA ASP B 352 3.71 -47.43 0.29
C ASP B 352 4.77 -48.26 0.98
N ILE B 353 5.94 -47.69 1.25
CA ILE B 353 7.07 -48.49 1.74
C ILE B 353 7.12 -48.45 3.26
N SER B 354 7.24 -47.24 3.83
CA SER B 354 7.35 -47.09 5.28
C SER B 354 6.14 -47.71 5.99
N GLU B 355 6.29 -47.94 7.28
CA GLU B 355 5.20 -48.37 8.13
C GLU B 355 4.94 -47.31 9.18
N ALA B 356 3.69 -47.21 9.64
CA ALA B 356 3.33 -46.21 10.63
C ALA B 356 3.72 -46.66 12.04
N SER C 4 -44.37 22.97 -13.43
CA SER C 4 -44.54 22.38 -12.10
C SER C 4 -44.59 20.85 -12.12
N MET C 5 -44.29 20.22 -10.99
CA MET C 5 -44.17 18.76 -10.89
C MET C 5 -44.47 18.30 -9.47
N LYS C 6 -44.65 17.00 -9.32
CA LYS C 6 -44.83 16.38 -8.02
C LYS C 6 -43.49 15.99 -7.40
N ALA C 7 -43.41 16.07 -6.08
CA ALA C 7 -42.16 15.85 -5.35
C ALA C 7 -42.47 15.55 -3.89
N TYR C 8 -41.58 14.81 -3.25
CA TYR C 8 -41.70 14.50 -1.83
C TYR C 8 -40.71 15.37 -1.08
N THR C 9 -41.22 16.39 -0.38
CA THR C 9 -40.38 17.44 0.18
C THR C 9 -40.35 17.33 1.70
N TYR C 10 -39.21 17.69 2.29
CA TYR C 10 -39.15 17.90 3.72
C TYR C 10 -39.88 19.20 4.08
N VAL C 11 -40.63 19.16 5.17
CA VAL C 11 -41.40 20.33 5.62
C VAL C 11 -40.94 20.75 7.00
N LYS C 12 -41.19 19.92 8.01
CA LYS C 12 -40.80 20.17 9.38
C LYS C 12 -40.32 18.85 9.99
N PRO C 13 -39.74 18.85 11.19
CA PRO C 13 -39.38 17.56 11.81
C PRO C 13 -40.61 16.68 12.01
N GLY C 14 -40.50 15.44 11.53
CA GLY C 14 -41.58 14.49 11.62
C GLY C 14 -42.57 14.53 10.49
N LEU C 15 -42.48 15.50 9.58
CA LEU C 15 -43.41 15.55 8.46
C LEU C 15 -42.68 15.88 7.17
N ALA C 16 -42.81 15.01 6.19
CA ALA C 16 -42.53 15.29 4.78
C ALA C 16 -43.82 15.13 4.01
N SER C 17 -43.93 15.79 2.87
CA SER C 17 -45.23 15.86 2.22
C SER C 17 -45.07 15.83 0.70
N PHE C 18 -46.01 15.17 0.04
CA PHE C 18 -46.03 15.06 -1.43
C PHE C 18 -46.82 16.24 -1.98
N VAL C 19 -46.13 17.16 -2.65
CA VAL C 19 -46.70 18.43 -3.06
C VAL C 19 -46.35 18.71 -4.51
N ASP C 20 -46.78 19.88 -4.99
CA ASP C 20 -46.38 20.42 -6.28
C ASP C 20 -45.29 21.46 -6.08
N VAL C 21 -44.24 21.37 -6.88
CA VAL C 21 -43.17 22.36 -6.92
C VAL C 21 -42.93 22.70 -8.37
N ASP C 22 -42.12 23.73 -8.61
CA ASP C 22 -41.77 24.07 -9.97
C ASP C 22 -40.82 23.01 -10.53
N LYS C 23 -40.97 22.73 -11.83
CA LYS C 23 -40.04 21.84 -12.51
C LYS C 23 -38.67 22.53 -12.58
N PRO C 24 -37.59 21.81 -12.30
CA PRO C 24 -36.27 22.45 -12.29
C PRO C 24 -35.79 22.76 -13.71
N VAL C 25 -34.86 23.72 -13.79
CA VAL C 25 -34.32 24.19 -15.05
C VAL C 25 -32.80 24.24 -14.92
N ILE C 26 -32.12 24.15 -16.06
CA ILE C 26 -30.68 24.34 -16.10
C ILE C 26 -30.31 25.65 -15.41
N ARG C 27 -29.26 25.61 -14.59
CA ARG C 27 -28.71 26.81 -14.00
C ARG C 27 -27.25 27.04 -14.35
N LYS C 28 -26.54 26.01 -14.78
CA LYS C 28 -25.14 26.13 -15.17
C LYS C 28 -24.93 25.27 -16.41
N PRO C 29 -23.95 25.62 -17.25
CA PRO C 29 -23.76 24.85 -18.50
C PRO C 29 -23.37 23.40 -18.25
N THR C 30 -22.88 23.07 -17.07
CA THR C 30 -22.62 21.68 -16.76
C THR C 30 -23.88 21.06 -16.14
N ALA C 32 -27.35 19.07 -16.23
CA ALA C 32 -28.48 18.39 -16.87
C ALA C 32 -29.79 18.35 -16.06
N ILE C 33 -30.89 18.16 -16.79
CA ILE C 33 -32.20 17.88 -16.20
C ILE C 33 -32.56 16.45 -16.55
N VAL C 34 -32.86 15.63 -15.54
CA VAL C 34 -33.13 14.20 -15.71
C VAL C 34 -34.56 13.92 -15.25
N ARG C 35 -35.32 13.18 -16.06
CA ARG C 35 -36.63 12.71 -15.64
C ARG C 35 -36.48 11.40 -14.89
N ILE C 36 -36.97 11.35 -13.66
CA ILE C 36 -36.78 10.18 -12.81
C ILE C 36 -37.71 9.06 -13.27
N VAL C 37 -37.14 7.87 -13.47
CA VAL C 37 -37.89 6.67 -13.82
C VAL C 37 -38.16 5.83 -12.57
N LYS C 38 -37.10 5.50 -11.83
CA LYS C 38 -37.23 4.73 -10.60
C LYS C 38 -36.30 5.31 -9.55
N THR C 39 -36.77 5.28 -8.30
CA THR C 39 -35.96 5.73 -7.19
C THR C 39 -36.25 4.79 -6.02
N THR C 40 -35.66 5.11 -4.88
CA THR C 40 -35.79 4.30 -3.67
C THR C 40 -35.59 5.22 -2.47
N ILE C 41 -35.57 4.63 -1.28
CA ILE C 41 -35.43 5.36 -0.03
C ILE C 41 -34.22 4.82 0.71
N CYS C 42 -33.50 5.72 1.36
CA CYS C 42 -32.31 5.39 2.12
C CYS C 42 -32.55 5.64 3.60
N GLY C 43 -31.81 4.94 4.45
CA GLY C 43 -31.97 5.18 5.88
C GLY C 43 -31.81 6.65 6.22
N THR C 44 -30.92 7.35 5.51
CA THR C 44 -30.68 8.76 5.75
C THR C 44 -31.90 9.62 5.44
N ASP C 45 -32.71 9.23 4.46
CA ASP C 45 -33.95 9.97 4.20
C ASP C 45 -34.84 9.98 5.44
N LEU C 46 -34.87 8.87 6.18
CA LEU C 46 -35.64 8.80 7.41
C LEU C 46 -35.09 9.76 8.46
N HIS C 47 -33.75 9.83 8.58
CA HIS C 47 -33.13 10.74 9.54
C HIS C 47 -33.39 12.20 9.21
N ILE C 48 -33.40 12.55 7.91
CA ILE C 48 -33.72 13.92 7.54
C ILE C 48 -35.14 14.26 7.96
N ILE C 49 -36.08 13.31 7.79
CA ILE C 49 -37.47 13.61 8.12
C ILE C 49 -37.66 13.69 9.63
N LYS C 50 -36.91 12.87 10.38
CA LYS C 50 -36.93 13.02 11.83
C LYS C 50 -36.53 14.44 12.22
N GLY C 51 -35.41 14.91 11.70
CA GLY C 51 -34.90 16.22 12.05
C GLY C 51 -33.49 16.09 12.60
N ASP C 52 -32.92 14.90 12.43
CA ASP C 52 -31.56 14.63 12.86
C ASP C 52 -30.52 15.09 11.86
N VAL C 53 -30.93 15.55 10.68
CA VAL C 53 -30.03 16.15 9.71
C VAL C 53 -30.38 17.63 9.63
N PRO C 54 -29.64 18.50 10.34
CA PRO C 54 -30.07 19.89 10.50
C PRO C 54 -29.80 20.70 9.25
N THR C 55 -28.72 20.34 8.54
CA THR C 55 -28.23 21.06 7.37
C THR C 55 -29.14 20.92 6.15
N CYS C 56 -30.26 20.21 6.28
CA CYS C 56 -31.24 20.11 5.20
C CYS C 56 -32.27 21.22 5.38
N GLN C 57 -32.32 22.16 4.43
CA GLN C 57 -33.27 23.26 4.51
C GLN C 57 -34.70 22.74 4.36
N SER C 58 -35.65 23.57 4.78
CA SER C 58 -37.06 23.24 4.59
C SER C 58 -37.44 23.39 3.13
N GLY C 59 -38.42 22.59 2.71
CA GLY C 59 -38.83 22.52 1.31
C GLY C 59 -37.94 21.69 0.41
N THR C 60 -36.83 21.15 0.92
CA THR C 60 -35.88 20.40 0.11
C THR C 60 -36.46 19.03 -0.27
N ILE C 61 -36.53 18.76 -1.57
CA ILE C 61 -36.95 17.44 -2.05
C ILE C 61 -35.96 16.40 -1.57
N LEU C 62 -36.49 15.27 -1.08
CA LEU C 62 -35.71 14.20 -0.48
C LEU C 62 -35.21 13.19 -1.51
N GLY C 63 -34.26 12.37 -1.07
CA GLY C 63 -33.80 11.20 -1.80
C GLY C 63 -32.60 11.47 -2.69
N HIS C 64 -31.73 10.46 -2.82
CA HIS C 64 -30.49 10.61 -3.58
C HIS C 64 -30.12 9.33 -4.30
N GLU C 65 -31.09 8.57 -4.80
CA GLU C 65 -30.81 7.36 -5.56
C GLU C 65 -31.80 7.24 -6.70
N GLY C 66 -31.37 6.71 -7.83
CA GLY C 66 -32.32 6.35 -8.87
C GLY C 66 -31.73 6.37 -10.27
N ILE C 67 -32.61 6.06 -11.23
CA ILE C 67 -32.26 6.04 -12.64
C ILE C 67 -33.28 6.90 -13.38
N GLY C 68 -32.91 7.33 -14.57
CA GLY C 68 -33.86 8.15 -15.29
C GLY C 68 -33.47 8.36 -16.73
N ILE C 69 -34.17 9.29 -17.36
CA ILE C 69 -33.97 9.64 -18.76
C ILE C 69 -33.59 11.11 -18.87
N VAL C 70 -32.48 11.38 -19.56
CA VAL C 70 -32.02 12.75 -19.78
C VAL C 70 -33.05 13.54 -20.56
N GLU C 71 -33.48 14.68 -20.01
CA GLU C 71 -34.43 15.60 -20.65
C GLU C 71 -33.77 16.81 -21.30
N GLU C 72 -32.66 17.31 -20.74
CA GLU C 72 -32.00 18.50 -21.26
C GLU C 72 -30.62 18.60 -20.62
N VAL C 73 -29.62 18.95 -21.41
CA VAL C 73 -28.26 19.16 -20.91
C VAL C 73 -27.84 20.60 -21.19
N GLY C 74 -27.02 21.15 -20.29
CA GLY C 74 -26.38 22.42 -20.52
C GLY C 74 -25.32 22.33 -21.61
N GLU C 75 -24.83 23.50 -22.03
CA GLU C 75 -23.93 23.55 -23.18
C GLU C 75 -22.56 22.96 -22.89
N GLY C 76 -22.15 22.90 -21.63
CA GLY C 76 -20.90 22.27 -21.32
C GLY C 76 -20.96 20.78 -21.11
N VAL C 77 -22.08 20.13 -21.43
CA VAL C 77 -22.26 18.69 -21.23
C VAL C 77 -21.99 17.99 -22.55
N SER C 78 -21.01 17.09 -22.56
CA SER C 78 -20.51 16.53 -23.80
C SER C 78 -20.73 15.02 -23.94
N ASN C 79 -21.09 14.31 -22.87
CA ASN C 79 -21.21 12.87 -22.95
C ASN C 79 -22.65 12.37 -22.79
N PHE C 80 -23.61 13.26 -22.59
CA PHE C 80 -25.00 12.89 -22.42
C PHE C 80 -25.87 13.88 -23.19
N LYS C 81 -27.00 13.38 -23.67
CA LYS C 81 -27.93 14.16 -24.47
C LYS C 81 -29.34 13.68 -24.16
N LYS C 82 -30.33 14.46 -24.62
CA LYS C 82 -31.73 14.12 -24.40
C LYS C 82 -32.04 12.70 -24.84
N GLY C 83 -32.86 12.01 -24.05
CA GLY C 83 -33.27 10.65 -24.35
C GLY C 83 -32.39 9.54 -23.81
N ASP C 84 -31.22 9.87 -23.24
CA ASP C 84 -30.34 8.83 -22.72
C ASP C 84 -30.87 8.28 -21.41
N LYS C 85 -30.82 6.95 -21.28
CA LYS C 85 -31.18 6.26 -20.04
C LYS C 85 -29.95 6.25 -19.16
N VAL C 86 -30.07 6.75 -17.93
CA VAL C 86 -28.91 6.97 -17.08
C VAL C 86 -29.17 6.51 -15.66
N LEU C 87 -28.09 6.17 -14.99
CA LEU C 87 -28.00 6.00 -13.56
C LEU C 87 -27.47 7.30 -12.96
N ILE C 88 -28.05 7.75 -11.85
CA ILE C 88 -27.60 8.98 -11.20
C ILE C 88 -26.87 8.62 -9.91
N SER C 89 -25.60 9.00 -9.82
CA SER C 89 -24.83 8.77 -8.61
C SER C 89 -25.38 9.66 -7.49
N CYS C 90 -25.37 9.15 -6.26
CA CYS C 90 -25.78 9.96 -5.12
C CYS C 90 -24.81 11.10 -4.84
N VAL C 91 -23.62 11.08 -5.42
CA VAL C 91 -22.57 12.07 -5.21
C VAL C 91 -22.31 12.83 -6.51
N CYS C 92 -22.28 14.16 -6.44
CA CYS C 92 -21.88 15.00 -7.57
C CYS C 92 -20.40 15.33 -7.48
N ALA C 93 -19.74 15.44 -8.64
CA ALA C 93 -18.29 15.59 -8.68
C ALA C 93 -17.91 16.57 -9.79
N CYS C 94 -17.20 17.64 -9.43
CA CYS C 94 -16.82 18.62 -10.46
C CYS C 94 -15.67 18.11 -11.34
N GLY C 95 -14.83 17.22 -10.83
CA GLY C 95 -13.71 16.69 -11.57
C GLY C 95 -12.44 17.51 -11.53
N LYS C 96 -12.40 18.65 -10.82
CA LYS C 96 -11.29 19.60 -10.92
C LYS C 96 -10.71 20.11 -9.61
N CYS C 97 -11.40 20.01 -8.48
CA CYS C 97 -10.99 20.71 -7.27
C CYS C 97 -9.91 19.94 -6.52
N TYR C 98 -9.64 20.40 -5.29
CA TYR C 98 -8.57 19.83 -4.44
C TYR C 98 -8.79 18.35 -4.13
N TYR C 99 -10.04 17.89 -4.12
CA TYR C 99 -10.35 16.50 -3.74
C TYR C 99 -10.77 15.64 -4.91
N CYS C 100 -11.28 16.23 -5.99
CA CYS C 100 -11.70 15.43 -7.14
C CYS C 100 -10.51 14.85 -7.90
N LYS C 101 -9.37 15.54 -7.95
CA LYS C 101 -8.21 14.95 -8.59
C LYS C 101 -7.72 13.73 -7.81
N LYS C 102 -7.91 13.73 -6.48
CA LYS C 102 -7.56 12.59 -5.64
C LYS C 102 -8.54 11.43 -5.77
N GLY C 103 -9.65 11.59 -6.50
CA GLY C 103 -10.68 10.56 -6.56
C GLY C 103 -11.62 10.54 -5.36
N ILE C 104 -11.54 11.52 -4.47
CA ILE C 104 -12.40 11.61 -3.30
C ILE C 104 -13.57 12.53 -3.63
N TYR C 105 -14.46 12.06 -4.49
CA TYR C 105 -15.57 12.90 -4.94
C TYR C 105 -16.49 13.28 -3.79
N ALA C 106 -16.46 12.52 -2.69
CA ALA C 106 -17.27 12.82 -1.51
C ALA C 106 -17.03 14.22 -0.96
N HIS C 107 -15.86 14.80 -1.20
CA HIS C 107 -15.51 16.11 -0.66
C HIS C 107 -15.20 17.12 -1.75
N CYS C 108 -15.81 16.94 -2.91
CA CYS C 108 -15.73 17.94 -3.96
C CYS C 108 -16.10 19.32 -3.41
N GLU C 109 -15.34 20.33 -3.81
CA GLU C 109 -15.53 21.66 -3.24
C GLU C 109 -16.31 22.60 -4.16
N ASP C 110 -16.78 22.12 -5.32
CA ASP C 110 -17.49 22.94 -6.31
C ASP C 110 -18.86 22.32 -6.59
N GLU C 111 -19.83 22.64 -5.73
CA GLU C 111 -21.17 22.06 -5.77
C GLU C 111 -21.10 20.55 -6.04
N GLY C 112 -20.36 19.86 -5.17
CA GLY C 112 -20.12 18.45 -5.32
C GLY C 112 -20.26 17.74 -3.99
N GLY C 113 -19.86 16.47 -3.94
CA GLY C 113 -20.10 15.64 -2.78
C GLY C 113 -21.53 15.16 -2.75
N TRP C 114 -21.97 14.73 -1.57
CA TRP C 114 -23.36 14.29 -1.40
C TRP C 114 -24.25 15.49 -1.07
N ILE C 115 -25.03 15.94 -2.05
CA ILE C 115 -25.91 17.09 -1.87
C ILE C 115 -27.35 16.82 -2.28
N PHE C 116 -27.63 15.82 -3.12
CA PHE C 116 -29.01 15.47 -3.49
C PHE C 116 -29.91 15.21 -2.29
N ILE C 120 -29.13 20.14 -2.17
CA ILE C 120 -30.06 20.45 -3.25
C ILE C 120 -31.24 19.47 -3.29
N ASP C 121 -32.24 19.80 -4.12
CA ASP C 121 -33.40 18.95 -4.32
C ASP C 121 -32.98 17.54 -4.71
N GLY C 122 -33.63 16.54 -4.11
CA GLY C 122 -33.29 15.16 -4.35
C GLY C 122 -34.09 14.50 -5.45
N MET C 123 -34.14 13.17 -5.40
CA MET C 123 -34.62 12.37 -6.53
C MET C 123 -36.02 11.80 -6.38
N GLN C 124 -36.70 12.06 -5.26
CA GLN C 124 -38.06 11.54 -5.09
C GLN C 124 -39.05 12.57 -5.63
N ALA C 125 -38.96 12.79 -6.93
CA ALA C 125 -39.77 13.78 -7.62
C ALA C 125 -39.83 13.41 -9.09
N GLU C 126 -40.63 14.17 -9.86
CA GLU C 126 -40.76 13.86 -11.28
C GLU C 126 -39.45 14.16 -12.04
N TYR C 127 -38.80 15.28 -11.72
CA TYR C 127 -37.60 15.71 -12.44
C TYR C 127 -36.56 16.18 -11.44
N LEU C 128 -35.31 16.18 -11.88
CA LEU C 128 -34.18 16.46 -11.00
C LEU C 128 -33.12 17.23 -11.77
N ARG C 129 -32.64 18.33 -11.18
CA ARG C 129 -31.43 18.97 -11.69
C ARG C 129 -30.23 18.19 -11.18
N VAL C 130 -29.35 17.81 -12.10
CA VAL C 130 -28.14 17.07 -11.80
C VAL C 130 -26.96 17.99 -12.10
N PRO C 131 -26.22 18.45 -11.09
CA PRO C 131 -24.98 19.20 -11.36
C PRO C 131 -23.87 18.27 -11.84
N HIS C 132 -22.96 18.83 -12.63
CA HIS C 132 -21.79 18.11 -13.17
C HIS C 132 -22.19 16.76 -13.80
N ALA C 133 -23.11 16.83 -14.76
CA ALA C 133 -23.76 15.61 -15.24
C ALA C 133 -22.81 14.68 -15.97
N ASP C 134 -21.79 15.21 -16.65
CA ASP C 134 -20.81 14.35 -17.29
C ASP C 134 -20.06 13.50 -16.28
N ASN C 135 -20.03 13.93 -15.01
CA ASN C 135 -19.34 13.21 -13.96
C ASN C 135 -20.28 12.51 -13.00
N THR C 136 -21.58 12.75 -13.09
CA THR C 136 -22.55 12.25 -12.13
C THR C 136 -23.52 11.23 -12.73
N LEU C 137 -23.72 11.25 -14.04
CA LEU C 137 -24.56 10.28 -14.74
C LEU C 137 -23.70 9.16 -15.33
N TYR C 138 -24.35 8.03 -15.56
CA TYR C 138 -23.71 6.86 -16.19
C TYR C 138 -24.71 6.24 -17.12
N HIS C 139 -24.30 5.97 -18.36
CA HIS C 139 -25.13 5.21 -19.28
C HIS C 139 -25.33 3.80 -18.71
N THR C 140 -26.55 3.31 -18.79
CA THR C 140 -26.81 1.99 -18.22
C THR C 140 -26.86 0.94 -19.31
N PRO C 141 -26.16 -0.18 -19.15
CA PRO C 141 -26.25 -1.25 -20.15
C PRO C 141 -27.66 -1.81 -20.20
N GLU C 142 -28.06 -2.27 -21.38
CA GLU C 142 -29.45 -2.62 -21.65
C GLU C 142 -29.85 -3.99 -21.14
N ASP C 143 -28.90 -4.82 -20.68
CA ASP C 143 -29.26 -6.13 -20.17
C ASP C 143 -29.58 -6.14 -18.68
N LEU C 144 -29.34 -5.05 -17.96
CA LEU C 144 -29.44 -5.03 -16.50
C LEU C 144 -30.82 -4.57 -16.07
N SER C 145 -31.33 -5.15 -14.98
CA SER C 145 -32.65 -4.77 -14.51
C SER C 145 -32.58 -3.44 -13.75
N ASP C 146 -33.71 -2.74 -13.73
CA ASP C 146 -33.76 -1.44 -13.04
C ASP C 146 -33.50 -1.60 -11.54
N GLU C 147 -34.07 -2.65 -10.94
CA GLU C 147 -33.86 -2.89 -9.50
C GLU C 147 -32.37 -2.94 -9.18
N ALA C 148 -31.61 -3.70 -9.97
CA ALA C 148 -30.16 -3.78 -9.80
C ALA C 148 -29.49 -2.44 -9.98
N LEU C 149 -29.89 -1.67 -11.00
CA LEU C 149 -29.15 -0.45 -11.34
C LEU C 149 -29.29 0.59 -10.23
N VAL C 150 -30.50 0.72 -9.66
CA VAL C 150 -30.75 1.72 -8.62
C VAL C 150 -29.87 1.47 -7.40
N MET C 151 -29.55 0.21 -7.12
CA MET C 151 -28.65 -0.11 -6.01
C MET C 151 -27.26 0.48 -6.21
N LEU C 152 -26.91 0.81 -7.44
CA LEU C 152 -25.64 1.47 -7.72
C LEU C 152 -25.66 2.97 -7.46
N LEU C 156 -24.51 0.14 -2.74
CA LEU C 156 -23.47 -0.76 -3.31
C LEU C 156 -22.09 -0.11 -3.34
N PRO C 157 -21.94 1.08 -3.92
CA PRO C 157 -20.61 1.73 -3.78
C PRO C 157 -20.30 2.07 -2.32
N THR C 158 -21.32 2.31 -1.50
CA THR C 158 -21.10 2.59 -0.07
C THR C 158 -20.54 1.36 0.64
N GLY C 159 -21.25 0.24 0.54
CA GLY C 159 -20.73 -0.99 1.11
C GLY C 159 -19.33 -1.33 0.63
N TYR C 160 -19.08 -1.15 -0.66
CA TYR C 160 -17.79 -1.54 -1.24
C TYR C 160 -16.68 -0.60 -0.81
N GLU C 161 -16.86 0.70 -1.05
CA GLU C 161 -15.81 1.69 -0.79
C GLU C 161 -15.61 1.91 0.70
N ILE C 162 -16.69 2.10 1.43
CA ILE C 162 -16.56 2.50 2.82
C ILE C 162 -16.43 1.28 3.72
N GLY C 163 -17.07 0.16 3.36
CA GLY C 163 -16.98 -1.05 4.16
C GLY C 163 -15.85 -1.97 3.76
N VAL C 164 -15.90 -2.49 2.53
CA VAL C 164 -14.96 -3.52 2.11
C VAL C 164 -13.56 -2.94 1.89
N LEU C 165 -13.44 -1.87 1.11
CA LEU C 165 -12.12 -1.35 0.74
C LEU C 165 -11.45 -0.65 1.92
N LYS C 166 -12.18 0.25 2.61
CA LYS C 166 -11.59 0.84 3.80
C LYS C 166 -11.36 -0.22 4.88
N GLY C 167 -12.17 -1.29 4.90
CA GLY C 167 -11.96 -2.41 5.81
C GLY C 167 -10.72 -3.25 5.51
N LYS C 168 -10.21 -3.17 4.28
CA LYS C 168 -9.05 -3.95 3.84
C LYS C 168 -9.30 -5.45 3.90
N VAL C 169 -10.52 -5.87 3.53
CA VAL C 169 -10.79 -7.28 3.30
C VAL C 169 -9.75 -7.84 2.36
N GLU C 170 -9.26 -9.03 2.67
CA GLU C 170 -8.25 -9.69 1.83
C GLU C 170 -8.53 -11.18 1.86
N PRO C 171 -8.00 -11.93 0.88
CA PRO C 171 -8.29 -13.37 0.85
C PRO C 171 -7.90 -14.07 2.15
N GLY C 172 -8.80 -14.92 2.63
CA GLY C 172 -8.56 -15.68 3.83
C GLY C 172 -8.88 -15.00 5.14
N CYS C 173 -9.18 -13.69 5.15
CA CYS C 173 -9.41 -13.00 6.41
C CYS C 173 -10.80 -13.33 6.97
N SER C 174 -11.06 -12.86 8.18
CA SER C 174 -12.37 -13.03 8.80
C SER C 174 -13.03 -11.67 8.91
N VAL C 175 -14.27 -11.60 8.44
CA VAL C 175 -15.05 -10.37 8.38
C VAL C 175 -16.35 -10.60 9.15
N ALA C 176 -16.71 -9.63 9.99
CA ALA C 176 -18.03 -9.54 10.61
C ALA C 176 -18.72 -8.31 10.06
N ILE C 177 -20.00 -8.44 9.71
CA ILE C 177 -20.79 -7.29 9.32
C ILE C 177 -21.90 -7.10 10.36
N ILE C 178 -21.87 -5.97 11.05
CA ILE C 178 -22.83 -5.69 12.13
C ILE C 178 -23.99 -4.93 11.51
N GLY C 179 -25.15 -5.55 11.44
CA GLY C 179 -26.28 -4.96 10.77
C GLY C 179 -26.53 -5.61 9.43
N SER C 180 -27.62 -6.34 9.31
CA SER C 180 -27.95 -7.01 8.05
C SER C 180 -29.05 -6.26 7.31
N GLY C 181 -28.88 -4.94 7.20
CA GLY C 181 -29.76 -4.10 6.42
C GLY C 181 -29.17 -3.85 5.04
N PRO C 182 -29.70 -2.86 4.33
CA PRO C 182 -29.26 -2.62 2.95
C PRO C 182 -27.76 -2.46 2.81
N VAL C 183 -27.13 -1.61 3.61
CA VAL C 183 -25.71 -1.34 3.40
C VAL C 183 -24.88 -2.54 3.85
N GLY C 184 -25.29 -3.20 4.93
CA GLY C 184 -24.63 -4.43 5.34
C GLY C 184 -24.68 -5.49 4.26
N LEU C 185 -25.86 -5.71 3.67
CA LEU C 185 -25.98 -6.70 2.61
C LEU C 185 -25.18 -6.30 1.38
N ALA C 186 -25.12 -4.99 1.06
CA ALA C 186 -24.29 -4.54 -0.05
C ALA C 186 -22.83 -4.84 0.23
N ALA C 187 -22.37 -4.55 1.45
CA ALA C 187 -21.00 -4.91 1.82
C ALA C 187 -20.79 -6.42 1.79
N LEU C 188 -21.81 -7.20 2.15
CA LEU C 188 -21.71 -8.65 2.06
C LEU C 188 -21.46 -9.10 0.61
N LEU C 189 -22.24 -8.57 -0.33
CA LEU C 189 -22.12 -8.97 -1.71
C LEU C 189 -20.74 -8.62 -2.26
N THR C 190 -20.25 -7.42 -1.97
CA THR C 190 -19.01 -6.99 -2.61
C THR C 190 -17.77 -7.46 -1.86
N ALA C 191 -17.91 -7.87 -0.60
CA ALA C 191 -16.77 -8.46 0.09
C ALA C 191 -16.32 -9.76 -0.58
N GLN C 192 -17.24 -10.45 -1.27
CA GLN C 192 -16.89 -11.67 -1.98
C GLN C 192 -15.78 -11.45 -3.00
N PHE C 193 -15.64 -10.21 -3.50
CA PHE C 193 -14.56 -9.87 -4.42
C PHE C 193 -13.22 -10.28 -3.90
N TYR C 194 -13.03 -10.29 -2.58
CA TYR C 194 -11.71 -10.51 -1.99
C TYR C 194 -11.61 -11.85 -1.26
N SER C 195 -12.56 -12.77 -1.49
CA SER C 195 -12.54 -14.13 -0.98
C SER C 195 -12.14 -14.23 0.51
N PRO C 196 -12.87 -13.57 1.42
CA PRO C 196 -12.61 -13.80 2.85
C PRO C 196 -12.96 -15.23 3.22
N ALA C 197 -12.32 -15.72 4.29
CA ALA C 197 -12.61 -17.06 4.79
C ALA C 197 -13.95 -17.10 5.52
N LYS C 198 -14.25 -16.05 6.28
CA LYS C 198 -15.48 -15.98 7.07
C LYS C 198 -16.18 -14.66 6.80
N LEU C 199 -17.48 -14.73 6.54
CA LEU C 199 -18.39 -13.60 6.44
C LEU C 199 -19.46 -13.81 7.51
N ILE C 200 -19.27 -13.21 8.67
CA ILE C 200 -20.14 -13.43 9.83
C ILE C 200 -21.13 -12.27 9.89
N MET C 201 -22.40 -12.54 9.62
CA MET C 201 -23.41 -11.49 9.71
C MET C 201 -23.94 -11.41 11.15
N VAL C 202 -23.97 -10.20 11.70
CA VAL C 202 -24.45 -9.98 13.06
C VAL C 202 -25.69 -9.11 13.01
N ASP C 203 -26.76 -9.54 13.67
CA ASP C 203 -27.98 -8.74 13.72
C ASP C 203 -28.85 -9.26 14.87
N LEU C 204 -29.96 -8.57 15.10
CA LEU C 204 -30.93 -8.99 16.11
C LEU C 204 -32.03 -9.87 15.53
N ASP C 205 -32.39 -9.69 14.26
CA ASP C 205 -33.53 -10.35 13.66
C ASP C 205 -33.06 -11.60 12.91
N ASP C 206 -33.58 -12.77 13.32
CA ASP C 206 -33.11 -14.01 12.71
C ASP C 206 -33.56 -14.13 11.25
N ASN C 207 -34.70 -13.56 10.89
CA ASN C 207 -35.09 -13.52 9.48
C ASN C 207 -34.08 -12.75 8.64
N ARG C 208 -33.58 -11.64 9.17
CA ARG C 208 -32.57 -10.88 8.43
C ARG C 208 -31.24 -11.62 8.36
N LEU C 209 -30.91 -12.41 9.39
CA LEU C 209 -29.71 -13.23 9.33
C LEU C 209 -29.88 -14.33 8.29
N GLU C 210 -31.08 -14.88 8.17
CA GLU C 210 -31.32 -15.95 7.19
C GLU C 210 -31.22 -15.40 5.78
N THR C 211 -31.73 -14.20 5.56
CA THR C 211 -31.50 -13.49 4.30
C THR C 211 -30.01 -13.40 4.00
N ALA C 212 -29.22 -12.95 4.98
CA ALA C 212 -27.79 -12.73 4.75
C ALA C 212 -27.07 -14.04 4.39
N LEU C 213 -27.48 -15.14 5.02
CA LEU C 213 -26.93 -16.45 4.66
C LEU C 213 -27.22 -16.77 3.21
N SER C 214 -28.42 -16.42 2.73
CA SER C 214 -28.79 -16.70 1.35
C SER C 214 -28.00 -15.84 0.37
N PHE C 215 -27.45 -14.73 0.84
CA PHE C 215 -26.60 -13.86 0.05
C PHE C 215 -25.13 -14.23 0.18
N GLY C 216 -24.79 -15.37 0.77
CA GLY C 216 -23.42 -15.81 0.86
C GLY C 216 -22.69 -15.55 2.17
N ALA C 217 -23.35 -15.03 3.20
CA ALA C 217 -22.71 -15.01 4.51
C ALA C 217 -22.43 -16.44 4.93
N THR C 218 -21.28 -16.66 5.58
CA THR C 218 -20.90 -18.01 6.01
C THR C 218 -21.45 -18.38 7.38
N HIS C 219 -21.66 -17.39 8.26
CA HIS C 219 -22.17 -17.62 9.61
C HIS C 219 -23.12 -16.50 9.99
N LYS C 220 -24.07 -16.82 10.86
CA LYS C 220 -24.95 -15.82 11.45
C LYS C 220 -24.77 -15.88 12.96
N VAL C 221 -24.78 -14.71 13.58
CA VAL C 221 -24.61 -14.55 15.03
C VAL C 221 -25.68 -13.57 15.49
N ASN C 222 -26.58 -14.02 16.33
CA ASN C 222 -27.64 -13.16 16.83
C ASN C 222 -27.12 -12.37 18.02
N SER C 223 -27.23 -11.05 17.96
CA SER C 223 -26.65 -10.16 18.96
C SER C 223 -27.66 -9.74 20.03
N SER C 224 -28.81 -10.40 20.11
CA SER C 224 -29.81 -10.05 21.13
C SER C 224 -29.17 -10.02 22.52
N ASP C 225 -28.40 -11.03 22.83
CA ASP C 225 -27.52 -11.08 24.00
C ASP C 225 -26.12 -10.76 23.50
N PRO C 226 -25.67 -9.48 23.56
CA PRO C 226 -24.42 -9.13 22.88
C PRO C 226 -23.19 -9.77 23.51
N GLU C 227 -23.14 -9.88 24.84
CA GLU C 227 -21.94 -10.48 25.43
C GLU C 227 -21.80 -11.95 25.04
N LYS C 228 -22.92 -12.65 24.87
CA LYS C 228 -22.84 -14.02 24.36
C LYS C 228 -22.40 -14.02 22.91
N ALA C 229 -23.00 -13.14 22.10
CA ALA C 229 -22.62 -13.07 20.70
C ALA C 229 -21.15 -12.72 20.52
N ILE C 230 -20.59 -11.89 21.39
CA ILE C 230 -19.18 -11.54 21.29
C ILE C 230 -18.31 -12.78 21.50
N LYS C 231 -18.64 -13.58 22.52
CA LYS C 231 -17.92 -14.82 22.76
C LYS C 231 -17.98 -15.74 21.54
N GLU C 232 -19.17 -15.87 20.96
CA GLU C 232 -19.37 -16.70 19.76
C GLU C 232 -18.49 -16.24 18.59
N ILE C 233 -18.23 -14.95 18.47
CA ILE C 233 -17.36 -14.51 17.40
C ILE C 233 -15.92 -14.82 17.71
N TYR C 234 -15.49 -14.68 18.97
CA TYR C 234 -14.13 -15.11 19.31
C TYR C 234 -13.96 -16.61 19.11
N ASP C 235 -15.01 -17.40 19.33
CA ASP C 235 -14.91 -18.84 19.10
C ASP C 235 -14.81 -19.14 17.62
N LEU C 236 -15.40 -18.30 16.77
CA LEU C 236 -15.27 -18.52 15.34
C LEU C 236 -13.90 -18.13 14.80
N THR C 237 -13.09 -17.41 15.56
CA THR C 237 -11.84 -16.85 15.08
C THR C 237 -10.66 -17.28 15.93
N ASP C 238 -10.76 -18.48 16.53
CA ASP C 238 -9.69 -19.09 17.31
C ASP C 238 -9.32 -18.24 18.53
N GLY C 239 -10.27 -17.48 19.06
CA GLY C 239 -9.93 -16.59 20.17
C GLY C 239 -9.17 -15.33 19.79
N ARG C 240 -9.03 -15.02 18.51
CA ARG C 240 -8.28 -13.83 18.12
C ARG C 240 -9.14 -12.64 17.72
N GLY C 241 -10.42 -12.86 17.42
CA GLY C 241 -11.26 -11.81 16.89
C GLY C 241 -11.17 -11.74 15.38
N VAL C 242 -11.99 -10.84 14.80
CA VAL C 242 -12.10 -10.71 13.34
C VAL C 242 -11.07 -9.73 12.82
N ASP C 243 -10.70 -9.88 11.54
CA ASP C 243 -9.77 -8.94 10.91
C ASP C 243 -10.47 -7.66 10.50
N VAL C 244 -11.75 -7.73 10.18
CA VAL C 244 -12.51 -6.59 9.69
C VAL C 244 -13.87 -6.66 10.35
N ALA C 245 -14.33 -5.55 10.91
CA ALA C 245 -15.68 -5.45 11.45
C ALA C 245 -16.35 -4.25 10.79
N ILE C 246 -17.37 -4.51 9.99
CA ILE C 246 -18.04 -3.45 9.24
C ILE C 246 -19.26 -3.01 10.04
N GLU C 247 -19.26 -1.76 10.50
CA GLU C 247 -20.38 -1.20 11.25
C GLU C 247 -21.37 -0.61 10.25
N ALA C 248 -22.50 -1.27 10.07
CA ALA C 248 -23.47 -0.83 9.08
C ALA C 248 -24.85 -0.49 9.70
N VAL C 249 -24.86 0.16 10.87
CA VAL C 249 -26.11 0.50 11.57
C VAL C 249 -26.08 1.95 12.04
N GLY C 250 -25.02 2.36 12.73
CA GLY C 250 -24.83 3.74 13.07
C GLY C 250 -25.28 4.19 14.46
N ILE C 251 -25.29 3.30 15.45
CA ILE C 251 -25.64 3.68 16.83
C ILE C 251 -24.47 3.35 17.72
N PRO C 252 -24.45 3.83 18.97
CA PRO C 252 -23.28 3.51 19.82
C PRO C 252 -23.17 2.02 20.14
N ALA C 253 -24.29 1.33 20.32
CA ALA C 253 -24.23 -0.09 20.69
C ALA C 253 -23.57 -0.92 19.58
N THR C 254 -23.71 -0.51 18.31
CA THR C 254 -23.14 -1.32 17.23
C THR C 254 -21.67 -1.03 17.03
N PHE C 255 -21.26 0.24 17.15
CA PHE C 255 -19.83 0.54 17.22
C PHE C 255 -19.16 -0.16 18.40
N ASP C 256 -19.82 -0.17 19.57
CA ASP C 256 -19.26 -0.82 20.74
C ASP C 256 -19.06 -2.32 20.50
N PHE C 257 -20.02 -2.97 19.83
CA PHE C 257 -19.88 -4.37 19.47
C PHE C 257 -18.66 -4.59 18.57
N CYS C 258 -18.50 -3.74 17.55
CA CYS C 258 -17.36 -3.91 16.65
C CYS C 258 -16.05 -3.75 17.40
N GLN C 259 -15.98 -2.82 18.36
CA GLN C 259 -14.69 -2.60 18.99
C GLN C 259 -14.37 -3.69 20.02
N LYS C 260 -15.36 -4.49 20.39
CA LYS C 260 -15.11 -5.62 21.27
C LYS C 260 -14.71 -6.88 20.52
N ILE C 261 -15.09 -7.03 19.25
CA ILE C 261 -14.79 -8.24 18.51
C ILE C 261 -13.56 -8.09 17.61
N ILE C 262 -13.03 -6.88 17.45
CA ILE C 262 -12.00 -6.66 16.47
C ILE C 262 -10.70 -7.25 17.00
N GLY C 263 -9.96 -7.94 16.13
CA GLY C 263 -8.70 -8.55 16.55
C GLY C 263 -7.50 -7.63 16.37
N VAL C 264 -6.33 -8.13 16.81
CA VAL C 264 -5.07 -7.42 16.58
C VAL C 264 -4.89 -7.18 15.09
N ASP C 265 -4.54 -5.96 14.72
CA ASP C 265 -4.27 -5.51 13.35
C ASP C 265 -5.56 -5.31 12.60
N GLY C 266 -6.70 -5.51 13.22
CA GLY C 266 -7.95 -5.40 12.50
C GLY C 266 -8.40 -3.96 12.29
N THR C 267 -9.43 -3.82 11.45
CA THR C 267 -9.99 -2.52 11.11
C THR C 267 -11.50 -2.53 11.40
N VAL C 268 -11.95 -1.57 12.20
CA VAL C 268 -13.36 -1.27 12.34
C VAL C 268 -13.71 -0.25 11.26
N ALA C 269 -14.58 -0.63 10.33
CA ALA C 269 -14.91 0.23 9.20
C ALA C 269 -16.35 0.70 9.37
N ASN C 270 -16.52 1.96 9.80
CA ASN C 270 -17.87 2.50 9.99
C ASN C 270 -18.47 2.89 8.65
N CYS C 271 -19.66 2.37 8.37
CA CYS C 271 -20.46 2.68 7.20
C CYS C 271 -21.64 3.61 7.48
N GLY C 272 -22.15 3.64 8.71
CA GLY C 272 -23.39 4.31 9.02
C GLY C 272 -23.16 5.75 9.43
N VAL C 273 -24.12 6.60 9.07
CA VAL C 273 -24.20 7.92 9.68
C VAL C 273 -24.53 7.75 11.16
N HIS C 274 -23.76 8.40 12.03
CA HIS C 274 -24.10 8.45 13.45
C HIS C 274 -24.72 9.78 13.83
N GLY C 275 -25.74 9.74 14.68
CA GLY C 275 -26.38 10.94 15.17
C GLY C 275 -25.86 11.34 16.53
N LYS C 276 -25.19 10.41 17.18
CA LYS C 276 -24.61 10.60 18.51
C LYS C 276 -23.13 10.25 18.45
N PRO C 277 -22.30 10.83 19.29
CA PRO C 277 -20.94 10.31 19.45
C PRO C 277 -20.98 8.92 20.11
N VAL C 278 -19.83 8.26 20.09
CA VAL C 278 -19.71 6.91 20.63
C VAL C 278 -18.59 6.91 21.66
N GLU C 279 -18.55 5.84 22.44
CA GLU C 279 -17.53 5.60 23.45
C GLU C 279 -16.47 4.67 22.86
N PHE C 280 -15.25 5.14 22.80
CA PHE C 280 -14.14 4.45 22.13
C PHE C 280 -13.19 4.01 23.22
N ASP C 281 -13.12 2.69 23.46
CA ASP C 281 -12.45 2.16 24.64
C ASP C 281 -10.93 2.10 24.41
N LEU C 282 -10.31 3.27 24.38
CA LEU C 282 -8.87 3.34 24.21
C LEU C 282 -8.10 2.74 25.39
N ASP C 283 -8.72 2.71 26.57
CA ASP C 283 -8.13 2.00 27.70
C ASP C 283 -7.82 0.55 27.37
N LYS C 284 -8.67 -0.10 26.58
CA LYS C 284 -8.44 -1.47 26.13
C LYS C 284 -7.76 -1.53 24.78
N LEU C 285 -8.10 -0.60 23.88
CA LEU C 285 -7.73 -0.78 22.49
C LEU C 285 -6.41 -0.13 22.12
N TRP C 286 -5.86 0.76 22.96
CA TRP C 286 -4.59 1.40 22.60
C TRP C 286 -3.51 0.34 22.36
N ILE C 287 -3.60 -0.79 23.08
CA ILE C 287 -2.57 -1.83 23.00
C ILE C 287 -2.81 -2.80 21.85
N ARG C 288 -3.99 -2.78 21.25
CA ARG C 288 -4.41 -3.87 20.37
C ARG C 288 -4.04 -3.67 18.90
N ASN C 289 -3.45 -2.53 18.54
CA ASN C 289 -3.05 -2.27 17.15
C ASN C 289 -4.24 -2.32 16.20
N ILE C 290 -5.28 -1.55 16.50
CA ILE C 290 -6.48 -1.58 15.66
C ILE C 290 -6.61 -0.26 14.92
N ASN C 291 -7.43 -0.28 13.87
CA ASN C 291 -7.77 0.92 13.11
C ASN C 291 -9.27 1.11 13.10
N VAL C 292 -9.68 2.38 13.04
CA VAL C 292 -11.07 2.75 12.85
C VAL C 292 -11.09 3.70 11.66
N THR C 293 -11.88 3.35 10.63
CA THR C 293 -12.02 4.19 9.46
C THR C 293 -13.46 4.66 9.38
N THR C 294 -13.63 5.87 8.83
CA THR C 294 -14.94 6.39 8.46
C THR C 294 -14.90 6.86 7.01
N GLY C 295 -16.06 7.29 6.52
CA GLY C 295 -16.12 7.98 5.25
C GLY C 295 -17.52 8.13 4.67
N LEU C 296 -17.67 9.13 3.82
CA LEU C 296 -18.79 9.24 2.90
C LEU C 296 -18.37 8.67 1.54
N VAL C 297 -19.25 7.88 0.94
CA VAL C 297 -18.95 7.23 -0.32
C VAL C 297 -18.58 8.28 -1.39
N SER C 298 -17.60 7.95 -2.23
CA SER C 298 -17.27 8.80 -3.36
C SER C 298 -17.91 8.34 -4.67
N THR C 299 -18.27 7.05 -4.76
CA THR C 299 -18.80 6.37 -5.96
C THR C 299 -17.78 6.34 -7.11
N ASN C 300 -16.49 6.37 -6.80
CA ASN C 300 -15.50 6.16 -7.85
C ASN C 300 -15.41 4.70 -8.27
N THR C 301 -15.95 3.77 -7.48
CA THR C 301 -16.04 2.36 -7.90
C THR C 301 -17.25 2.09 -8.77
N THR C 302 -18.12 3.07 -9.02
CA THR C 302 -19.34 2.79 -9.77
C THR C 302 -19.07 2.21 -11.15
N PRO C 303 -18.05 2.65 -11.90
CA PRO C 303 -17.78 1.98 -13.19
C PRO C 303 -17.38 0.53 -13.03
N GLN C 304 -16.49 0.24 -12.07
CA GLN C 304 -16.12 -1.16 -11.82
C GLN C 304 -17.33 -1.99 -11.41
N LEU C 305 -18.23 -1.42 -10.60
CA LEU C 305 -19.39 -2.20 -10.16
C LEU C 305 -20.37 -2.41 -11.30
N LEU C 306 -20.50 -1.43 -12.19
CA LEU C 306 -21.34 -1.60 -13.38
C LEU C 306 -20.87 -2.79 -14.21
N LYS C 307 -19.56 -2.88 -14.43
CA LYS C 307 -18.98 -4.03 -15.13
C LYS C 307 -19.24 -5.32 -14.37
N ALA C 308 -19.18 -5.25 -13.04
CA ALA C 308 -19.44 -6.46 -12.26
C ALA C 308 -20.89 -6.88 -12.34
N LEU C 309 -21.81 -5.92 -12.51
CA LEU C 309 -23.20 -6.27 -12.79
C LEU C 309 -23.35 -6.91 -14.17
N GLU C 310 -22.71 -6.33 -15.19
CA GLU C 310 -22.89 -6.80 -16.56
C GLU C 310 -22.45 -8.25 -16.72
N SER C 311 -21.47 -8.68 -15.91
CA SER C 311 -20.97 -10.04 -15.95
C SER C 311 -21.64 -10.95 -14.94
N HIS C 312 -22.64 -10.45 -14.19
CA HIS C 312 -23.34 -11.21 -13.16
C HIS C 312 -22.39 -11.78 -12.10
N LYS C 313 -21.20 -11.21 -12.00
CA LYS C 313 -20.32 -11.44 -10.85
C LYS C 313 -20.98 -10.97 -9.54
N ILE C 314 -21.85 -9.96 -9.64
CA ILE C 314 -22.64 -9.45 -8.55
C ILE C 314 -24.09 -9.37 -9.02
N GLU C 315 -25.00 -9.87 -8.20
CA GLU C 315 -26.43 -9.83 -8.51
C GLU C 315 -27.17 -9.18 -7.34
N PRO C 316 -27.35 -7.86 -7.39
CA PRO C 316 -27.97 -7.14 -6.26
C PRO C 316 -29.46 -6.84 -6.44
N GLU C 317 -30.11 -7.35 -7.49
CA GLU C 317 -31.54 -7.05 -7.70
C GLU C 317 -32.38 -7.53 -6.53
N LYS C 318 -31.96 -8.60 -5.86
CA LYS C 318 -32.74 -9.12 -4.76
C LYS C 318 -32.63 -8.27 -3.51
N LEU C 319 -31.87 -7.16 -3.54
CA LEU C 319 -31.95 -6.19 -2.46
C LEU C 319 -33.27 -5.42 -2.48
N VAL C 320 -34.01 -5.47 -3.58
CA VAL C 320 -35.32 -4.85 -3.69
C VAL C 320 -36.35 -5.87 -3.26
N THR C 321 -37.13 -5.55 -2.21
CA THR C 321 -38.14 -6.46 -1.70
C THR C 321 -39.57 -5.99 -1.93
N HIS C 322 -39.77 -4.69 -2.14
CA HIS C 322 -41.11 -4.10 -2.21
C HIS C 322 -41.17 -3.07 -3.32
N TYR C 323 -42.35 -2.94 -3.93
CA TYR C 323 -42.55 -2.11 -5.13
C TYR C 323 -43.65 -1.10 -4.87
N PHE C 324 -43.39 0.17 -5.22
CA PHE C 324 -44.33 1.25 -5.00
C PHE C 324 -44.37 2.16 -6.22
N LYS C 325 -45.42 2.98 -6.26
CA LYS C 325 -45.59 4.05 -7.24
C LYS C 325 -45.22 5.40 -6.61
N LEU C 326 -44.66 6.30 -7.42
CA LEU C 326 -44.30 7.63 -6.93
C LEU C 326 -45.51 8.34 -6.35
N SER C 327 -46.63 8.32 -7.09
CA SER C 327 -47.87 8.89 -6.60
C SER C 327 -48.32 8.32 -5.27
N GLU C 328 -47.65 7.27 -4.77
CA GLU C 328 -47.96 6.71 -3.45
C GLU C 328 -46.71 6.59 -2.60
N ILE C 329 -45.78 7.55 -2.74
CA ILE C 329 -44.52 7.47 -1.99
C ILE C 329 -44.77 7.47 -0.50
N GLU C 330 -45.91 8.05 -0.07
CA GLU C 330 -46.27 8.07 1.35
C GLU C 330 -46.30 6.67 1.94
N LYS C 331 -46.93 5.73 1.24
CA LYS C 331 -46.94 4.33 1.67
C LYS C 331 -45.56 3.70 1.57
N ALA C 332 -44.73 4.13 0.62
CA ALA C 332 -43.37 3.61 0.54
C ALA C 332 -42.58 3.92 1.80
N TYR C 333 -42.63 5.18 2.24
CA TYR C 333 -42.06 5.57 3.53
C TYR C 333 -42.74 4.85 4.70
N GLU C 334 -44.05 4.64 4.61
CA GLU C 334 -44.75 3.88 5.64
C GLU C 334 -44.09 2.52 5.84
N VAL C 335 -43.86 1.79 4.73
CA VAL C 335 -43.29 0.43 4.82
C VAL C 335 -41.81 0.47 5.21
N PHE C 336 -41.06 1.44 4.69
CA PHE C 336 -39.62 1.41 4.91
C PHE C 336 -39.24 1.90 6.31
N SER C 337 -40.04 2.78 6.92
CA SER C 337 -39.77 3.18 8.30
C SER C 337 -40.05 2.05 9.29
N LYS C 338 -40.93 1.12 8.92
CA LYS C 338 -41.15 -0.10 9.69
C LYS C 338 -40.59 -1.30 8.92
N ALA C 339 -39.41 -1.12 8.33
CA ALA C 339 -38.85 -2.13 7.44
C ALA C 339 -38.68 -3.48 8.12
N ALA C 340 -38.29 -3.46 9.41
CA ALA C 340 -38.05 -4.72 10.12
C ALA C 340 -39.33 -5.55 10.26
N ASP C 341 -40.45 -4.90 10.50
CA ASP C 341 -41.72 -5.63 10.61
C ASP C 341 -42.26 -6.04 9.26
N HIS C 342 -41.81 -5.42 8.17
CA HIS C 342 -42.21 -5.81 6.83
C HIS C 342 -41.17 -6.70 6.16
N HIS C 343 -40.04 -6.93 6.82
CA HIS C 343 -38.92 -7.69 6.25
C HIS C 343 -38.43 -7.08 4.94
N ALA C 344 -38.39 -5.76 4.87
CA ALA C 344 -37.97 -5.07 3.64
C ALA C 344 -36.48 -4.74 3.65
N LYS C 346 -34.71 -2.76 0.73
CA LYS C 346 -34.88 -1.60 -0.18
C LYS C 346 -36.17 -1.69 -0.96
N VAL C 347 -36.78 -0.55 -1.18
CA VAL C 347 -38.02 -0.46 -1.94
C VAL C 347 -37.68 0.14 -3.29
N ILE C 348 -38.55 -0.09 -4.26
CA ILE C 348 -38.47 0.58 -5.56
C ILE C 348 -39.70 1.44 -5.69
N ILE C 349 -39.51 2.68 -6.14
CA ILE C 349 -40.57 3.64 -6.34
C ILE C 349 -40.54 4.04 -7.80
N GLU C 350 -41.61 3.73 -8.53
CA GLU C 350 -41.68 3.96 -9.96
C GLU C 350 -42.47 5.22 -10.28
N ASN C 351 -41.94 6.05 -11.18
CA ASN C 351 -42.63 7.26 -11.57
C ASN C 351 -43.84 6.89 -12.42
N ASP C 352 -45.03 6.95 -11.82
CA ASP C 352 -46.26 6.75 -12.56
C ASP C 352 -46.91 8.07 -12.97
N ILE C 353 -46.21 9.19 -12.82
CA ILE C 353 -46.76 10.51 -13.07
C ILE C 353 -46.25 11.07 -14.41
N SER C 354 -44.95 11.28 -14.52
CA SER C 354 -44.39 11.95 -15.68
C SER C 354 -44.65 11.17 -16.97
N GLU C 355 -44.56 11.88 -18.11
CA GLU C 355 -44.62 11.26 -19.42
C GLU C 355 -43.57 11.90 -20.33
N ALA C 356 -43.31 11.25 -21.45
CA ALA C 356 -42.26 11.68 -22.36
C ALA C 356 -42.66 12.93 -23.14
N GLY D 3 25.81 -14.67 45.43
CA GLY D 3 25.14 -14.81 44.15
C GLY D 3 23.80 -14.09 44.02
N SER D 4 23.82 -12.76 44.16
CA SER D 4 22.62 -11.94 44.08
C SER D 4 22.97 -10.63 43.38
N MET D 5 22.00 -9.71 43.32
CA MET D 5 22.17 -8.44 42.65
C MET D 5 21.19 -7.41 43.22
N LYS D 6 21.41 -6.15 42.86
CA LYS D 6 20.52 -5.05 43.21
C LYS D 6 19.54 -4.79 42.07
N ALA D 7 18.30 -4.47 42.44
CA ALA D 7 17.25 -4.27 41.47
C ALA D 7 16.22 -3.32 42.05
N TYR D 8 15.64 -2.50 41.18
CA TYR D 8 14.55 -1.59 41.56
C TYR D 8 13.23 -2.30 41.28
N THR D 9 12.57 -2.72 42.35
CA THR D 9 11.37 -3.54 42.26
C THR D 9 10.13 -2.74 42.63
N TYR D 10 9.03 -3.08 41.97
CA TYR D 10 7.71 -2.60 42.34
C TYR D 10 7.21 -3.37 43.57
N VAL D 11 6.78 -2.64 44.60
CA VAL D 11 6.33 -3.29 45.82
C VAL D 11 4.81 -3.28 45.88
N LYS D 12 4.21 -2.08 45.83
CA LYS D 12 2.76 -1.89 45.93
C LYS D 12 2.42 -0.47 45.51
N PRO D 13 1.13 -0.11 45.27
CA PRO D 13 0.80 1.25 44.83
C PRO D 13 1.50 2.33 45.66
N GLY D 14 2.27 3.17 44.97
CA GLY D 14 3.02 4.25 45.61
C GLY D 14 4.33 3.85 46.23
N LEU D 15 4.82 2.63 45.99
CA LEU D 15 6.01 2.13 46.68
C LEU D 15 6.86 1.31 45.73
N ALA D 16 8.10 1.75 45.49
CA ALA D 16 9.11 0.94 44.84
C ALA D 16 10.42 1.17 45.57
N SER D 17 11.27 0.15 45.61
CA SER D 17 12.48 0.29 46.41
C SER D 17 13.64 -0.48 45.81
N PHE D 18 14.84 0.06 46.02
CA PHE D 18 16.08 -0.59 45.64
C PHE D 18 16.40 -1.69 46.64
N VAL D 19 16.50 -2.93 46.16
CA VAL D 19 16.68 -4.09 47.02
C VAL D 19 17.64 -5.07 46.35
N ASP D 20 18.01 -6.09 47.12
CA ASP D 20 18.84 -7.19 46.65
C ASP D 20 17.93 -8.35 46.28
N VAL D 21 18.18 -8.95 45.11
CA VAL D 21 17.37 -10.04 44.59
C VAL D 21 18.31 -11.07 43.98
N ASP D 22 17.75 -12.22 43.62
CA ASP D 22 18.55 -13.28 43.00
C ASP D 22 19.02 -12.85 41.61
N LYS D 23 20.24 -13.26 41.28
CA LYS D 23 20.74 -13.05 39.94
C LYS D 23 19.98 -13.95 38.97
N PRO D 24 19.47 -13.42 37.85
CA PRO D 24 18.73 -14.28 36.93
C PRO D 24 19.65 -15.25 36.21
N VAL D 25 19.09 -16.43 35.91
CA VAL D 25 19.82 -17.50 35.24
C VAL D 25 19.02 -17.96 34.03
N ILE D 26 19.71 -18.63 33.11
CA ILE D 26 19.06 -19.15 31.91
C ILE D 26 17.96 -20.11 32.32
N ARG D 27 16.77 -19.92 31.76
CA ARG D 27 15.67 -20.84 31.97
C ARG D 27 15.30 -21.62 30.73
N LYS D 28 15.43 -21.01 29.55
CA LYS D 28 15.16 -21.66 28.28
C LYS D 28 16.39 -21.55 27.40
N PRO D 29 16.61 -22.50 26.49
CA PRO D 29 17.79 -22.44 25.63
C PRO D 29 17.86 -21.19 24.78
N THR D 30 16.77 -20.42 24.73
CA THR D 30 16.73 -19.21 23.95
C THR D 30 16.86 -18.04 24.91
N ALA D 32 19.00 -15.76 26.97
CA ALA D 32 20.26 -15.09 27.32
C ALA D 32 20.23 -14.22 28.58
N ILE D 33 21.40 -14.06 29.20
CA ILE D 33 21.63 -13.16 30.32
C ILE D 33 22.50 -11.99 29.82
N VAL D 34 22.03 -10.77 30.04
CA VAL D 34 22.77 -9.57 29.68
C VAL D 34 23.07 -8.78 30.96
N ARG D 35 24.27 -8.21 31.03
CA ARG D 35 24.64 -7.29 32.09
C ARG D 35 24.26 -5.88 31.65
N ILE D 36 23.45 -5.19 32.46
CA ILE D 36 22.96 -3.87 32.07
C ILE D 36 24.09 -2.86 32.18
N VAL D 37 24.30 -2.08 31.12
CA VAL D 37 25.30 -1.03 31.16
C VAL D 37 24.61 0.29 31.45
N LYS D 38 23.62 0.62 30.63
CA LYS D 38 22.88 1.86 30.77
C LYS D 38 21.40 1.61 30.49
N THR D 39 20.54 2.07 31.41
CA THR D 39 19.09 2.00 31.24
C THR D 39 18.46 3.39 31.38
N THR D 40 17.13 3.47 31.34
CA THR D 40 16.43 4.75 31.50
C THR D 40 15.09 4.48 32.17
N ILE D 41 14.24 5.51 32.23
CA ILE D 41 12.89 5.42 32.79
C ILE D 41 11.89 5.79 31.73
N CYS D 42 10.76 5.08 31.70
CA CYS D 42 9.66 5.39 30.81
C CYS D 42 8.49 5.97 31.60
N GLY D 43 7.64 6.73 30.90
CA GLY D 43 6.43 7.23 31.53
C GLY D 43 5.55 6.10 32.06
N THR D 44 5.59 4.94 31.40
CA THR D 44 4.85 3.77 31.86
C THR D 44 5.36 3.26 33.21
N ASP D 45 6.67 3.38 33.46
CA ASP D 45 7.23 2.98 34.75
C ASP D 45 6.56 3.73 35.90
N LEU D 46 6.32 5.04 35.73
CA LEU D 46 5.61 5.82 36.74
C LEU D 46 4.19 5.28 36.96
N HIS D 47 3.51 4.94 35.87
CA HIS D 47 2.14 4.42 35.96
C HIS D 47 2.11 3.07 36.69
N ILE D 48 3.13 2.24 36.49
CA ILE D 48 3.22 0.98 37.22
C ILE D 48 3.34 1.24 38.72
N ILE D 49 4.19 2.20 39.10
CA ILE D 49 4.42 2.44 40.53
C ILE D 49 3.18 3.01 41.19
N LYS D 50 2.43 3.89 40.49
CA LYS D 50 1.16 4.35 41.03
C LYS D 50 0.17 3.22 41.24
N GLY D 51 0.40 2.04 40.66
CA GLY D 51 -0.54 0.96 40.77
C GLY D 51 -1.58 0.94 39.67
N ASP D 52 -1.36 1.68 38.58
CA ASP D 52 -2.26 1.70 37.44
C ASP D 52 -2.09 0.50 36.52
N VAL D 53 -1.02 -0.27 36.68
CA VAL D 53 -0.81 -1.47 35.86
C VAL D 53 -0.95 -2.66 36.79
N PRO D 54 -2.18 -3.15 37.01
CA PRO D 54 -2.38 -4.24 37.97
C PRO D 54 -1.74 -5.54 37.53
N THR D 55 -1.55 -5.73 36.22
CA THR D 55 -0.88 -6.92 35.69
C THR D 55 0.56 -7.04 36.17
N CYS D 56 1.13 -6.01 36.77
CA CYS D 56 2.49 -6.08 37.29
C CYS D 56 2.43 -6.58 38.74
N GLN D 57 2.80 -7.85 38.94
CA GLN D 57 2.83 -8.46 40.26
C GLN D 57 3.84 -7.78 41.18
N SER D 58 3.54 -7.79 42.47
CA SER D 58 4.46 -7.26 43.48
C SER D 58 5.81 -7.98 43.42
N GLY D 59 6.90 -7.22 43.44
CA GLY D 59 8.24 -7.76 43.40
C GLY D 59 8.92 -7.71 42.04
N THR D 60 8.18 -7.51 40.95
CA THR D 60 8.78 -7.44 39.64
C THR D 60 9.82 -6.32 39.56
N ILE D 61 10.91 -6.59 38.85
CA ILE D 61 11.89 -5.56 38.53
C ILE D 61 11.35 -4.69 37.40
N LEU D 62 11.45 -3.37 37.60
CA LEU D 62 10.89 -2.39 36.67
C LEU D 62 11.85 -2.12 35.51
N GLY D 63 11.30 -1.47 34.49
CA GLY D 63 12.12 -0.96 33.41
C GLY D 63 12.14 -1.88 32.21
N HIS D 64 12.01 -1.31 31.02
CA HIS D 64 12.07 -2.09 29.79
C HIS D 64 12.93 -1.42 28.71
N GLU D 65 13.96 -0.67 29.10
CA GLU D 65 14.85 -0.02 28.13
C GLU D 65 16.30 -0.17 28.59
N GLY D 66 17.21 -0.43 27.66
CA GLY D 66 18.61 -0.41 28.03
C GLY D 66 19.54 -1.04 27.00
N ILE D 67 20.83 -0.94 27.31
CA ILE D 67 21.90 -1.59 26.56
C ILE D 67 22.78 -2.32 27.56
N GLY D 68 23.57 -3.26 27.05
CA GLY D 68 24.40 -4.05 27.94
C GLY D 68 25.33 -4.98 27.20
N ILE D 69 25.91 -5.90 27.97
CA ILE D 69 26.91 -6.86 27.48
C ILE D 69 26.38 -8.27 27.73
N VAL D 70 26.42 -9.11 26.71
CA VAL D 70 25.97 -10.49 26.88
C VAL D 70 26.89 -11.20 27.87
N GLU D 71 26.29 -11.79 28.90
CA GLU D 71 26.99 -12.48 29.97
C GLU D 71 26.92 -14.00 29.83
N GLU D 72 25.87 -14.52 29.20
CA GLU D 72 25.67 -15.95 28.99
C GLU D 72 24.53 -16.11 27.99
N VAL D 73 24.59 -17.16 27.18
CA VAL D 73 23.50 -17.50 26.28
C VAL D 73 23.11 -18.94 26.53
N GLY D 74 21.89 -19.30 26.09
CA GLY D 74 21.48 -20.68 26.08
C GLY D 74 21.91 -21.42 24.81
N GLU D 75 21.64 -22.73 24.79
CA GLU D 75 22.08 -23.60 23.70
C GLU D 75 21.60 -23.09 22.33
N GLY D 76 20.33 -22.70 22.25
CA GLY D 76 19.73 -22.36 20.97
C GLY D 76 19.84 -20.90 20.54
N VAL D 77 20.82 -20.18 21.08
CA VAL D 77 21.15 -18.84 20.62
C VAL D 77 22.36 -18.96 19.71
N SER D 78 22.20 -18.66 18.42
CA SER D 78 23.30 -18.79 17.47
C SER D 78 23.89 -17.45 17.03
N ASN D 79 23.19 -16.34 17.23
CA ASN D 79 23.64 -15.06 16.72
C ASN D 79 24.22 -14.15 17.78
N PHE D 80 24.33 -14.60 19.02
CA PHE D 80 24.88 -13.78 20.08
C PHE D 80 25.75 -14.65 20.95
N LYS D 81 26.92 -14.12 21.33
CA LYS D 81 27.87 -14.82 22.18
C LYS D 81 28.24 -13.94 23.36
N LYS D 82 28.82 -14.56 24.39
CA LYS D 82 29.24 -13.81 25.57
C LYS D 82 30.22 -12.71 25.19
N GLY D 83 30.08 -11.55 25.84
CA GLY D 83 30.91 -10.40 25.55
C GLY D 83 30.35 -9.44 24.52
N ASP D 84 29.41 -9.88 23.68
CA ASP D 84 28.82 -8.98 22.69
C ASP D 84 28.12 -7.80 23.37
N LYS D 85 28.25 -6.61 22.77
CA LYS D 85 27.59 -5.41 23.26
C LYS D 85 26.29 -5.24 22.49
N VAL D 86 25.17 -5.28 23.20
CA VAL D 86 23.87 -5.39 22.55
C VAL D 86 22.92 -4.32 23.04
N LEU D 87 21.96 -3.98 22.18
CA LEU D 87 20.77 -3.24 22.53
C LEU D 87 19.62 -4.21 22.80
N ILE D 88 18.88 -3.96 23.87
CA ILE D 88 17.78 -4.85 24.28
C ILE D 88 16.47 -4.15 23.92
N SER D 89 15.76 -4.72 22.97
CA SER D 89 14.44 -4.21 22.63
C SER D 89 13.50 -4.34 23.82
N CYS D 90 12.55 -3.39 23.92
CA CYS D 90 11.55 -3.46 24.98
C CYS D 90 10.51 -4.56 24.73
N VAL D 91 10.47 -5.14 23.54
CA VAL D 91 9.53 -6.19 23.15
C VAL D 91 10.32 -7.45 22.84
N CYS D 92 9.93 -8.56 23.45
CA CYS D 92 10.52 -9.86 23.14
C CYS D 92 9.73 -10.52 22.02
N ALA D 93 10.42 -11.20 21.12
CA ALA D 93 9.79 -11.75 19.93
C ALA D 93 10.22 -13.20 19.76
N CYS D 94 9.25 -14.12 19.76
CA CYS D 94 9.61 -15.52 19.60
C CYS D 94 9.99 -15.82 18.15
N GLY D 95 9.49 -15.04 17.20
CA GLY D 95 9.85 -15.20 15.80
C GLY D 95 9.10 -16.27 15.03
N LYS D 96 8.28 -17.06 15.70
CA LYS D 96 7.65 -18.22 15.10
C LYS D 96 6.13 -18.23 15.15
N CYS D 97 5.52 -17.40 15.97
CA CYS D 97 4.10 -17.60 16.23
C CYS D 97 3.27 -16.88 15.18
N TYR D 98 1.96 -16.89 15.41
CA TYR D 98 1.00 -16.32 14.48
C TYR D 98 1.31 -14.87 14.17
N TYR D 99 1.65 -14.10 15.20
CA TYR D 99 1.84 -12.66 15.07
C TYR D 99 3.29 -12.29 14.77
N CYS D 100 4.26 -13.03 15.31
CA CYS D 100 5.65 -12.79 14.91
C CYS D 100 5.84 -12.98 13.42
N LYS D 101 5.24 -14.02 12.83
CA LYS D 101 5.34 -14.22 11.39
C LYS D 101 4.78 -13.06 10.61
N LYS D 102 4.01 -12.18 11.25
CA LYS D 102 3.47 -11.01 10.57
C LYS D 102 4.28 -9.75 10.86
N GLY D 103 5.37 -9.85 11.62
CA GLY D 103 6.08 -8.67 12.04
C GLY D 103 5.44 -7.93 13.20
N ILE D 104 4.40 -8.47 13.81
CA ILE D 104 3.72 -7.78 14.91
C ILE D 104 4.22 -8.37 16.22
N TYR D 105 5.50 -8.11 16.53
CA TYR D 105 6.12 -8.64 17.73
C TYR D 105 5.39 -8.20 19.01
N ALA D 106 4.69 -7.06 18.94
CA ALA D 106 3.93 -6.56 20.09
C ALA D 106 2.94 -7.59 20.63
N HIS D 107 2.50 -8.57 19.83
CA HIS D 107 1.50 -9.54 20.24
C HIS D 107 1.96 -10.98 20.08
N CYS D 108 3.27 -11.19 20.15
CA CYS D 108 3.82 -12.53 20.16
C CYS D 108 3.13 -13.38 21.20
N GLU D 109 2.84 -14.63 20.83
CA GLU D 109 2.01 -15.50 21.65
C GLU D 109 2.81 -16.49 22.48
N ASP D 110 4.14 -16.33 22.55
CA ASP D 110 5.02 -17.32 23.22
C ASP D 110 6.11 -16.59 23.98
N GLU D 111 5.86 -16.32 25.27
CA GLU D 111 6.66 -15.42 26.12
C GLU D 111 7.28 -14.27 25.33
N GLY D 112 6.43 -13.41 24.79
CA GLY D 112 6.86 -12.25 24.03
C GLY D 112 5.93 -11.08 24.14
N GLY D 113 6.09 -10.09 23.27
CA GLY D 113 5.41 -8.82 23.45
C GLY D 113 6.18 -7.95 24.40
N TRP D 114 5.50 -6.92 24.93
CA TRP D 114 6.09 -6.08 25.97
C TRP D 114 5.87 -6.76 27.30
N ILE D 115 6.91 -7.42 27.82
CA ILE D 115 6.81 -8.13 29.08
C ILE D 115 7.83 -7.60 30.09
N PHE D 116 9.00 -7.17 29.63
CA PHE D 116 10.02 -6.64 30.54
C PHE D 116 9.44 -5.63 31.55
N ILE D 120 7.45 -10.03 33.21
CA ILE D 120 8.72 -10.54 33.72
C ILE D 120 9.59 -9.39 34.22
N ASP D 121 10.69 -9.74 34.88
CA ASP D 121 11.59 -8.75 35.46
C ASP D 121 12.19 -7.85 34.39
N GLY D 122 12.39 -6.59 34.75
CA GLY D 122 12.83 -5.56 33.83
C GLY D 122 14.31 -5.24 33.92
N MET D 123 14.69 -4.14 33.28
CA MET D 123 16.09 -3.82 33.02
C MET D 123 16.69 -2.85 34.03
N GLN D 124 15.95 -2.45 35.06
CA GLN D 124 16.49 -1.55 36.08
C GLN D 124 17.12 -2.36 37.22
N ALA D 125 18.07 -3.19 36.81
CA ALA D 125 18.77 -4.12 37.68
C ALA D 125 20.19 -4.29 37.14
N GLU D 126 21.00 -5.06 37.87
CA GLU D 126 22.36 -5.32 37.42
C GLU D 126 22.39 -6.21 36.19
N TYR D 127 21.63 -7.31 36.21
CA TYR D 127 21.57 -8.24 35.11
C TYR D 127 20.12 -8.45 34.69
N LEU D 128 19.95 -8.96 33.48
CA LEU D 128 18.63 -9.14 32.89
C LEU D 128 18.55 -10.48 32.18
N ARG D 129 17.50 -11.24 32.50
CA ARG D 129 17.11 -12.40 31.70
C ARG D 129 16.34 -11.92 30.48
N VAL D 130 16.90 -12.20 29.29
CA VAL D 130 16.33 -11.81 27.99
C VAL D 130 15.76 -13.04 27.27
N PRO D 131 14.44 -13.22 27.23
CA PRO D 131 13.88 -14.30 26.41
C PRO D 131 14.07 -14.01 24.93
N HIS D 132 14.22 -15.09 24.16
CA HIS D 132 14.30 -15.04 22.68
C HIS D 132 15.42 -14.09 22.23
N ALA D 133 16.61 -14.29 22.79
CA ALA D 133 17.70 -13.34 22.55
C ALA D 133 17.95 -13.07 21.07
N ASP D 134 17.93 -14.12 20.24
CA ASP D 134 18.21 -13.96 18.81
C ASP D 134 17.29 -12.93 18.16
N ASN D 135 16.07 -12.76 18.67
CA ASN D 135 15.12 -11.82 18.08
C ASN D 135 14.89 -10.55 18.90
N THR D 136 15.44 -10.49 20.11
CA THR D 136 15.23 -9.38 21.04
C THR D 136 16.46 -8.50 21.21
N LEU D 137 17.65 -9.05 20.98
CA LEU D 137 18.88 -8.27 21.04
C LEU D 137 19.29 -7.82 19.64
N TYR D 138 20.11 -6.78 19.62
CA TYR D 138 20.68 -6.20 18.42
C TYR D 138 22.12 -5.83 18.72
N HIS D 139 23.01 -6.11 17.77
CA HIS D 139 24.41 -5.70 17.89
C HIS D 139 24.52 -4.19 17.76
N THR D 140 25.37 -3.60 18.58
CA THR D 140 25.52 -2.15 18.56
C THR D 140 26.81 -1.78 17.85
N PRO D 141 26.76 -0.91 16.84
CA PRO D 141 28.01 -0.35 16.33
C PRO D 141 28.74 0.46 17.39
N GLU D 142 29.89 1.02 17.03
CA GLU D 142 30.60 1.96 17.89
C GLU D 142 30.62 3.35 17.28
N ASP D 143 29.92 3.53 16.16
CA ASP D 143 29.73 4.85 15.57
C ASP D 143 28.62 5.63 16.27
N LEU D 144 27.61 4.95 16.78
CA LEU D 144 26.54 5.61 17.54
C LEU D 144 26.83 5.57 19.04
N SER D 145 26.48 6.64 19.73
CA SER D 145 26.68 6.74 21.17
C SER D 145 25.65 5.90 21.92
N ASP D 146 25.91 5.70 23.22
CA ASP D 146 25.05 4.87 24.05
C ASP D 146 23.71 5.54 24.33
N GLU D 147 23.74 6.81 24.76
CA GLU D 147 22.50 7.53 25.07
C GLU D 147 21.53 7.47 23.91
N ALA D 148 22.05 7.53 22.69
CA ALA D 148 21.21 7.33 21.51
C ALA D 148 20.67 5.89 21.46
N LEU D 149 21.54 4.91 21.72
CA LEU D 149 21.13 3.52 21.56
C LEU D 149 20.02 3.16 22.52
N VAL D 150 20.13 3.62 23.78
CA VAL D 150 19.07 3.40 24.76
C VAL D 150 17.74 3.93 24.24
N MET D 151 17.77 5.04 23.48
CA MET D 151 16.53 5.59 22.94
C MET D 151 15.89 4.69 21.88
N LEU D 152 16.62 3.70 21.38
CA LEU D 152 16.09 2.74 20.41
C LEU D 152 15.37 1.59 21.10
N LEU D 156 11.90 5.75 20.54
CA LEU D 156 12.15 6.04 19.11
C LEU D 156 11.33 5.15 18.18
N PRO D 157 11.44 3.82 18.32
CA PRO D 157 10.58 2.99 17.48
C PRO D 157 9.10 3.16 17.83
N THR D 158 8.78 3.53 19.08
CA THR D 158 7.40 3.85 19.41
C THR D 158 6.90 5.06 18.63
N GLY D 159 7.63 6.17 18.67
CA GLY D 159 7.23 7.34 17.89
C GLY D 159 7.18 7.07 16.40
N TYR D 160 8.12 6.26 15.90
CA TYR D 160 8.17 5.99 14.47
C TYR D 160 7.05 5.05 14.03
N GLU D 161 6.96 3.87 14.67
CA GLU D 161 6.02 2.86 14.19
C GLU D 161 4.58 3.24 14.48
N ILE D 162 4.31 3.75 15.68
CA ILE D 162 2.93 3.95 16.08
C ILE D 162 2.45 5.35 15.69
N GLY D 163 3.34 6.34 15.70
CA GLY D 163 2.96 7.69 15.33
C GLY D 163 3.15 7.94 13.84
N VAL D 164 4.40 7.86 13.38
CA VAL D 164 4.76 8.28 12.02
C VAL D 164 4.21 7.32 10.98
N LEU D 165 4.53 6.02 11.10
CA LEU D 165 4.14 5.07 10.06
C LEU D 165 2.63 4.84 10.05
N LYS D 166 2.04 4.58 11.22
CA LYS D 166 0.58 4.44 11.25
C LYS D 166 -0.12 5.75 10.90
N GLY D 167 0.49 6.90 11.22
CA GLY D 167 -0.07 8.16 10.78
C GLY D 167 0.05 8.42 9.29
N LYS D 168 0.90 7.67 8.57
CA LYS D 168 1.10 7.86 7.12
C LYS D 168 1.59 9.28 6.81
N VAL D 169 2.59 9.72 7.55
CA VAL D 169 3.31 10.93 7.23
C VAL D 169 3.93 10.80 5.85
N GLU D 170 3.71 11.78 4.99
CA GLU D 170 4.27 11.73 3.65
C GLU D 170 4.79 13.12 3.27
N PRO D 171 5.65 13.20 2.25
CA PRO D 171 6.24 14.51 1.89
C PRO D 171 5.19 15.58 1.61
N GLY D 172 5.41 16.75 2.18
CA GLY D 172 4.53 17.89 1.98
C GLY D 172 3.22 17.88 2.76
N CYS D 173 3.00 16.89 3.62
CA CYS D 173 1.75 16.89 4.37
C CYS D 173 1.90 17.73 5.63
N SER D 174 0.77 18.01 6.27
CA SER D 174 0.74 18.79 7.51
C SER D 174 0.50 17.86 8.70
N VAL D 175 1.36 17.97 9.72
CA VAL D 175 1.35 17.08 10.87
C VAL D 175 1.24 17.92 12.13
N ALA D 176 0.35 17.52 13.04
CA ALA D 176 0.30 18.02 14.41
C ALA D 176 0.68 16.91 15.36
N ILE D 177 1.52 17.23 16.32
CA ILE D 177 1.89 16.28 17.35
C ILE D 177 1.39 16.86 18.67
N ILE D 178 0.44 16.19 19.29
CA ILE D 178 -0.18 16.68 20.51
C ILE D 178 0.59 16.07 21.67
N GLY D 179 1.36 16.90 22.36
CA GLY D 179 2.16 16.42 23.46
C GLY D 179 3.64 16.42 23.14
N SER D 180 4.40 17.25 23.85
CA SER D 180 5.80 17.47 23.53
C SER D 180 6.72 16.89 24.60
N GLY D 181 6.28 15.83 25.28
CA GLY D 181 7.14 15.04 26.12
C GLY D 181 7.93 14.04 25.30
N PRO D 182 8.65 13.12 25.98
CA PRO D 182 9.60 12.24 25.28
C PRO D 182 9.05 11.50 24.08
N VAL D 183 7.83 10.97 24.14
CA VAL D 183 7.32 10.20 23.01
C VAL D 183 6.96 11.13 21.86
N GLY D 184 6.34 12.28 22.16
CA GLY D 184 6.08 13.27 21.13
C GLY D 184 7.35 13.73 20.44
N LEU D 185 8.43 13.93 21.21
CA LEU D 185 9.68 14.38 20.62
C LEU D 185 10.31 13.30 19.75
N ALA D 186 10.18 12.02 20.14
CA ALA D 186 10.67 10.94 19.27
C ALA D 186 9.89 10.87 17.97
N ALA D 187 8.57 11.08 18.03
CA ALA D 187 7.76 11.14 16.81
C ALA D 187 8.14 12.33 15.96
N LEU D 188 8.44 13.47 16.59
CA LEU D 188 8.90 14.64 15.85
C LEU D 188 10.20 14.34 15.12
N LEU D 189 11.16 13.71 15.81
CA LEU D 189 12.42 13.38 15.15
C LEU D 189 12.18 12.51 13.91
N THR D 190 11.51 11.37 14.06
CA THR D 190 11.45 10.47 12.91
C THR D 190 10.41 10.88 11.87
N ALA D 191 9.47 11.78 12.20
CA ALA D 191 8.57 12.28 11.17
C ALA D 191 9.34 13.01 10.08
N GLN D 192 10.47 13.61 10.45
CA GLN D 192 11.26 14.34 9.49
C GLN D 192 11.90 13.43 8.44
N PHE D 193 11.84 12.11 8.63
CA PHE D 193 12.26 11.20 7.57
C PHE D 193 11.39 11.33 6.34
N TYR D 194 10.19 11.89 6.47
CA TYR D 194 9.26 11.97 5.36
C TYR D 194 8.97 13.41 4.91
N SER D 195 9.72 14.38 5.42
CA SER D 195 9.66 15.77 4.96
C SER D 195 8.24 16.36 4.86
N PRO D 196 7.45 16.30 5.92
CA PRO D 196 6.16 17.01 5.90
C PRO D 196 6.39 18.50 5.73
N ALA D 197 5.41 19.18 5.12
CA ALA D 197 5.51 20.64 4.97
C ALA D 197 5.41 21.34 6.32
N LYS D 198 4.52 20.87 7.20
CA LYS D 198 4.33 21.48 8.52
C LYS D 198 4.43 20.42 9.61
N LEU D 199 5.14 20.74 10.69
CA LEU D 199 5.17 19.94 11.91
C LEU D 199 4.73 20.82 13.07
N ILE D 200 3.46 20.77 13.43
CA ILE D 200 2.92 21.63 14.48
C ILE D 200 3.00 20.88 15.81
N MET D 201 3.84 21.35 16.72
CA MET D 201 3.88 20.76 18.05
C MET D 201 2.89 21.48 18.96
N VAL D 202 2.09 20.71 19.68
CA VAL D 202 1.04 21.25 20.54
C VAL D 202 1.29 20.80 21.96
N ASP D 203 1.29 21.75 22.90
CA ASP D 203 1.45 21.40 24.31
C ASP D 203 1.11 22.60 25.19
N LEU D 204 1.13 22.35 26.51
CA LEU D 204 0.87 23.37 27.53
C LEU D 204 2.13 24.00 28.09
N ASP D 205 3.28 23.30 28.00
CA ASP D 205 4.54 23.75 28.57
C ASP D 205 5.37 24.41 27.46
N ASP D 206 5.51 25.74 27.55
CA ASP D 206 6.26 26.45 26.52
C ASP D 206 7.74 26.05 26.49
N ASN D 207 8.30 25.59 27.63
CA ASN D 207 9.66 25.05 27.60
C ASN D 207 9.78 23.88 26.66
N ARG D 208 8.75 23.02 26.66
CA ARG D 208 8.82 21.84 25.81
C ARG D 208 8.59 22.22 24.35
N LEU D 209 7.75 23.22 24.11
CA LEU D 209 7.53 23.68 22.75
C LEU D 209 8.78 24.32 22.16
N GLU D 210 9.53 25.05 22.99
CA GLU D 210 10.82 25.60 22.56
C GLU D 210 11.79 24.48 22.22
N THR D 211 11.85 23.45 23.06
CA THR D 211 12.64 22.26 22.76
C THR D 211 12.20 21.65 21.43
N ALA D 212 10.89 21.51 21.22
CA ALA D 212 10.38 20.97 19.98
C ALA D 212 10.80 21.80 18.76
N LEU D 213 10.79 23.13 18.89
CA LEU D 213 11.27 23.97 17.80
C LEU D 213 12.73 23.67 17.48
N SER D 214 13.58 23.61 18.51
CA SER D 214 14.99 23.29 18.30
C SER D 214 15.20 21.91 17.68
N PHE D 215 14.23 20.99 17.80
CA PHE D 215 14.34 19.67 17.21
C PHE D 215 13.81 19.61 15.78
N GLY D 216 13.22 20.69 15.28
CA GLY D 216 12.75 20.74 13.92
C GLY D 216 11.27 20.92 13.74
N ALA D 217 10.46 21.08 14.79
CA ALA D 217 9.08 21.47 14.57
C ALA D 217 9.05 22.80 13.83
N THR D 218 8.08 22.97 12.93
CA THR D 218 8.00 24.22 12.18
C THR D 218 7.12 25.27 12.86
N HIS D 219 6.26 24.86 13.80
CA HIS D 219 5.38 25.76 14.52
C HIS D 219 5.11 25.18 15.92
N LYS D 220 4.84 26.06 16.87
CA LYS D 220 4.43 25.66 18.20
C LYS D 220 3.06 26.28 18.49
N VAL D 221 2.18 25.49 19.11
CA VAL D 221 0.83 25.94 19.41
C VAL D 221 0.56 25.60 20.86
N ASN D 222 0.43 26.62 21.70
CA ASN D 222 0.07 26.37 23.09
C ASN D 222 -1.42 26.02 23.17
N SER D 223 -1.75 24.98 23.93
CA SER D 223 -3.14 24.53 24.05
C SER D 223 -3.78 24.86 25.39
N SER D 224 -3.27 25.86 26.12
CA SER D 224 -3.94 26.27 27.36
C SER D 224 -5.41 26.59 27.14
N ASP D 225 -5.72 27.25 26.02
CA ASP D 225 -7.09 27.44 25.56
C ASP D 225 -7.32 26.59 24.33
N PRO D 226 -8.01 25.43 24.45
CA PRO D 226 -8.12 24.52 23.31
C PRO D 226 -8.80 25.13 22.09
N GLU D 227 -9.87 25.92 22.30
CA GLU D 227 -10.59 26.49 21.16
C GLU D 227 -9.74 27.49 20.39
N LYS D 228 -8.97 28.32 21.10
CA LYS D 228 -8.03 29.19 20.40
C LYS D 228 -6.98 28.38 19.66
N ALA D 229 -6.47 27.34 20.31
CA ALA D 229 -5.45 26.50 19.69
C ALA D 229 -6.01 25.75 18.49
N ILE D 230 -7.22 25.19 18.61
CA ILE D 230 -7.85 24.54 17.46
C ILE D 230 -8.00 25.52 16.31
N LYS D 231 -8.44 26.75 16.59
CA LYS D 231 -8.63 27.73 15.53
C LYS D 231 -7.30 28.10 14.88
N GLU D 232 -6.25 28.24 15.69
CA GLU D 232 -4.95 28.58 15.16
C GLU D 232 -4.44 27.49 14.20
N ILE D 233 -4.72 26.22 14.51
CA ILE D 233 -4.27 25.16 13.62
C ILE D 233 -5.02 25.19 12.30
N TYR D 234 -6.33 25.49 12.34
CA TYR D 234 -7.07 25.61 11.09
C TYR D 234 -6.56 26.77 10.26
N ASP D 235 -6.18 27.88 10.91
CA ASP D 235 -5.55 28.99 10.19
C ASP D 235 -4.30 28.53 9.47
N LEU D 236 -3.41 27.83 10.18
CA LEU D 236 -2.16 27.34 9.59
C LEU D 236 -2.39 26.35 8.46
N THR D 237 -3.56 25.73 8.36
CA THR D 237 -3.81 24.72 7.35
C THR D 237 -4.89 25.12 6.36
N ASP D 238 -5.13 26.43 6.20
CA ASP D 238 -6.07 26.97 5.22
C ASP D 238 -7.50 26.47 5.46
N GLY D 239 -7.84 26.23 6.72
CA GLY D 239 -9.17 25.79 7.03
C GLY D 239 -9.46 24.33 6.73
N ARG D 240 -8.43 23.53 6.39
CA ARG D 240 -8.60 22.12 6.05
C ARG D 240 -8.30 21.16 7.20
N GLY D 241 -7.56 21.59 8.22
CA GLY D 241 -7.10 20.70 9.25
C GLY D 241 -5.82 20.02 8.84
N VAL D 242 -5.31 19.17 9.71
CA VAL D 242 -4.05 18.48 9.48
C VAL D 242 -4.30 17.13 8.84
N ASP D 243 -3.30 16.65 8.09
CA ASP D 243 -3.37 15.32 7.51
C ASP D 243 -3.05 14.24 8.53
N VAL D 244 -2.17 14.53 9.49
CA VAL D 244 -1.76 13.61 10.52
C VAL D 244 -1.83 14.34 11.85
N ALA D 245 -2.50 13.74 12.84
CA ALA D 245 -2.49 14.18 14.23
C ALA D 245 -1.99 13.03 15.10
N ILE D 246 -0.81 13.20 15.70
CA ILE D 246 -0.18 12.15 16.51
C ILE D 246 -0.48 12.46 17.98
N GLU D 247 -1.25 11.59 18.62
CA GLU D 247 -1.64 11.78 20.02
C GLU D 247 -0.60 11.11 20.90
N ALA D 248 0.23 11.91 21.58
CA ALA D 248 1.34 11.35 22.34
C ALA D 248 1.27 11.67 23.83
N VAL D 249 0.06 11.74 24.39
CA VAL D 249 -0.14 12.02 25.81
C VAL D 249 -0.95 10.91 26.49
N GLY D 250 -2.12 10.57 25.94
CA GLY D 250 -2.89 9.44 26.44
C GLY D 250 -3.96 9.79 27.46
N ILE D 251 -4.64 10.92 27.26
CA ILE D 251 -5.78 11.31 28.10
C ILE D 251 -6.92 11.76 27.19
N PRO D 252 -8.15 11.82 27.73
CA PRO D 252 -9.29 12.21 26.88
C PRO D 252 -9.14 13.56 26.19
N ALA D 253 -8.55 14.56 26.85
CA ALA D 253 -8.54 15.90 26.27
C ALA D 253 -7.62 15.98 25.06
N THR D 254 -6.51 15.25 25.08
CA THR D 254 -5.60 15.29 23.93
C THR D 254 -6.12 14.49 22.75
N PHE D 255 -6.81 13.37 23.01
CA PHE D 255 -7.48 12.70 21.90
C PHE D 255 -8.61 13.55 21.34
N ASP D 256 -9.33 14.25 22.21
CA ASP D 256 -10.40 15.13 21.72
C ASP D 256 -9.83 16.27 20.88
N PHE D 257 -8.69 16.81 21.28
CA PHE D 257 -8.03 17.83 20.45
C PHE D 257 -7.69 17.27 19.07
N CYS D 258 -7.11 16.07 19.00
CA CYS D 258 -6.74 15.49 17.70
C CYS D 258 -7.96 15.36 16.79
N GLN D 259 -9.07 14.84 17.32
CA GLN D 259 -10.22 14.57 16.47
C GLN D 259 -10.89 15.87 16.00
N LYS D 260 -10.61 16.98 16.67
CA LYS D 260 -11.17 18.26 16.26
C LYS D 260 -10.30 19.00 15.25
N ILE D 261 -9.04 18.61 15.06
CA ILE D 261 -8.19 19.27 14.07
C ILE D 261 -7.91 18.41 12.85
N ILE D 262 -8.29 17.14 12.86
CA ILE D 262 -7.95 16.24 11.76
C ILE D 262 -8.74 16.63 10.52
N GLY D 263 -8.07 16.64 9.37
CA GLY D 263 -8.73 17.04 8.15
C GLY D 263 -9.29 15.87 7.38
N VAL D 264 -9.96 16.18 6.27
CA VAL D 264 -10.48 15.15 5.38
C VAL D 264 -9.33 14.24 4.97
N ASP D 265 -9.58 12.92 5.04
CA ASP D 265 -8.65 11.86 4.66
C ASP D 265 -7.47 11.74 5.63
N GLY D 266 -7.52 12.42 6.76
CA GLY D 266 -6.42 12.39 7.69
C GLY D 266 -6.45 11.19 8.60
N THR D 267 -5.36 11.04 9.36
CA THR D 267 -5.21 9.94 10.29
C THR D 267 -4.83 10.51 11.66
N VAL D 268 -5.62 10.15 12.67
CA VAL D 268 -5.27 10.37 14.07
C VAL D 268 -4.53 9.13 14.55
N ALA D 269 -3.25 9.28 14.86
CA ALA D 269 -2.40 8.16 15.26
C ALA D 269 -2.16 8.24 16.76
N ASN D 270 -2.79 7.34 17.51
CA ASN D 270 -2.69 7.34 18.97
C ASN D 270 -1.44 6.56 19.40
N CYS D 271 -0.56 7.22 20.14
CA CYS D 271 0.58 6.56 20.77
C CYS D 271 0.44 6.43 22.29
N GLY D 272 -0.20 7.40 22.92
CA GLY D 272 -0.26 7.40 24.37
C GLY D 272 -0.98 6.17 24.90
N VAL D 273 -0.54 5.73 26.07
CA VAL D 273 -1.27 4.75 26.84
C VAL D 273 -2.46 5.44 27.50
N HIS D 274 -3.68 4.98 27.22
CA HIS D 274 -4.88 5.57 27.82
C HIS D 274 -5.39 4.72 28.98
N GLY D 275 -6.04 5.38 29.94
CA GLY D 275 -6.58 4.74 31.12
C GLY D 275 -8.10 4.75 31.22
N LYS D 276 -8.74 5.59 30.42
CA LYS D 276 -10.19 5.68 30.36
C LYS D 276 -10.60 5.63 28.91
N PRO D 277 -11.80 5.14 28.61
CA PRO D 277 -12.37 5.35 27.28
C PRO D 277 -12.48 6.84 26.96
N VAL D 278 -12.67 7.14 25.67
CA VAL D 278 -12.80 8.53 25.20
C VAL D 278 -14.08 8.65 24.41
N GLU D 279 -14.57 9.89 24.30
CA GLU D 279 -15.70 10.18 23.43
C GLU D 279 -15.19 10.43 22.02
N PHE D 280 -15.75 9.71 21.06
CA PHE D 280 -15.29 9.72 19.68
C PHE D 280 -16.43 10.32 18.86
N ASP D 281 -16.15 11.45 18.20
CA ASP D 281 -17.21 12.27 17.60
C ASP D 281 -17.70 11.73 16.26
N LEU D 282 -18.00 10.43 16.19
CA LEU D 282 -18.50 9.83 14.96
C LEU D 282 -19.69 10.57 14.36
N ASP D 283 -20.44 11.33 15.15
CA ASP D 283 -21.55 12.07 14.59
C ASP D 283 -21.07 13.21 13.70
N LYS D 284 -19.91 13.79 14.02
CA LYS D 284 -19.29 14.77 13.15
C LYS D 284 -18.33 14.13 12.15
N LEU D 285 -17.71 13.01 12.51
CA LEU D 285 -16.57 12.51 11.78
C LEU D 285 -16.90 11.35 10.82
N TRP D 286 -18.10 10.78 10.90
CA TRP D 286 -18.43 9.70 9.98
C TRP D 286 -18.34 10.18 8.54
N ILE D 287 -18.56 11.47 8.30
CA ILE D 287 -18.60 12.01 6.95
C ILE D 287 -17.22 12.48 6.46
N ARG D 288 -16.23 12.55 7.34
CA ARG D 288 -14.99 13.27 7.05
C ARG D 288 -13.89 12.39 6.47
N ASN D 289 -14.13 11.08 6.31
CA ASN D 289 -13.16 10.14 5.76
C ASN D 289 -11.85 10.15 6.54
N ILE D 290 -11.94 9.95 7.85
CA ILE D 290 -10.75 9.98 8.68
C ILE D 290 -10.43 8.57 9.17
N ASN D 291 -9.22 8.38 9.66
CA ASN D 291 -8.79 7.12 10.27
C ASN D 291 -8.28 7.38 11.68
N VAL D 292 -8.51 6.43 12.56
CA VAL D 292 -7.88 6.47 13.87
C VAL D 292 -7.16 5.16 14.03
N THR D 293 -5.87 5.22 14.33
CA THR D 293 -5.08 4.02 14.50
C THR D 293 -4.60 3.98 15.94
N THR D 294 -4.34 2.78 16.44
CA THR D 294 -3.72 2.59 17.75
C THR D 294 -2.56 1.61 17.60
N GLY D 295 -1.80 1.46 18.68
CA GLY D 295 -0.87 0.36 18.67
C GLY D 295 0.13 0.34 19.80
N LEU D 296 0.57 -0.87 20.11
CA LEU D 296 1.75 -1.11 20.90
C LEU D 296 2.94 -1.32 19.97
N VAL D 297 4.08 -0.74 20.34
CA VAL D 297 5.27 -0.81 19.51
C VAL D 297 5.73 -2.26 19.35
N SER D 298 6.25 -2.60 18.17
CA SER D 298 6.81 -3.92 17.90
C SER D 298 8.32 -3.93 17.84
N THR D 299 8.94 -2.81 17.48
CA THR D 299 10.38 -2.63 17.32
C THR D 299 10.93 -3.40 16.10
N ASN D 300 10.05 -3.79 15.17
CA ASN D 300 10.48 -4.35 13.90
C ASN D 300 11.21 -3.32 13.02
N THR D 301 11.06 -2.01 13.27
CA THR D 301 11.84 -1.02 12.55
C THR D 301 13.18 -0.74 13.18
N THR D 302 13.54 -1.43 14.26
CA THR D 302 14.83 -1.16 14.87
C THR D 302 16.01 -1.43 13.94
N PRO D 303 16.00 -2.42 13.02
CA PRO D 303 17.09 -2.48 12.03
C PRO D 303 17.07 -1.28 11.09
N GLN D 304 15.89 -0.97 10.54
CA GLN D 304 15.80 0.20 9.67
C GLN D 304 16.06 1.49 10.42
N LEU D 305 15.86 1.52 11.75
CA LEU D 305 16.16 2.73 12.51
C LEU D 305 17.66 2.88 12.71
N LEU D 306 18.34 1.80 13.10
CA LEU D 306 19.80 1.80 13.14
C LEU D 306 20.40 2.18 11.79
N LYS D 307 19.75 1.78 10.69
CA LYS D 307 20.26 2.05 9.35
C LYS D 307 20.13 3.52 9.00
N ALA D 308 18.98 4.14 9.29
CA ALA D 308 18.77 5.56 9.05
C ALA D 308 19.41 6.45 10.12
N LEU D 309 20.10 5.87 11.10
CA LEU D 309 20.87 6.64 12.07
C LEU D 309 22.38 6.56 11.83
N GLU D 310 22.88 5.51 11.16
CA GLU D 310 24.28 5.47 10.77
C GLU D 310 24.64 6.66 9.91
N SER D 311 23.81 6.93 8.90
CA SER D 311 23.97 8.08 8.02
C SER D 311 23.82 9.39 8.77
N HIS D 312 23.65 9.31 10.09
CA HIS D 312 23.45 10.47 10.95
C HIS D 312 22.38 11.39 10.39
N LYS D 313 21.26 10.78 9.99
CA LYS D 313 20.13 11.57 9.52
C LYS D 313 19.55 12.42 10.64
N ILE D 314 19.45 11.86 11.85
CA ILE D 314 18.99 12.58 13.04
C ILE D 314 19.73 11.99 14.25
N GLU D 315 19.97 12.85 15.26
CA GLU D 315 20.70 12.51 16.47
C GLU D 315 19.73 12.34 17.63
N PRO D 316 19.34 11.11 17.99
CA PRO D 316 18.43 10.93 19.13
C PRO D 316 19.08 11.06 20.49
N GLU D 317 20.38 11.36 20.54
CA GLU D 317 21.05 11.58 21.81
C GLU D 317 20.45 12.78 22.54
N LYS D 318 19.88 13.73 21.79
CA LYS D 318 19.35 14.96 22.35
C LYS D 318 18.16 14.74 23.28
N LEU D 319 17.55 13.56 23.24
CA LEU D 319 16.46 13.24 24.16
C LEU D 319 16.94 13.06 25.60
N VAL D 320 18.25 12.92 25.82
CA VAL D 320 18.80 12.61 27.14
C VAL D 320 19.35 13.88 27.76
N THR D 321 18.85 14.23 28.95
CA THR D 321 19.15 15.50 29.60
C THR D 321 19.76 15.36 30.99
N HIS D 322 19.73 14.19 31.61
CA HIS D 322 20.23 14.02 32.98
C HIS D 322 20.85 12.63 33.10
N TYR D 323 21.82 12.51 34.01
CA TYR D 323 22.57 11.27 34.19
C TYR D 323 22.59 10.91 35.67
N PHE D 324 22.36 9.63 35.95
CA PHE D 324 22.30 9.12 37.31
C PHE D 324 23.09 7.82 37.38
N LYS D 325 23.34 7.38 38.59
CA LYS D 325 23.99 6.10 38.84
C LYS D 325 22.94 5.12 39.36
N LEU D 326 23.00 3.87 38.87
CA LEU D 326 22.01 2.87 39.26
C LEU D 326 21.83 2.79 40.77
N SER D 327 22.91 3.04 41.53
CA SER D 327 22.81 3.05 42.99
C SER D 327 21.86 4.13 43.49
N GLU D 328 21.74 5.23 42.77
CA GLU D 328 20.82 6.29 43.15
C GLU D 328 19.65 6.35 42.16
N ILE D 329 19.01 5.20 41.89
CA ILE D 329 17.99 5.20 40.85
C ILE D 329 16.71 5.89 41.34
N GLU D 330 16.40 5.83 42.63
CA GLU D 330 15.21 6.52 43.14
C GLU D 330 15.35 8.03 42.99
N LYS D 331 16.59 8.53 42.96
CA LYS D 331 16.83 9.94 42.67
C LYS D 331 16.48 10.25 41.21
N ALA D 332 16.87 9.36 40.29
CA ALA D 332 16.48 9.51 38.91
C ALA D 332 14.95 9.51 38.76
N TYR D 333 14.26 8.68 39.54
CA TYR D 333 12.80 8.66 39.47
C TYR D 333 12.21 9.98 39.97
N GLU D 334 12.77 10.52 41.05
CA GLU D 334 12.35 11.82 41.57
C GLU D 334 12.44 12.91 40.49
N VAL D 335 13.57 12.96 39.77
CA VAL D 335 13.74 13.96 38.73
C VAL D 335 12.76 13.71 37.59
N PHE D 336 12.72 12.47 37.08
CA PHE D 336 11.91 12.18 35.89
C PHE D 336 10.42 12.37 36.16
N SER D 337 9.96 12.04 37.38
CA SER D 337 8.55 12.23 37.72
C SER D 337 8.18 13.70 37.90
N LYS D 338 9.17 14.58 38.09
CA LYS D 338 8.97 16.03 38.05
C LYS D 338 9.75 16.61 36.88
N ALA D 339 9.56 16.05 35.69
CA ALA D 339 10.45 16.32 34.57
C ALA D 339 10.45 17.81 34.21
N ALA D 340 9.26 18.43 34.18
CA ALA D 340 9.15 19.83 33.78
C ALA D 340 9.83 20.76 34.77
N ASP D 341 9.83 20.39 36.06
CA ASP D 341 10.53 21.17 37.08
C ASP D 341 12.04 21.12 36.90
N HIS D 342 12.57 20.18 36.12
CA HIS D 342 14.01 20.10 35.87
C HIS D 342 14.36 20.28 34.40
N HIS D 343 13.37 20.45 33.53
CA HIS D 343 13.58 20.48 32.07
C HIS D 343 14.18 19.17 31.57
N ALA D 344 13.69 18.05 32.09
CA ALA D 344 14.22 16.73 31.73
C ALA D 344 13.56 16.12 30.48
N LYS D 346 14.24 12.62 28.86
CA LYS D 346 14.69 11.33 29.37
C LYS D 346 15.97 11.41 30.20
N VAL D 347 16.07 10.52 31.17
CA VAL D 347 17.25 10.37 32.00
C VAL D 347 18.02 9.14 31.53
N ILE D 348 19.31 9.10 31.84
CA ILE D 348 20.12 7.89 31.69
C ILE D 348 20.57 7.42 33.06
N ILE D 349 20.53 6.11 33.27
CA ILE D 349 20.98 5.47 34.49
C ILE D 349 22.04 4.45 34.12
N GLU D 350 23.23 4.59 34.69
CA GLU D 350 24.39 3.77 34.35
C GLU D 350 24.74 2.83 35.50
N ASN D 351 24.90 1.55 35.17
CA ASN D 351 25.26 0.55 36.18
C ASN D 351 26.63 0.87 36.76
N ASP D 352 26.65 1.13 38.07
CA ASP D 352 27.89 1.36 38.80
C ASP D 352 28.14 0.27 39.84
N ILE D 353 27.26 -0.72 39.97
CA ILE D 353 27.41 -1.76 40.98
C ILE D 353 28.13 -2.98 40.42
N SER D 354 27.82 -3.35 39.18
CA SER D 354 28.35 -4.57 38.58
C SER D 354 29.79 -4.40 38.14
N GLU D 355 30.60 -5.43 38.37
CA GLU D 355 32.00 -5.44 37.95
C GLU D 355 32.28 -6.32 36.76
N ALA D 356 31.45 -7.35 36.54
CA ALA D 356 31.66 -8.39 35.53
C ALA D 356 32.16 -7.86 34.19
#